data_1SK5
# 
_entry.id   1SK5 
# 
_audit_conform.dict_name       mmcif_pdbx.dic 
_audit_conform.dict_version    5.386 
_audit_conform.dict_location   http://mmcif.pdb.org/dictionaries/ascii/mmcif_pdbx.dic 
# 
loop_
_database_2.database_id 
_database_2.database_code 
_database_2.pdbx_database_accession 
_database_2.pdbx_DOI 
PDB   1SK5         pdb_00001sk5 10.2210/pdb1sk5/pdb 
NDB   BD0071       ?            ?                   
RCSB  RCSB021781   ?            ?                   
WWPDB D_1000021781 ?            ?                   
# 
loop_
_pdbx_audit_revision_history.ordinal 
_pdbx_audit_revision_history.data_content_type 
_pdbx_audit_revision_history.major_revision 
_pdbx_audit_revision_history.minor_revision 
_pdbx_audit_revision_history.revision_date 
1 'Structure model' 1 0 2005-06-21 
2 'Structure model' 1 1 2008-04-29 
3 'Structure model' 1 2 2011-07-13 
4 'Structure model' 1 3 2018-02-14 
5 'Structure model' 1 4 2024-02-14 
# 
_pdbx_audit_revision_details.ordinal             1 
_pdbx_audit_revision_details.revision_ordinal    1 
_pdbx_audit_revision_details.data_content_type   'Structure model' 
_pdbx_audit_revision_details.provider            repository 
_pdbx_audit_revision_details.type                'Initial release' 
_pdbx_audit_revision_details.description         ? 
_pdbx_audit_revision_details.details             ? 
# 
loop_
_pdbx_audit_revision_group.ordinal 
_pdbx_audit_revision_group.revision_ordinal 
_pdbx_audit_revision_group.data_content_type 
_pdbx_audit_revision_group.group 
1 2 'Structure model' 'Version format compliance' 
2 3 'Structure model' 'Version format compliance' 
3 4 'Structure model' 'Experimental preparation'  
4 5 'Structure model' 'Data collection'           
5 5 'Structure model' 'Database references'       
6 5 'Structure model' 'Derived calculations'      
# 
loop_
_pdbx_audit_revision_category.ordinal 
_pdbx_audit_revision_category.revision_ordinal 
_pdbx_audit_revision_category.data_content_type 
_pdbx_audit_revision_category.category 
1 4 'Structure model' exptl_crystal_grow     
2 5 'Structure model' chem_comp_atom         
3 5 'Structure model' chem_comp_bond         
4 5 'Structure model' database_2             
5 5 'Structure model' pdbx_struct_conn_angle 
6 5 'Structure model' struct_conn            
7 5 'Structure model' struct_site            
# 
loop_
_pdbx_audit_revision_item.ordinal 
_pdbx_audit_revision_item.revision_ordinal 
_pdbx_audit_revision_item.data_content_type 
_pdbx_audit_revision_item.item 
1  4 'Structure model' '_exptl_crystal_grow.temp'                    
2  5 'Structure model' '_database_2.pdbx_DOI'                        
3  5 'Structure model' '_database_2.pdbx_database_accession'         
4  5 'Structure model' '_pdbx_struct_conn_angle.ptnr1_auth_asym_id'  
5  5 'Structure model' '_pdbx_struct_conn_angle.ptnr1_auth_comp_id'  
6  5 'Structure model' '_pdbx_struct_conn_angle.ptnr1_auth_seq_id'   
7  5 'Structure model' '_pdbx_struct_conn_angle.ptnr1_label_alt_id'  
8  5 'Structure model' '_pdbx_struct_conn_angle.ptnr1_label_asym_id' 
9  5 'Structure model' '_pdbx_struct_conn_angle.ptnr1_label_atom_id' 
10 5 'Structure model' '_pdbx_struct_conn_angle.ptnr1_label_comp_id' 
11 5 'Structure model' '_pdbx_struct_conn_angle.ptnr1_label_seq_id'  
12 5 'Structure model' '_pdbx_struct_conn_angle.ptnr1_symmetry'      
13 5 'Structure model' '_pdbx_struct_conn_angle.ptnr2_auth_asym_id'  
14 5 'Structure model' '_pdbx_struct_conn_angle.ptnr2_auth_seq_id'   
15 5 'Structure model' '_pdbx_struct_conn_angle.ptnr2_label_alt_id'  
16 5 'Structure model' '_pdbx_struct_conn_angle.ptnr2_label_asym_id' 
17 5 'Structure model' '_pdbx_struct_conn_angle.ptnr3_auth_asym_id'  
18 5 'Structure model' '_pdbx_struct_conn_angle.ptnr3_auth_comp_id'  
19 5 'Structure model' '_pdbx_struct_conn_angle.ptnr3_auth_seq_id'   
20 5 'Structure model' '_pdbx_struct_conn_angle.ptnr3_label_alt_id'  
21 5 'Structure model' '_pdbx_struct_conn_angle.ptnr3_label_asym_id' 
22 5 'Structure model' '_pdbx_struct_conn_angle.ptnr3_label_atom_id' 
23 5 'Structure model' '_pdbx_struct_conn_angle.ptnr3_label_comp_id' 
24 5 'Structure model' '_pdbx_struct_conn_angle.ptnr3_label_seq_id'  
25 5 'Structure model' '_pdbx_struct_conn_angle.ptnr3_symmetry'      
26 5 'Structure model' '_pdbx_struct_conn_angle.value'               
27 5 'Structure model' '_struct_conn.pdbx_dist_value'                
28 5 'Structure model' '_struct_conn.pdbx_ptnr1_label_alt_id'        
29 5 'Structure model' '_struct_conn.pdbx_ptnr2_label_alt_id'        
30 5 'Structure model' '_struct_conn.ptnr1_auth_asym_id'             
31 5 'Structure model' '_struct_conn.ptnr1_auth_comp_id'             
32 5 'Structure model' '_struct_conn.ptnr1_auth_seq_id'              
33 5 'Structure model' '_struct_conn.ptnr1_label_asym_id'            
34 5 'Structure model' '_struct_conn.ptnr1_label_atom_id'            
35 5 'Structure model' '_struct_conn.ptnr1_label_comp_id'            
36 5 'Structure model' '_struct_conn.ptnr1_label_seq_id'             
37 5 'Structure model' '_struct_conn.ptnr1_symmetry'                 
38 5 'Structure model' '_struct_conn.ptnr2_auth_asym_id'             
39 5 'Structure model' '_struct_conn.ptnr2_auth_comp_id'             
40 5 'Structure model' '_struct_conn.ptnr2_auth_seq_id'              
41 5 'Structure model' '_struct_conn.ptnr2_label_asym_id'            
42 5 'Structure model' '_struct_conn.ptnr2_label_atom_id'            
43 5 'Structure model' '_struct_conn.ptnr2_label_comp_id'            
44 5 'Structure model' '_struct_conn.ptnr2_label_seq_id'             
45 5 'Structure model' '_struct_conn.ptnr2_symmetry'                 
46 5 'Structure model' '_struct_site.pdbx_auth_asym_id'              
47 5 'Structure model' '_struct_site.pdbx_auth_comp_id'              
48 5 'Structure model' '_struct_site.pdbx_auth_seq_id'               
# 
_pdbx_database_status.status_code                     REL 
_pdbx_database_status.entry_id                        1SK5 
_pdbx_database_status.recvd_initial_deposition_date   2004-03-04 
_pdbx_database_status.deposit_site                    RCSB 
_pdbx_database_status.process_site                    RCSB 
_pdbx_database_status.status_code_sf                  ? 
_pdbx_database_status.status_code_mr                  ? 
_pdbx_database_status.SG_entry                        N 
_pdbx_database_status.pdb_format_compatible           Y 
_pdbx_database_status.status_code_cs                  ? 
_pdbx_database_status.methods_development_category    ? 
_pdbx_database_status.status_code_nmr_data            ? 
# 
loop_
_audit_author.name 
_audit_author.pdbx_ordinal 
'Han, G.W.'       1 
'Langs, D.'       2 
'Kopka, M.L.'     3 
'Dickerson, R.E.' 4 
# 
loop_
_citation.id 
_citation.title 
_citation.journal_abbrev 
_citation.journal_volume 
_citation.page_first 
_citation.page_last 
_citation.year 
_citation.journal_id_ASTM 
_citation.country 
_citation.journal_id_ISSN 
_citation.journal_id_CSD 
_citation.book_publisher 
_citation.pdbx_database_id_PubMed 
_citation.pdbx_database_id_DOI 
primary 
;The ultra-high resolution structure of d(CTTTTAAAAG)2:    
modulation of bending by T-A steps and its role in DNA recognition
;
'To be Published'          ?   ?   ?   ?    ?      ?  ?         0353 ? ?        ?                         
1       'Direct-methods determination of an RNA/DNA hybrid decamer at 1.15A Resolution' 'Acta Crystallogr.,Sect.D' 57  213 218 
2001 ABCRE6 DK 0907-4449 0766 ? 11173466 10.1107/S0907444900017595 
2       
'An Unusual Sugar Conformation in the Structure of an RNA/DNA Decamer of the Polypurine Tract May Affect Recognition by Rnase H' 
J.Mol.Biol.                334 653 665 2003 JMOBAK UK 0022-2836 0070 ? 14636594 10.1016/j.jmb.2003.09.057 
3       'Structure of a DNA analog of the primer for HIV-1 RT second strand synthesis' J.Mol.Biol.                269 811 826 1997 
JMOBAK UK 0022-2836 0070 ? 9223643  10.1006/jmbi.1997.1085    
# 
loop_
_citation_author.citation_id 
_citation_author.name 
_citation_author.ordinal 
_citation_author.identifier_ORCID 
primary 'Han, G.W.'       1  ? 
primary 'Langs, D.'       2  ? 
primary 'Kopka, M.L.'     3  ? 
primary 'Dickerson, R.E.' 4  ? 
1       'Han, G.W.'       5  ? 
2       'Kopka, M.L.'     6  ? 
2       'Lavelle, L.'     7  ? 
2       'Han, G.W.'       8  ? 
2       'Ng, H.L.'        9  ? 
2       'Dickerson, R.E.' 10 ? 
3       'Han, G.W.'       11 ? 
3       'Kopka, M.L.'     12 ? 
3       'Cascio, D.'      13 ? 
3       'Grzeskowiak, K.' 14 ? 
3       'Dickerson, R.E.' 15 ? 
# 
loop_
_entity.id 
_entity.type 
_entity.src_method 
_entity.pdbx_description 
_entity.formula_weight 
_entity.pdbx_number_of_molecules 
_entity.pdbx_ec 
_entity.pdbx_mutation 
_entity.pdbx_fragment 
_entity.details 
1 polymer     syn "5'-D(*CP*TP*TP*TP*TP*AP*AP*AP*AP*G)-3'" 3043.028 2   ? ? ? ? 
2 non-polymer syn 'CALCIUM ION'                            40.078   8   ? ? ? ? 
3 water       nat water                                    18.015   156 ? ? ? ? 
# 
_entity_poly.entity_id                      1 
_entity_poly.type                           polydeoxyribonucleotide 
_entity_poly.nstd_linkage                   no 
_entity_poly.nstd_monomer                   no 
_entity_poly.pdbx_seq_one_letter_code       '(DC)(DT)(DT)(DT)(DT)(DA)(DA)(DA)(DA)(DG)' 
_entity_poly.pdbx_seq_one_letter_code_can   CTTTTAAAAG 
_entity_poly.pdbx_strand_id                 A,B 
_entity_poly.pdbx_target_identifier         ? 
# 
loop_
_pdbx_entity_nonpoly.entity_id 
_pdbx_entity_nonpoly.name 
_pdbx_entity_nonpoly.comp_id 
2 'CALCIUM ION' CA  
3 water         HOH 
# 
loop_
_entity_poly_seq.entity_id 
_entity_poly_seq.num 
_entity_poly_seq.mon_id 
_entity_poly_seq.hetero 
1 1  DC n 
1 2  DT n 
1 3  DT n 
1 4  DT n 
1 5  DT n 
1 6  DA n 
1 7  DA n 
1 8  DA n 
1 9  DA n 
1 10 DG n 
# 
_pdbx_entity_src_syn.entity_id              1 
_pdbx_entity_src_syn.pdbx_src_id            1 
_pdbx_entity_src_syn.pdbx_alt_source_flag   sample 
_pdbx_entity_src_syn.pdbx_beg_seq_num       ? 
_pdbx_entity_src_syn.pdbx_end_seq_num       ? 
_pdbx_entity_src_syn.organism_scientific    ? 
_pdbx_entity_src_syn.organism_common_name   ? 
_pdbx_entity_src_syn.ncbi_taxonomy_id       ? 
_pdbx_entity_src_syn.details                
'SYNTHESIZED BY THE SOLID-PHASE PHOSPHORAMIDATE METHOD ON AN EPPENDORF ECOSYN D300 SYNTHESIZER' 
# 
loop_
_chem_comp.id 
_chem_comp.type 
_chem_comp.mon_nstd_flag 
_chem_comp.name 
_chem_comp.pdbx_synonyms 
_chem_comp.formula 
_chem_comp.formula_weight 
CA  non-polymer   . 'CALCIUM ION'                        ? 'Ca 2'            40.078  
DA  'DNA linking' y "2'-DEOXYADENOSINE-5'-MONOPHOSPHATE" ? 'C10 H14 N5 O6 P' 331.222 
DC  'DNA linking' y "2'-DEOXYCYTIDINE-5'-MONOPHOSPHATE"  ? 'C9 H14 N3 O7 P'  307.197 
DG  'DNA linking' y "2'-DEOXYGUANOSINE-5'-MONOPHOSPHATE" ? 'C10 H14 N5 O7 P' 347.221 
DT  'DNA linking' y "THYMIDINE-5'-MONOPHOSPHATE"         ? 'C10 H15 N2 O8 P' 322.208 
HOH non-polymer   . WATER                                ? 'H2 O'            18.015  
# 
loop_
_pdbx_poly_seq_scheme.asym_id 
_pdbx_poly_seq_scheme.entity_id 
_pdbx_poly_seq_scheme.seq_id 
_pdbx_poly_seq_scheme.mon_id 
_pdbx_poly_seq_scheme.ndb_seq_num 
_pdbx_poly_seq_scheme.pdb_seq_num 
_pdbx_poly_seq_scheme.auth_seq_num 
_pdbx_poly_seq_scheme.pdb_mon_id 
_pdbx_poly_seq_scheme.auth_mon_id 
_pdbx_poly_seq_scheme.pdb_strand_id 
_pdbx_poly_seq_scheme.pdb_ins_code 
_pdbx_poly_seq_scheme.hetero 
A 1 1  DC 1  1  1  DC C A . n 
A 1 2  DT 2  2  2  DT T A . n 
A 1 3  DT 3  3  3  DT T A . n 
A 1 4  DT 4  4  4  DT T A . n 
A 1 5  DT 5  5  5  DT T A . n 
A 1 6  DA 6  6  6  DA A A . n 
A 1 7  DA 7  7  7  DA A A . n 
A 1 8  DA 8  8  8  DA A A . n 
A 1 9  DA 9  9  9  DA A A . n 
A 1 10 DG 10 10 10 DG G A . n 
B 1 1  DC 1  11 11 DC C B . n 
B 1 2  DT 2  12 12 DT T B . n 
B 1 3  DT 3  13 13 DT T B . n 
B 1 4  DT 4  14 14 DT T B . n 
B 1 5  DT 5  15 15 DT T B . n 
B 1 6  DA 6  16 16 DA A B . n 
B 1 7  DA 7  17 17 DA A B . n 
B 1 8  DA 8  18 18 DA A B . n 
B 1 9  DA 9  19 19 DA A B . n 
B 1 10 DG 10 20 20 DG G B . n 
# 
loop_
_pdbx_nonpoly_scheme.asym_id 
_pdbx_nonpoly_scheme.entity_id 
_pdbx_nonpoly_scheme.mon_id 
_pdbx_nonpoly_scheme.ndb_seq_num 
_pdbx_nonpoly_scheme.pdb_seq_num 
_pdbx_nonpoly_scheme.auth_seq_num 
_pdbx_nonpoly_scheme.pdb_mon_id 
_pdbx_nonpoly_scheme.auth_mon_id 
_pdbx_nonpoly_scheme.pdb_strand_id 
_pdbx_nonpoly_scheme.pdb_ins_code 
C 2 CA  1  301  301  CA  OC7 A . 
D 2 CA  1  305  305  CA  OC7 A . 
E 2 CA  1  306  306  CA  OC5 A . 
F 2 CA  1  307  307  CA  OC5 A . 
G 2 CA  1  308  308  CA  OC6 A . 
H 2 CA  1  304  304  CA  OC8 A . 
I 2 CA  1  302  302  CA  OC5 B . 
J 2 CA  1  303  303  CA  OC3 B . 
K 3 HOH 1  1002 1002 HOH HOH A . 
K 3 HOH 2  1004 1004 HOH HOH A . 
K 3 HOH 3  1007 1007 HOH HOH A . 
K 3 HOH 4  1009 1009 HOH HOH A . 
K 3 HOH 5  1010 1010 HOH HOH A . 
K 3 HOH 6  1012 1012 HOH HOH A . 
K 3 HOH 7  1014 1014 HOH HOH A . 
K 3 HOH 8  1018 1018 HOH HOH A . 
K 3 HOH 9  1023 1023 HOH HOH A . 
K 3 HOH 10 1026 1026 HOH HOH A . 
K 3 HOH 11 1028 1028 HOH HOH A . 
K 3 HOH 12 1029 1029 HOH HOH A . 
K 3 HOH 13 1030 1030 HOH HOH A . 
K 3 HOH 14 1031 1031 HOH HOH A . 
K 3 HOH 15 1033 1033 HOH HOH A . 
K 3 HOH 16 1036 1036 HOH HOH A . 
K 3 HOH 17 1040 1040 HOH HOH A . 
K 3 HOH 18 1041 1041 HOH HOH A . 
K 3 HOH 19 1042 1042 HOH HOH A . 
K 3 HOH 20 1048 1048 HOH HOH A . 
K 3 HOH 21 1050 1050 HOH HOH A . 
K 3 HOH 22 1051 1051 HOH HOH A . 
K 3 HOH 23 1052 1052 HOH HOH A . 
K 3 HOH 24 1053 1053 HOH HOH A . 
K 3 HOH 25 1055 1055 HOH HOH A . 
K 3 HOH 26 1058 1058 HOH HOH A . 
K 3 HOH 27 1059 1059 HOH HOH A . 
K 3 HOH 28 1060 1060 HOH HOH A . 
K 3 HOH 29 1061 1061 HOH HOH A . 
K 3 HOH 30 1065 1065 HOH HOH A . 
K 3 HOH 31 1066 1066 HOH HOH A . 
K 3 HOH 32 1068 1068 HOH HOH A . 
K 3 HOH 33 1070 1070 HOH HOH A . 
K 3 HOH 34 1071 1071 HOH HOH A . 
K 3 HOH 35 1072 1072 HOH HOH A . 
K 3 HOH 36 1076 1076 HOH HOH A . 
K 3 HOH 37 1077 1077 HOH HOH A . 
K 3 HOH 38 1080 1080 HOH HOH A . 
K 3 HOH 39 1081 1081 HOH HOH A . 
K 3 HOH 40 1083 1083 HOH HOH A . 
K 3 HOH 41 1085 1085 HOH HOH A . 
K 3 HOH 42 1088 1088 HOH HOH A . 
K 3 HOH 43 1089 1089 HOH HOH A . 
K 3 HOH 44 1091 1091 HOH HOH A . 
K 3 HOH 45 1092 1092 HOH HOH A . 
K 3 HOH 46 1103 1103 HOH HOH A . 
K 3 HOH 47 1107 1107 HOH HOH A . 
K 3 HOH 48 1108 1108 HOH HOH A . 
K 3 HOH 49 1110 1110 HOH HOH A . 
K 3 HOH 50 1115 301  HOH OC7 A . 
K 3 HOH 51 1117 301  HOH OC7 A . 
K 3 HOH 52 1127 305  HOH OC7 A . 
K 3 HOH 53 1128 305  HOH OC7 A . 
K 3 HOH 54 1129 305  HOH OC7 A . 
K 3 HOH 55 1130 305  HOH OC7 A . 
K 3 HOH 56 1131 305  HOH OC7 A . 
K 3 HOH 57 1132 305  HOH OC7 A . 
K 3 HOH 58 1133 305  HOH OC7 A . 
K 3 HOH 59 1136 306  HOH OC5 A . 
K 3 HOH 60 1137 306  HOH OC5 A . 
K 3 HOH 61 1138 306  HOH OC5 A . 
K 3 HOH 62 1139 307  HOH OC5 A . 
K 3 HOH 63 1140 307  HOH OC5 A . 
K 3 HOH 64 1141 307  HOH OC5 A . 
K 3 HOH 65 1142 307  HOH OC5 A . 
K 3 HOH 66 1143 307  HOH OC5 A . 
K 3 HOH 67 1144 308  HOH OC6 A . 
K 3 HOH 68 1145 308  HOH OC6 A . 
K 3 HOH 69 1146 308  HOH OC6 A . 
K 3 HOH 70 1147 308  HOH OC6 A . 
K 3 HOH 71 1148 308  HOH OC6 A . 
K 3 HOH 72 1149 308  HOH OC6 A . 
K 3 HOH 73 1151 304  HOH OC8 A . 
K 3 HOH 74 1152 304  HOH OC8 A . 
K 3 HOH 75 1154 304  HOH OC8 A . 
K 3 HOH 76 1155 304  HOH OC8 A . 
K 3 HOH 77 1157 304  HOH OC8 A . 
L 3 HOH 1  1003 1003 HOH HOH B . 
L 3 HOH 2  1005 1005 HOH HOH B . 
L 3 HOH 3  1006 1006 HOH HOH B . 
L 3 HOH 4  1008 1008 HOH HOH B . 
L 3 HOH 5  1011 1011 HOH HOH B . 
L 3 HOH 6  1013 1013 HOH HOH B . 
L 3 HOH 7  1015 1015 HOH HOH B . 
L 3 HOH 8  1016 1016 HOH HOH B . 
L 3 HOH 9  1017 1017 HOH HOH B . 
L 3 HOH 10 1019 1019 HOH HOH B . 
L 3 HOH 11 1020 1020 HOH HOH B . 
L 3 HOH 12 1021 1021 HOH HOH B . 
L 3 HOH 13 1022 1022 HOH HOH B . 
L 3 HOH 14 1024 1024 HOH HOH B . 
L 3 HOH 15 1025 1025 HOH HOH B . 
L 3 HOH 16 1027 1027 HOH HOH B . 
L 3 HOH 17 1032 1032 HOH HOH B . 
L 3 HOH 18 1034 1034 HOH HOH B . 
L 3 HOH 19 1035 1035 HOH HOH B . 
L 3 HOH 20 1037 1037 HOH HOH B . 
L 3 HOH 21 1038 1038 HOH HOH B . 
L 3 HOH 22 1039 1039 HOH HOH B . 
L 3 HOH 23 1043 1043 HOH HOH B . 
L 3 HOH 24 1044 1044 HOH HOH B . 
L 3 HOH 25 1045 1045 HOH HOH B . 
L 3 HOH 26 1046 1046 HOH HOH B . 
L 3 HOH 27 1047 1047 HOH HOH B . 
L 3 HOH 28 1049 1049 HOH HOH B . 
L 3 HOH 29 1054 1054 HOH HOH B . 
L 3 HOH 30 1056 1056 HOH HOH B . 
L 3 HOH 31 1057 1057 HOH HOH B . 
L 3 HOH 32 1062 1062 HOH HOH B . 
L 3 HOH 33 1063 1063 HOH HOH B . 
L 3 HOH 34 1064 1064 HOH HOH B . 
L 3 HOH 35 1067 1067 HOH HOH B . 
L 3 HOH 36 1069 1069 HOH HOH B . 
L 3 HOH 37 1073 1073 HOH HOH B . 
L 3 HOH 38 1074 1074 HOH HOH B . 
L 3 HOH 39 1075 1075 HOH HOH B . 
L 3 HOH 40 1078 1078 HOH HOH B . 
L 3 HOH 41 1079 1079 HOH HOH B . 
L 3 HOH 42 1082 1082 HOH HOH B . 
L 3 HOH 43 1084 1084 HOH HOH B . 
L 3 HOH 44 1086 1086 HOH HOH B . 
L 3 HOH 45 1087 1087 HOH HOH B . 
L 3 HOH 46 1090 1090 HOH HOH B . 
L 3 HOH 47 1093 1093 HOH HOH B . 
L 3 HOH 48 1094 1094 HOH HOH B . 
L 3 HOH 49 1095 1095 HOH HOH B . 
L 3 HOH 50 1096 1096 HOH HOH B . 
L 3 HOH 51 1097 1097 HOH HOH B . 
L 3 HOH 52 1098 1098 HOH HOH B . 
L 3 HOH 53 1099 1099 HOH HOH B . 
L 3 HOH 54 1100 1100 HOH HOH B . 
L 3 HOH 55 1101 1101 HOH HOH B . 
L 3 HOH 56 1102 1102 HOH HOH B . 
L 3 HOH 57 1104 1104 HOH HOH B . 
L 3 HOH 58 1105 1105 HOH HOH B . 
L 3 HOH 59 1106 1106 HOH HOH B . 
L 3 HOH 60 1109 1109 HOH HOH B . 
L 3 HOH 61 1111 1111 HOH HOH B . 
L 3 HOH 62 1112 301  HOH OC7 B . 
L 3 HOH 63 1113 301  HOH OC7 B . 
L 3 HOH 64 1114 301  HOH OC7 B . 
L 3 HOH 65 1116 301  HOH OC7 B . 
L 3 HOH 66 1118 301  HOH OC7 B . 
L 3 HOH 67 1119 302  HOH OC5 B . 
L 3 HOH 68 1120 302  HOH OC5 B . 
L 3 HOH 69 1121 302  HOH OC5 B . 
L 3 HOH 70 1122 302  HOH OC5 B . 
L 3 HOH 71 1123 302  HOH OC5 B . 
L 3 HOH 72 1124 303  HOH OC3 B . 
L 3 HOH 73 1125 303  HOH OC3 B . 
L 3 HOH 74 1126 303  HOH OC3 B . 
L 3 HOH 75 1134 306  HOH OC5 B . 
L 3 HOH 76 1135 306  HOH OC5 B . 
L 3 HOH 77 1150 304  HOH OC8 B . 
L 3 HOH 78 1153 304  HOH OC8 B . 
L 3 HOH 79 1156 304  HOH OC8 B . 
# 
loop_
_software.name 
_software.classification 
_software.version 
_software.citation_id 
_software.pdbx_ordinal 
_software.date 
_software.type 
_software.location 
_software.language 
DENZO     'data reduction' . ? 1 ? ? ? ? 
SCALEPACK 'data scaling'   . ? 2 ? ? ? ? 
SHELXD    phasing          . ? 3 ? ? ? ? 
SnB       phasing          . ? 4 ? ? ? ? 
CROQUE    'model building' . ? 5 ? ? ? ? 
SHELXL-97 refinement       . ? 6 ? ? ? ? 
CROQUE    phasing          . ? 7 ? ? ? ? 
# 
_cell.entry_id           1SK5 
_cell.length_a           22.665 
_cell.length_b           35.664 
_cell.length_c           28.289 
_cell.angle_alpha        90.00 
_cell.angle_beta         101.69 
_cell.angle_gamma        90.00 
_cell.Z_PDB              4 
_cell.pdbx_unique_axis   ? 
# 
_symmetry.entry_id                         1SK5 
_symmetry.space_group_name_H-M             'P 1 21 1' 
_symmetry.cell_setting                     monoclinic 
_symmetry.pdbx_full_space_group_name_H-M   ? 
_symmetry.Int_Tables_number                4 
_symmetry.space_group_name_Hall            ? 
# 
_exptl.entry_id          1SK5 
_exptl.method            'X-RAY DIFFRACTION' 
_exptl.crystals_number   1 
# 
_exptl_crystal.id                    1 
_exptl_crystal.density_meas          ? 
_exptl_crystal.density_percent_sol   33.14 
_exptl_crystal.density_Matthews      1.84 
_exptl_crystal.description           ? 
_exptl_crystal.F_000                 ? 
_exptl_crystal.preparation           ? 
# 
_exptl_crystal_grow.crystal_id      1 
_exptl_crystal_grow.method          'VAPOR DIFFUSION, HANGING DROP' 
_exptl_crystal_grow.temp            ? 
_exptl_crystal_grow.pH              ? 
_exptl_crystal_grow.pdbx_details    'Calcium acetate, Spermine, MPD, VAPOR DIFFUSION, HANGING DROP, temperature 269K' 
_exptl_crystal_grow.temp_details    ? 
_exptl_crystal_grow.pdbx_pH_range   . 
# 
loop_
_exptl_crystal_grow_comp.crystal_id 
_exptl_crystal_grow_comp.id 
_exptl_crystal_grow_comp.sol_id 
_exptl_crystal_grow_comp.name 
_exptl_crystal_grow_comp.conc 
_exptl_crystal_grow_comp.volume 
_exptl_crystal_grow_comp.details 
1 1 1 'Calcium acetate' ? ? ? 
1 2 1 Spermine          ? ? ? 
1 3 1 MPD               ? ? ? 
1 4 2 'Calcium acetate' ? ? ? 
1 5 2 MPD               ? ? ? 
# 
_diffrn.id                     1 
_diffrn.ambient_temp           113 
_diffrn.ambient_temp_details   ? 
_diffrn.crystal_id             1 
# 
_diffrn_detector.diffrn_id              1 
_diffrn_detector.detector               CCD 
_diffrn_detector.type                   'ADSC QUANTUM 4' 
_diffrn_detector.pdbx_collection_date   ? 
_diffrn_detector.details                ? 
# 
_diffrn_radiation.diffrn_id                        1 
_diffrn_radiation.wavelength_id                    1 
_diffrn_radiation.pdbx_monochromatic_or_laue_m_l   M 
_diffrn_radiation.monochromator                    ? 
_diffrn_radiation.pdbx_diffrn_protocol             'SINGLE WAVELENGTH' 
_diffrn_radiation.pdbx_scattering_type             x-ray 
# 
_diffrn_radiation_wavelength.id           1 
_diffrn_radiation_wavelength.wavelength   0.9000 
_diffrn_radiation_wavelength.wt           1.0 
# 
_diffrn_source.diffrn_id                   1 
_diffrn_source.source                      SYNCHROTRON 
_diffrn_source.type                        NSLS 
_diffrn_source.pdbx_synchrotron_site       NSLS 
_diffrn_source.pdbx_synchrotron_beamline   ? 
_diffrn_source.pdbx_wavelength             ? 
_diffrn_source.pdbx_wavelength_list        0.9000 
# 
_reflns.entry_id                     1SK5 
_reflns.observed_criterion_sigma_F   ? 
_reflns.observed_criterion_sigma_I   ? 
_reflns.d_resolution_high            0.890 
_reflns.d_resolution_low             50.0 
_reflns.number_all                   32054 
_reflns.number_obs                   32054 
_reflns.percent_possible_obs         ? 
_reflns.pdbx_Rmerge_I_obs            ? 
_reflns.pdbx_Rsym_value              0.073 
_reflns.pdbx_netI_over_sigmaI        ? 
_reflns.B_iso_Wilson_estimate        ? 
_reflns.pdbx_redundancy              10.2 
_reflns.R_free_details               ? 
_reflns.pdbx_chi_squared             ? 
_reflns.pdbx_scaling_rejects         ? 
_reflns.pdbx_diffrn_id               1 
_reflns.pdbx_ordinal                 1 
# 
_reflns_shell.d_res_high             0.890 
_reflns_shell.d_res_low              0.920 
_reflns_shell.percent_possible_all   ? 
_reflns_shell.Rmerge_I_obs           ? 
_reflns_shell.pdbx_Rsym_value        0.573 
_reflns_shell.meanI_over_sigI_obs    3.0 
_reflns_shell.pdbx_redundancy        ? 
_reflns_shell.percent_possible_obs   ? 
_reflns_shell.number_unique_all      ? 
_reflns_shell.number_measured_all    ? 
_reflns_shell.number_measured_obs    ? 
_reflns_shell.number_unique_obs      ? 
_reflns_shell.pdbx_chi_squared       ? 
_reflns_shell.pdbx_diffrn_id         ? 
_reflns_shell.pdbx_ordinal           1 
# 
_refine.entry_id                                 1SK5 
_refine.ls_d_res_high                            0.89 
_refine.ls_d_res_low                             50.0 
_refine.pdbx_ls_sigma_F                          0 
_refine.pdbx_ls_sigma_I                          ? 
_refine.ls_number_reflns_all                     32054 
_refine.ls_number_reflns_obs                     30438 
_refine.ls_number_reflns_R_free                  1507 
_refine.ls_percent_reflns_obs                    5 
_refine.ls_R_factor_all                          ? 
_refine.ls_R_factor_obs                          0.12631 
_refine.ls_R_factor_R_work                       0.1263 
_refine.ls_R_factor_R_free                       0.144 
_refine.ls_redundancy_reflns_obs                 ? 
_refine.pdbx_data_cutoff_high_absF               ? 
_refine.pdbx_data_cutoff_low_absF                ? 
_refine.ls_number_parameters                     ? 
_refine.ls_number_restraints                     ? 
_refine.ls_percent_reflns_R_free                 ? 
_refine.ls_R_factor_R_free_error                 ? 
_refine.ls_R_factor_R_free_error_details         ? 
_refine.pdbx_method_to_determine_struct          ? 
_refine.pdbx_starting_model                      NONE 
_refine.pdbx_ls_cross_valid_method               THROUGHOUT 
_refine.pdbx_R_Free_selection_details            RANDOM 
_refine.pdbx_stereochem_target_val_spec_case     ? 
_refine.pdbx_stereochemistry_target_values       ? 
_refine.solvent_model_details                    ? 
_refine.solvent_model_param_bsol                 ? 
_refine.solvent_model_param_ksol                 ? 
_refine.occupancy_max                            ? 
_refine.occupancy_min                            ? 
_refine.pdbx_isotropic_thermal_model             ? 
_refine.B_iso_mean                               ? 
_refine.aniso_B[1][1]                            ? 
_refine.aniso_B[1][2]                            ? 
_refine.aniso_B[1][3]                            ? 
_refine.aniso_B[2][2]                            ? 
_refine.aniso_B[2][3]                            ? 
_refine.aniso_B[3][3]                            ? 
_refine.details                                  ? 
_refine.correlation_coeff_Fo_to_Fc               ? 
_refine.correlation_coeff_Fo_to_Fc_free          ? 
_refine.pdbx_solvent_vdw_probe_radii             ? 
_refine.pdbx_solvent_ion_probe_radii             ? 
_refine.pdbx_solvent_shrinkage_radii             ? 
_refine.overall_SU_R_Cruickshank_DPI             ? 
_refine.overall_SU_R_free                        ? 
_refine.overall_SU_B                             ? 
_refine.overall_SU_ML                            ? 
_refine.pdbx_overall_ESU_R                       ? 
_refine.pdbx_overall_ESU_R_Free                  ? 
_refine.pdbx_data_cutoff_high_rms_absF           ? 
_refine.ls_wR_factor_R_free                      ? 
_refine.ls_wR_factor_R_work                      ? 
_refine.overall_FOM_free_R_set                   ? 
_refine.overall_FOM_work_R_set                   ? 
_refine.pdbx_refine_id                           'X-RAY DIFFRACTION' 
_refine.pdbx_diffrn_id                           1 
_refine.pdbx_TLS_residual_ADP_flag               ? 
_refine.pdbx_overall_phase_error                 ? 
_refine.pdbx_overall_SU_R_free_Cruickshank_DPI   ? 
_refine.pdbx_overall_SU_R_Blow_DPI               ? 
_refine.pdbx_overall_SU_R_free_Blow_DPI          ? 
# 
_refine_hist.pdbx_refine_id                   'X-RAY DIFFRACTION' 
_refine_hist.cycle_id                         LAST 
_refine_hist.pdbx_number_atoms_protein        0 
_refine_hist.pdbx_number_atoms_nucleic_acid   422 
_refine_hist.pdbx_number_atoms_ligand         55 
_refine_hist.number_atoms_solvent             110 
_refine_hist.number_atoms_total               587 
_refine_hist.d_res_high                       0.89 
_refine_hist.d_res_low                        50.0 
# 
loop_
_refine_ls_restr.type 
_refine_ls_restr.dev_ideal 
_refine_ls_restr.dev_ideal_target 
_refine_ls_restr.weight 
_refine_ls_restr.number 
_refine_ls_restr.pdbx_refine_id 
_refine_ls_restr.pdbx_restraint_function 
s_bond_d  0.008 ? ? ? 'X-RAY DIFFRACTION' ? 
s_angle_d 0.026 ? ? ? 'X-RAY DIFFRACTION' ? 
# 
_refine_ls_shell.pdbx_total_number_of_bins_used   ? 
_refine_ls_shell.d_res_high                       0.89 
_refine_ls_shell.d_res_low                        0.94 
_refine_ls_shell.number_reflns_R_work             ? 
_refine_ls_shell.R_factor_R_work                  0.235 
_refine_ls_shell.percent_reflns_obs               ? 
_refine_ls_shell.R_factor_R_free                  ? 
_refine_ls_shell.R_factor_R_free_error            ? 
_refine_ls_shell.percent_reflns_R_free            ? 
_refine_ls_shell.number_reflns_R_free             ? 
_refine_ls_shell.redundancy_reflns_obs            ? 
_refine_ls_shell.pdbx_refine_id                   'X-RAY DIFFRACTION' 
_refine_ls_shell.number_reflns_all                ? 
_refine_ls_shell.R_factor_all                     ? 
# 
_struct.entry_id                  1SK5 
_struct.title                     
'The ultra-high resolution structure of d(CTTTTAAAAG)2: modulation of bending by T-A steps and its role in DNA recognition' 
_struct.pdbx_model_details        ? 
_struct.pdbx_CASP_flag            ? 
_struct.pdbx_model_type_details   ? 
# 
_struct_keywords.entry_id        1SK5 
_struct_keywords.pdbx_keywords   DNA 
_struct_keywords.text            'DNA/DNA double helix; Popypurine Tract Sequence of HIV-1, DNA' 
# 
loop_
_struct_asym.id 
_struct_asym.pdbx_blank_PDB_chainid_flag 
_struct_asym.pdbx_modified 
_struct_asym.entity_id 
_struct_asym.details 
A N N 1 ? 
B N N 1 ? 
C N N 2 ? 
D N N 2 ? 
E N N 2 ? 
F N N 2 ? 
G N N 2 ? 
H N N 2 ? 
I N N 2 ? 
J N N 2 ? 
K N N 3 ? 
L N N 3 ? 
# 
_struct_ref.id                         1 
_struct_ref.entity_id                  1 
_struct_ref.db_name                    PDB 
_struct_ref.db_code                    1SK5 
_struct_ref.pdbx_db_accession          1SK5 
_struct_ref.pdbx_db_isoform            ? 
_struct_ref.pdbx_seq_one_letter_code   ? 
_struct_ref.pdbx_align_begin           ? 
# 
loop_
_struct_ref_seq.align_id 
_struct_ref_seq.ref_id 
_struct_ref_seq.pdbx_PDB_id_code 
_struct_ref_seq.pdbx_strand_id 
_struct_ref_seq.seq_align_beg 
_struct_ref_seq.pdbx_seq_align_beg_ins_code 
_struct_ref_seq.seq_align_end 
_struct_ref_seq.pdbx_seq_align_end_ins_code 
_struct_ref_seq.pdbx_db_accession 
_struct_ref_seq.db_align_beg 
_struct_ref_seq.pdbx_db_align_beg_ins_code 
_struct_ref_seq.db_align_end 
_struct_ref_seq.pdbx_db_align_end_ins_code 
_struct_ref_seq.pdbx_auth_seq_align_beg 
_struct_ref_seq.pdbx_auth_seq_align_end 
1 1 1SK5 A 1 ? 10 ? 1SK5 1  ? 10 ? 1  10 
2 1 1SK5 B 1 ? 10 ? 1SK5 11 ? 20 ? 11 20 
# 
_pdbx_struct_assembly.id                   1 
_pdbx_struct_assembly.details              author_defined_assembly 
_pdbx_struct_assembly.method_details       ? 
_pdbx_struct_assembly.oligomeric_details   dimeric 
_pdbx_struct_assembly.oligomeric_count     2 
# 
_pdbx_struct_assembly_gen.assembly_id       1 
_pdbx_struct_assembly_gen.oper_expression   1 
_pdbx_struct_assembly_gen.asym_id_list      A,B,C,D,E,F,G,H,I,J,K,L 
# 
_pdbx_struct_oper_list.id                   1 
_pdbx_struct_oper_list.type                 'identity operation' 
_pdbx_struct_oper_list.name                 1_555 
_pdbx_struct_oper_list.symmetry_operation   x,y,z 
_pdbx_struct_oper_list.matrix[1][1]         1.0000000000 
_pdbx_struct_oper_list.matrix[1][2]         0.0000000000 
_pdbx_struct_oper_list.matrix[1][3]         0.0000000000 
_pdbx_struct_oper_list.vector[1]            0.0000000000 
_pdbx_struct_oper_list.matrix[2][1]         0.0000000000 
_pdbx_struct_oper_list.matrix[2][2]         1.0000000000 
_pdbx_struct_oper_list.matrix[2][3]         0.0000000000 
_pdbx_struct_oper_list.vector[2]            0.0000000000 
_pdbx_struct_oper_list.matrix[3][1]         0.0000000000 
_pdbx_struct_oper_list.matrix[3][2]         0.0000000000 
_pdbx_struct_oper_list.matrix[3][3]         1.0000000000 
_pdbx_struct_oper_list.vector[3]            0.0000000000 
# 
loop_
_struct_conn.id 
_struct_conn.conn_type_id 
_struct_conn.pdbx_leaving_atom_flag 
_struct_conn.pdbx_PDB_id 
_struct_conn.ptnr1_label_asym_id 
_struct_conn.ptnr1_label_comp_id 
_struct_conn.ptnr1_label_seq_id 
_struct_conn.ptnr1_label_atom_id 
_struct_conn.pdbx_ptnr1_label_alt_id 
_struct_conn.pdbx_ptnr1_PDB_ins_code 
_struct_conn.pdbx_ptnr1_standard_comp_id 
_struct_conn.ptnr1_symmetry 
_struct_conn.ptnr2_label_asym_id 
_struct_conn.ptnr2_label_comp_id 
_struct_conn.ptnr2_label_seq_id 
_struct_conn.ptnr2_label_atom_id 
_struct_conn.pdbx_ptnr2_label_alt_id 
_struct_conn.pdbx_ptnr2_PDB_ins_code 
_struct_conn.ptnr1_auth_asym_id 
_struct_conn.ptnr1_auth_comp_id 
_struct_conn.ptnr1_auth_seq_id 
_struct_conn.ptnr2_auth_asym_id 
_struct_conn.ptnr2_auth_comp_id 
_struct_conn.ptnr2_auth_seq_id 
_struct_conn.ptnr2_symmetry 
_struct_conn.pdbx_ptnr3_label_atom_id 
_struct_conn.pdbx_ptnr3_label_seq_id 
_struct_conn.pdbx_ptnr3_label_comp_id 
_struct_conn.pdbx_ptnr3_label_asym_id 
_struct_conn.pdbx_ptnr3_label_alt_id 
_struct_conn.pdbx_ptnr3_PDB_ins_code 
_struct_conn.details 
_struct_conn.pdbx_dist_value 
_struct_conn.pdbx_value_order 
_struct_conn.pdbx_role 
metalc1  metalc ? ? A DT 4  OP1   ? ? ? 1_555 F CA  .  CA ? ? A DT 4   A CA  307  1_555 ? ? ? ? ? ? ?            2.241 ? ? 
metalc2  metalc ? ? A DA 8  OP2   ? ? ? 1_555 D CA  .  CA ? ? A DA 8   A CA  305  1_555 ? ? ? ? ? ? ?            2.384 ? ? 
metalc3  metalc ? ? A DA 8  N6    ? ? ? 1_555 E CA  .  CA ? ? A DA 8   A CA  306  1_555 ? ? ? ? ? ? ?            3.017 ? ? 
metalc4  metalc ? ? C CA .  CA    ? ? ? 1_555 K HOH .  O  ? ? A CA 301 A HOH 1115 1_555 ? ? ? ? ? ? ?            2.380 ? ? 
metalc5  metalc ? ? C CA .  CA    ? ? ? 1_555 K HOH .  O  ? ? A CA 301 A HOH 1117 1_555 ? ? ? ? ? ? ?            2.425 ? ? 
metalc6  metalc ? ? C CA .  CA    ? ? ? 1_555 L HOH .  O  ? ? A CA 301 B HOH 1112 1_555 ? ? ? ? ? ? ?            2.343 ? ? 
metalc7  metalc ? ? C CA .  CA    ? ? ? 1_555 L HOH .  O  ? ? A CA 301 B HOH 1113 1_555 ? ? ? ? ? ? ?            2.393 ? ? 
metalc8  metalc ? ? C CA .  CA    ? ? ? 1_555 L HOH .  O  ? ? A CA 301 B HOH 1114 1_555 ? ? ? ? ? ? ?            2.448 ? ? 
metalc9  metalc ? ? C CA .  CA    ? ? ? 1_555 L HOH .  O  ? ? A CA 301 B HOH 1116 1_555 ? ? ? ? ? ? ?            2.419 ? ? 
metalc10 metalc ? ? C CA .  CA    ? ? ? 1_555 L HOH .  O  ? ? A CA 301 B HOH 1118 1_555 ? ? ? ? ? ? ?            2.424 ? ? 
metalc11 metalc ? ? H CA .  CA    ? ? ? 1_555 K HOH .  O  ? ? A CA 304 A HOH 1151 1_555 ? ? ? ? ? ? ?            2.305 ? ? 
metalc12 metalc ? ? H CA .  CA    ? ? ? 1_555 K HOH .  O  ? ? A CA 304 A HOH 1152 1_555 ? ? ? ? ? ? ?            2.766 ? ? 
metalc13 metalc ? ? H CA .  CA    ? ? ? 1_555 K HOH .  O  ? ? A CA 304 A HOH 1154 1_555 ? ? ? ? ? ? ?            2.417 ? ? 
metalc14 metalc ? ? H CA .  CA    ? ? ? 1_555 K HOH .  O  ? ? A CA 304 A HOH 1155 1_555 ? ? ? ? ? ? ?            2.477 ? ? 
metalc15 metalc ? ? H CA .  CA    ? ? ? 1_555 K HOH .  O  ? ? A CA 304 A HOH 1157 1_555 ? ? ? ? ? ? ?            2.411 ? ? 
metalc16 metalc ? ? H CA .  CA    ? ? ? 1_555 L HOH .  O  ? ? A CA 304 B HOH 1150 1_555 ? ? ? ? ? ? ?            2.373 ? ? 
metalc17 metalc ? ? H CA .  CA    ? ? ? 1_555 L HOH .  O  ? ? A CA 304 B HOH 1153 1_555 ? ? ? ? ? ? ?            2.342 ? ? 
metalc18 metalc ? ? H CA .  CA    ? ? ? 1_555 L HOH .  O  ? ? A CA 304 B HOH 1156 1_555 ? ? ? ? ? ? ?            2.471 ? ? 
metalc19 metalc ? ? D CA .  CA    ? ? ? 1_555 K HOH .  O  ? ? A CA 305 A HOH 1127 1_555 ? ? ? ? ? ? ?            2.370 ? ? 
metalc20 metalc ? ? D CA .  CA    ? ? ? 1_555 K HOH .  O  ? ? A CA 305 A HOH 1128 1_555 ? ? ? ? ? ? ?            2.398 ? ? 
metalc21 metalc ? ? D CA .  CA    ? ? ? 1_555 K HOH .  O  ? ? A CA 305 A HOH 1129 1_555 ? ? ? ? ? ? ?            2.474 ? ? 
metalc22 metalc ? ? D CA .  CA    ? ? ? 1_555 K HOH .  O  ? ? A CA 305 A HOH 1130 1_555 ? ? ? ? ? ? ?            2.490 ? ? 
metalc23 metalc ? ? D CA .  CA    ? ? ? 1_555 K HOH .  O  ? ? A CA 305 A HOH 1131 1_555 ? ? ? ? ? ? ?            2.226 ? ? 
metalc24 metalc ? ? D CA .  CA    ? ? ? 1_555 K HOH .  O  ? ? A CA 305 A HOH 1132 1_555 ? ? ? ? ? ? ?            2.417 ? ? 
metalc25 metalc ? ? D CA .  CA    ? ? ? 1_555 K HOH .  O  ? ? A CA 305 A HOH 1133 1_555 ? ? ? ? ? ? ?            2.769 ? ? 
metalc26 metalc ? ? E CA .  CA    ? ? ? 1_555 K HOH .  O  ? ? A CA 306 A HOH 1136 1_555 ? ? ? ? ? ? ?            2.246 ? ? 
metalc27 metalc ? ? E CA .  CA    ? ? ? 1_555 K HOH .  O  ? ? A CA 306 A HOH 1137 1_555 ? ? ? ? ? ? ?            2.421 ? ? 
metalc28 metalc ? ? E CA .  CA    ? ? ? 1_555 K HOH .  O  ? ? A CA 306 A HOH 1138 1_555 ? ? ? ? ? ? ?            2.593 ? ? 
metalc29 metalc ? ? E CA .  CA    ? ? ? 1_555 L HOH .  O  ? ? A CA 306 B HOH 1134 1_555 ? ? ? ? ? ? ?            2.095 ? ? 
metalc30 metalc ? ? E CA .  CA    ? ? ? 1_555 L HOH .  O  ? ? A CA 306 B HOH 1135 1_555 ? ? ? ? ? ? ?            2.702 ? ? 
metalc31 metalc ? ? F CA .  CA    ? ? ? 1_555 K HOH .  O  ? ? A CA 307 A HOH 1139 1_555 ? ? ? ? ? ? ?            2.270 ? ? 
metalc32 metalc ? ? F CA .  CA    ? ? ? 1_555 K HOH .  O  ? ? A CA 307 A HOH 1140 1_555 ? ? ? ? ? ? ?            2.295 ? ? 
metalc33 metalc ? ? F CA .  CA    ? ? ? 1_555 K HOH .  O  ? ? A CA 307 A HOH 1141 1_555 ? ? ? ? ? ? ?            2.248 ? ? 
metalc34 metalc ? ? F CA .  CA    ? ? ? 1_555 K HOH .  O  ? ? A CA 307 A HOH 1142 1_555 ? ? ? ? ? ? ?            2.799 ? ? 
metalc35 metalc ? ? F CA .  CA    ? ? ? 1_555 K HOH .  O  ? ? A CA 307 A HOH 1143 1_555 ? ? ? ? ? ? ?            2.132 ? ? 
metalc36 metalc ? ? G CA .  CA    ? ? ? 1_555 K HOH .  O  ? ? A CA 308 A HOH 1144 1_555 ? ? ? ? ? ? ?            2.298 ? ? 
metalc37 metalc ? ? G CA .  CA    ? ? ? 1_555 K HOH .  O  ? ? A CA 308 A HOH 1145 1_555 ? ? ? ? ? ? ?            2.464 ? ? 
metalc38 metalc ? ? G CA .  CA    ? ? ? 1_555 K HOH .  O  ? ? A CA 308 A HOH 1146 1_555 ? ? ? ? ? ? ?            2.558 ? ? 
metalc39 metalc ? ? G CA .  CA    ? ? ? 1_555 K HOH .  O  ? ? A CA 308 A HOH 1147 1_555 ? ? ? ? ? ? ?            2.286 ? ? 
metalc40 metalc ? ? G CA .  CA    ? ? ? 1_555 K HOH .  O  ? ? A CA 308 A HOH 1148 1_555 ? ? ? ? ? ? ?            2.348 ? ? 
metalc41 metalc ? ? G CA .  CA    ? ? ? 1_555 K HOH .  O  ? ? A CA 308 A HOH 1149 1_555 ? ? ? ? ? ? ?            2.525 ? ? 
metalc42 metalc ? ? B DT 2  OP1   ? ? ? 1_554 I CA  .  CA ? ? B DT 12  B CA  302  1_555 ? ? ? ? ? ? ?            2.320 ? ? 
metalc43 metalc ? ? B DT 2  OP2   ? ? ? 1_554 J CA  .  CA B ? B DT 12  B CA  303  1_555 ? ? ? ? ? ? ?            2.149 ? ? 
metalc44 metalc ? ? B DT 2  OP2   ? ? ? 1_554 J CA  .  CA A ? B DT 12  B CA  303  1_555 ? ? ? ? ? ? ?            2.243 ? ? 
metalc45 metalc ? ? B DA 8  OP1   B ? ? 1_555 I CA  .  CA ? ? B DA 18  B CA  302  1_555 ? ? ? ? ? ? ?            3.329 ? ? 
metalc46 metalc ? ? B DA 8  OP1   A ? ? 1_555 I CA  .  CA ? ? B DA 18  B CA  302  1_555 ? ? ? ? ? ? ?            2.346 ? ? 
metalc47 metalc ? ? B DA 8  "O3'" B ? ? 1_555 J CA  .  CA B ? B DA 18  B CA  303  1_555 ? ? ? ? ? ? ?            3.145 ? ? 
metalc48 metalc ? ? B DA 9  OP1   ? ? ? 1_555 J CA  .  CA B ? B DA 19  B CA  303  1_555 ? ? ? ? ? ? ?            2.511 ? ? 
metalc49 metalc ? ? B DA 9  OP1   ? ? ? 1_555 J CA  .  CA A ? B DA 19  B CA  303  1_555 ? ? ? ? ? ? ?            2.260 ? ? 
metalc50 metalc ? ? I CA .  CA    ? ? ? 1_555 L HOH .  O  ? ? B CA 302 B HOH 1119 1_555 ? ? ? ? ? ? ?            2.604 ? ? 
metalc51 metalc ? ? I CA .  CA    ? ? ? 1_555 L HOH .  O  ? ? B CA 302 B HOH 1120 1_555 ? ? ? ? ? ? ?            2.417 ? ? 
metalc52 metalc ? ? I CA .  CA    ? ? ? 1_555 L HOH .  O  ? ? B CA 302 B HOH 1121 1_555 ? ? ? ? ? ? ?            2.498 ? ? 
metalc53 metalc ? ? I CA .  CA    ? ? ? 1_555 L HOH .  O  ? ? B CA 302 B HOH 1122 1_555 ? ? ? ? ? ? ?            2.271 ? ? 
metalc54 metalc ? ? I CA .  CA    ? ? ? 1_555 L HOH .  O  ? ? B CA 302 B HOH 1123 1_555 ? ? ? ? ? ? ?            2.357 ? ? 
metalc55 metalc ? ? J CA .  CA    B ? ? 1_555 L HOH .  O  ? ? B CA 303 B HOH 1054 1_554 ? ? ? ? ? ? ?            3.272 ? ? 
metalc56 metalc ? ? J CA .  CA    A ? ? 1_555 L HOH .  O  ? ? B CA 303 B HOH 1124 1_555 ? ? ? ? ? ? ?            2.789 ? ? 
metalc57 metalc ? ? J CA .  CA    B ? ? 1_555 L HOH .  O  ? ? B CA 303 B HOH 1124 1_555 ? ? ? ? ? ? ?            2.357 ? ? 
metalc58 metalc ? ? J CA .  CA    B ? ? 1_555 L HOH .  O  ? ? B CA 303 B HOH 1125 1_555 ? ? ? ? ? ? ?            2.278 ? ? 
metalc59 metalc ? ? J CA .  CA    A ? ? 1_555 L HOH .  O  ? ? B CA 303 B HOH 1125 1_555 ? ? ? ? ? ? ?            3.098 ? ? 
metalc60 metalc ? ? J CA .  CA    A ? ? 1_555 L HOH .  O  ? ? B CA 303 B HOH 1126 1_555 ? ? ? ? ? ? ?            2.209 ? ? 
metalc61 metalc ? ? J CA .  CA    B ? ? 1_555 L HOH .  O  ? ? B CA 303 B HOH 1126 1_555 ? ? ? ? ? ? ?            2.629 ? ? 
hydrog1  hydrog ? ? A DC 1  N3    ? ? ? 1_555 B DG  10 N1 ? ? A DC 1   B DG  20   1_555 ? ? ? ? ? ? WATSON-CRICK ?     ? ? 
hydrog2  hydrog ? ? A DC 1  N4    ? ? ? 1_555 B DG  10 O6 ? ? A DC 1   B DG  20   1_555 ? ? ? ? ? ? WATSON-CRICK ?     ? ? 
hydrog3  hydrog ? ? A DC 1  O2    ? ? ? 1_555 B DG  10 N2 ? ? A DC 1   B DG  20   1_555 ? ? ? ? ? ? WATSON-CRICK ?     ? ? 
hydrog4  hydrog ? ? A DT 2  N3    ? ? ? 1_555 B DA  9  N1 ? ? A DT 2   B DA  19   1_555 ? ? ? ? ? ? WATSON-CRICK ?     ? ? 
hydrog5  hydrog ? ? A DT 2  O4    ? ? ? 1_555 B DA  9  N6 ? ? A DT 2   B DA  19   1_555 ? ? ? ? ? ? WATSON-CRICK ?     ? ? 
hydrog6  hydrog ? ? A DT 3  N3    ? ? ? 1_555 B DA  8  N1 ? ? A DT 3   B DA  18   1_555 ? ? ? ? ? ? WATSON-CRICK ?     ? ? 
hydrog7  hydrog ? ? A DT 3  O4    ? ? ? 1_555 B DA  8  N6 ? ? A DT 3   B DA  18   1_555 ? ? ? ? ? ? WATSON-CRICK ?     ? ? 
hydrog8  hydrog ? ? A DT 4  N3    ? ? ? 1_555 B DA  7  N1 ? ? A DT 4   B DA  17   1_555 ? ? ? ? ? ? WATSON-CRICK ?     ? ? 
hydrog9  hydrog ? ? A DT 4  O4    ? ? ? 1_555 B DA  7  N6 ? ? A DT 4   B DA  17   1_555 ? ? ? ? ? ? WATSON-CRICK ?     ? ? 
hydrog10 hydrog ? ? A DT 5  N3    ? ? ? 1_555 B DA  6  N1 ? ? A DT 5   B DA  16   1_555 ? ? ? ? ? ? WATSON-CRICK ?     ? ? 
hydrog11 hydrog ? ? A DT 5  O4    ? ? ? 1_555 B DA  6  N6 ? ? A DT 5   B DA  16   1_555 ? ? ? ? ? ? WATSON-CRICK ?     ? ? 
hydrog12 hydrog ? ? A DA 6  N1    ? ? ? 1_555 B DT  5  N3 ? ? A DA 6   B DT  15   1_555 ? ? ? ? ? ? WATSON-CRICK ?     ? ? 
hydrog13 hydrog ? ? A DA 6  N6    ? ? ? 1_555 B DT  5  O4 ? ? A DA 6   B DT  15   1_555 ? ? ? ? ? ? WATSON-CRICK ?     ? ? 
hydrog14 hydrog ? ? A DA 7  N1    ? ? ? 1_555 B DT  4  N3 ? ? A DA 7   B DT  14   1_555 ? ? ? ? ? ? WATSON-CRICK ?     ? ? 
hydrog15 hydrog ? ? A DA 7  N6    ? ? ? 1_555 B DT  4  O4 ? ? A DA 7   B DT  14   1_555 ? ? ? ? ? ? WATSON-CRICK ?     ? ? 
hydrog16 hydrog ? ? A DA 8  N1    ? ? ? 1_555 B DT  3  N3 ? ? A DA 8   B DT  13   1_555 ? ? ? ? ? ? WATSON-CRICK ?     ? ? 
hydrog17 hydrog ? ? A DA 8  N6    ? ? ? 1_555 B DT  3  O4 ? ? A DA 8   B DT  13   1_555 ? ? ? ? ? ? WATSON-CRICK ?     ? ? 
hydrog18 hydrog ? ? A DA 9  N1    ? ? ? 1_555 B DT  2  N3 ? ? A DA 9   B DT  12   1_555 ? ? ? ? ? ? WATSON-CRICK ?     ? ? 
hydrog19 hydrog ? ? A DA 9  N6    ? ? ? 1_555 B DT  2  O4 ? ? A DA 9   B DT  12   1_555 ? ? ? ? ? ? WATSON-CRICK ?     ? ? 
hydrog20 hydrog ? ? A DG 10 N1    ? ? ? 1_555 B DC  1  N3 ? ? A DG 10  B DC  11   1_555 ? ? ? ? ? ? WATSON-CRICK ?     ? ? 
hydrog21 hydrog ? ? A DG 10 N2    ? ? ? 1_555 B DC  1  O2 ? ? A DG 10  B DC  11   1_555 ? ? ? ? ? ? WATSON-CRICK ?     ? ? 
hydrog22 hydrog ? ? A DG 10 O6    ? ? ? 1_555 B DC  1  N4 ? ? A DG 10  B DC  11   1_555 ? ? ? ? ? ? WATSON-CRICK ?     ? ? 
# 
loop_
_struct_conn_type.id 
_struct_conn_type.criteria 
_struct_conn_type.reference 
metalc ? ? 
hydrog ? ? 
# 
loop_
_pdbx_struct_conn_angle.id 
_pdbx_struct_conn_angle.ptnr1_label_atom_id 
_pdbx_struct_conn_angle.ptnr1_label_alt_id 
_pdbx_struct_conn_angle.ptnr1_label_asym_id 
_pdbx_struct_conn_angle.ptnr1_label_comp_id 
_pdbx_struct_conn_angle.ptnr1_label_seq_id 
_pdbx_struct_conn_angle.ptnr1_auth_atom_id 
_pdbx_struct_conn_angle.ptnr1_auth_asym_id 
_pdbx_struct_conn_angle.ptnr1_auth_comp_id 
_pdbx_struct_conn_angle.ptnr1_auth_seq_id 
_pdbx_struct_conn_angle.ptnr1_PDB_ins_code 
_pdbx_struct_conn_angle.ptnr1_symmetry 
_pdbx_struct_conn_angle.ptnr2_label_atom_id 
_pdbx_struct_conn_angle.ptnr2_label_alt_id 
_pdbx_struct_conn_angle.ptnr2_label_asym_id 
_pdbx_struct_conn_angle.ptnr2_label_comp_id 
_pdbx_struct_conn_angle.ptnr2_label_seq_id 
_pdbx_struct_conn_angle.ptnr2_auth_atom_id 
_pdbx_struct_conn_angle.ptnr2_auth_asym_id 
_pdbx_struct_conn_angle.ptnr2_auth_comp_id 
_pdbx_struct_conn_angle.ptnr2_auth_seq_id 
_pdbx_struct_conn_angle.ptnr2_PDB_ins_code 
_pdbx_struct_conn_angle.ptnr2_symmetry 
_pdbx_struct_conn_angle.ptnr3_label_atom_id 
_pdbx_struct_conn_angle.ptnr3_label_alt_id 
_pdbx_struct_conn_angle.ptnr3_label_asym_id 
_pdbx_struct_conn_angle.ptnr3_label_comp_id 
_pdbx_struct_conn_angle.ptnr3_label_seq_id 
_pdbx_struct_conn_angle.ptnr3_auth_atom_id 
_pdbx_struct_conn_angle.ptnr3_auth_asym_id 
_pdbx_struct_conn_angle.ptnr3_auth_comp_id 
_pdbx_struct_conn_angle.ptnr3_auth_seq_id 
_pdbx_struct_conn_angle.ptnr3_PDB_ins_code 
_pdbx_struct_conn_angle.ptnr3_symmetry 
_pdbx_struct_conn_angle.value 
_pdbx_struct_conn_angle.value_esd 
1   OP1   ? A DT  4 ? A DT  4    ? 1_555 CA ? F CA . ? A CA 307 ? 1_555 O     ? K HOH . ? A HOH 1139 ? 1_555 170.6 ? 
2   OP1   ? A DT  4 ? A DT  4    ? 1_555 CA ? F CA . ? A CA 307 ? 1_555 O     ? K HOH . ? A HOH 1140 ? 1_555 86.8  ? 
3   O     ? K HOH . ? A HOH 1139 ? 1_555 CA ? F CA . ? A CA 307 ? 1_555 O     ? K HOH . ? A HOH 1140 ? 1_555 86.8  ? 
4   OP1   ? A DT  4 ? A DT  4    ? 1_555 CA ? F CA . ? A CA 307 ? 1_555 O     ? K HOH . ? A HOH 1141 ? 1_555 83.4  ? 
5   O     ? K HOH . ? A HOH 1139 ? 1_555 CA ? F CA . ? A CA 307 ? 1_555 O     ? K HOH . ? A HOH 1141 ? 1_555 89.9  ? 
6   O     ? K HOH . ? A HOH 1140 ? 1_555 CA ? F CA . ? A CA 307 ? 1_555 O     ? K HOH . ? A HOH 1141 ? 1_555 91.4  ? 
7   OP1   ? A DT  4 ? A DT  4    ? 1_555 CA ? F CA . ? A CA 307 ? 1_555 O     ? K HOH . ? A HOH 1142 ? 1_555 56.0  ? 
8   O     ? K HOH . ? A HOH 1139 ? 1_555 CA ? F CA . ? A CA 307 ? 1_555 O     ? K HOH . ? A HOH 1142 ? 1_555 131.0 ? 
9   O     ? K HOH . ? A HOH 1140 ? 1_555 CA ? F CA . ? A CA 307 ? 1_555 O     ? K HOH . ? A HOH 1142 ? 1_555 90.9  ? 
10  O     ? K HOH . ? A HOH 1141 ? 1_555 CA ? F CA . ? A CA 307 ? 1_555 O     ? K HOH . ? A HOH 1142 ? 1_555 139.1 ? 
11  OP1   ? A DT  4 ? A DT  4    ? 1_555 CA ? F CA . ? A CA 307 ? 1_555 O     ? K HOH . ? A HOH 1143 ? 1_555 81.1  ? 
12  O     ? K HOH . ? A HOH 1139 ? 1_555 CA ? F CA . ? A CA 307 ? 1_555 O     ? K HOH . ? A HOH 1143 ? 1_555 102.6 ? 
13  O     ? K HOH . ? A HOH 1140 ? 1_555 CA ? F CA . ? A CA 307 ? 1_555 O     ? K HOH . ? A HOH 1143 ? 1_555 66.4  ? 
14  O     ? K HOH . ? A HOH 1141 ? 1_555 CA ? F CA . ? A CA 307 ? 1_555 O     ? K HOH . ? A HOH 1143 ? 1_555 153.4 ? 
15  O     ? K HOH . ? A HOH 1142 ? 1_555 CA ? F CA . ? A CA 307 ? 1_555 O     ? K HOH . ? A HOH 1143 ? 1_555 35.1  ? 
16  OP2   ? A DA  8 ? A DA  8    ? 1_555 CA ? D CA . ? A CA 305 ? 1_555 O     ? K HOH . ? A HOH 1127 ? 1_555 81.6  ? 
17  OP2   ? A DA  8 ? A DA  8    ? 1_555 CA ? D CA . ? A CA 305 ? 1_555 O     ? K HOH . ? A HOH 1128 ? 1_555 122.8 ? 
18  O     ? K HOH . ? A HOH 1127 ? 1_555 CA ? D CA . ? A CA 305 ? 1_555 O     ? K HOH . ? A HOH 1128 ? 1_555 75.2  ? 
19  OP2   ? A DA  8 ? A DA  8    ? 1_555 CA ? D CA . ? A CA 305 ? 1_555 O     ? K HOH . ? A HOH 1129 ? 1_555 76.2  ? 
20  O     ? K HOH . ? A HOH 1127 ? 1_555 CA ? D CA . ? A CA 305 ? 1_555 O     ? K HOH . ? A HOH 1129 ? 1_555 122.3 ? 
21  O     ? K HOH . ? A HOH 1128 ? 1_555 CA ? D CA . ? A CA 305 ? 1_555 O     ? K HOH . ? A HOH 1129 ? 1_555 73.8  ? 
22  OP2   ? A DA  8 ? A DA  8    ? 1_555 CA ? D CA . ? A CA 305 ? 1_555 O     ? K HOH . ? A HOH 1130 ? 1_555 83.3  ? 
23  O     ? K HOH . ? A HOH 1127 ? 1_555 CA ? D CA . ? A CA 305 ? 1_555 O     ? K HOH . ? A HOH 1130 ? 1_555 77.4  ? 
24  O     ? K HOH . ? A HOH 1128 ? 1_555 CA ? D CA . ? A CA 305 ? 1_555 O     ? K HOH . ? A HOH 1130 ? 1_555 138.0 ? 
25  O     ? K HOH . ? A HOH 1129 ? 1_555 CA ? D CA . ? A CA 305 ? 1_555 O     ? K HOH . ? A HOH 1130 ? 1_555 148.2 ? 
26  OP2   ? A DA  8 ? A DA  8    ? 1_555 CA ? D CA . ? A CA 305 ? 1_555 O     ? K HOH . ? A HOH 1131 ? 1_555 90.2  ? 
27  O     ? K HOH . ? A HOH 1127 ? 1_555 CA ? D CA . ? A CA 305 ? 1_555 O     ? K HOH . ? A HOH 1131 ? 1_555 155.7 ? 
28  O     ? K HOH . ? A HOH 1128 ? 1_555 CA ? D CA . ? A CA 305 ? 1_555 O     ? K HOH . ? A HOH 1131 ? 1_555 127.6 ? 
29  O     ? K HOH . ? A HOH 1129 ? 1_555 CA ? D CA . ? A CA 305 ? 1_555 O     ? K HOH . ? A HOH 1131 ? 1_555 77.1  ? 
30  O     ? K HOH . ? A HOH 1130 ? 1_555 CA ? D CA . ? A CA 305 ? 1_555 O     ? K HOH . ? A HOH 1131 ? 1_555 78.9  ? 
31  OP2   ? A DA  8 ? A DA  8    ? 1_555 CA ? D CA . ? A CA 305 ? 1_555 O     ? K HOH . ? A HOH 1132 ? 1_555 157.2 ? 
32  O     ? K HOH . ? A HOH 1127 ? 1_555 CA ? D CA . ? A CA 305 ? 1_555 O     ? K HOH . ? A HOH 1132 ? 1_555 90.6  ? 
33  O     ? K HOH . ? A HOH 1128 ? 1_555 CA ? D CA . ? A CA 305 ? 1_555 O     ? K HOH . ? A HOH 1132 ? 1_555 75.0  ? 
34  O     ? K HOH . ? A HOH 1129 ? 1_555 CA ? D CA . ? A CA 305 ? 1_555 O     ? K HOH . ? A HOH 1132 ? 1_555 125.3 ? 
35  O     ? K HOH . ? A HOH 1130 ? 1_555 CA ? D CA . ? A CA 305 ? 1_555 O     ? K HOH . ? A HOH 1132 ? 1_555 74.1  ? 
36  O     ? K HOH . ? A HOH 1131 ? 1_555 CA ? D CA . ? A CA 305 ? 1_555 O     ? K HOH . ? A HOH 1132 ? 1_555 88.3  ? 
37  OP2   ? A DA  8 ? A DA  8    ? 1_555 CA ? D CA . ? A CA 305 ? 1_555 O     ? K HOH . ? A HOH 1133 ? 1_555 124.3 ? 
38  O     ? K HOH . ? A HOH 1127 ? 1_555 CA ? D CA . ? A CA 305 ? 1_555 O     ? K HOH . ? A HOH 1133 ? 1_555 46.1  ? 
39  O     ? K HOH . ? A HOH 1128 ? 1_555 CA ? D CA . ? A CA 305 ? 1_555 O     ? K HOH . ? A HOH 1133 ? 1_555 39.6  ? 
40  O     ? K HOH . ? A HOH 1129 ? 1_555 CA ? D CA . ? A CA 305 ? 1_555 O     ? K HOH . ? A HOH 1133 ? 1_555 112.5 ? 
41  O     ? K HOH . ? A HOH 1130 ? 1_555 CA ? D CA . ? A CA 305 ? 1_555 O     ? K HOH . ? A HOH 1133 ? 1_555 99.2  ? 
42  O     ? K HOH . ? A HOH 1131 ? 1_555 CA ? D CA . ? A CA 305 ? 1_555 O     ? K HOH . ? A HOH 1133 ? 1_555 145.3 ? 
43  O     ? K HOH . ? A HOH 1132 ? 1_555 CA ? D CA . ? A CA 305 ? 1_555 O     ? K HOH . ? A HOH 1133 ? 1_555 58.5  ? 
44  N6    ? A DA  8 ? A DA  8    ? 1_555 CA ? E CA . ? A CA 306 ? 1_555 O     ? K HOH . ? A HOH 1136 ? 1_555 95.0  ? 
45  N6    ? A DA  8 ? A DA  8    ? 1_555 CA ? E CA . ? A CA 306 ? 1_555 O     ? K HOH . ? A HOH 1137 ? 1_555 104.3 ? 
46  O     ? K HOH . ? A HOH 1136 ? 1_555 CA ? E CA . ? A CA 306 ? 1_555 O     ? K HOH . ? A HOH 1137 ? 1_555 100.2 ? 
47  N6    ? A DA  8 ? A DA  8    ? 1_555 CA ? E CA . ? A CA 306 ? 1_555 O     ? K HOH . ? A HOH 1138 ? 1_555 106.5 ? 
48  O     ? K HOH . ? A HOH 1136 ? 1_555 CA ? E CA . ? A CA 306 ? 1_555 O     ? K HOH . ? A HOH 1138 ? 1_555 67.7  ? 
49  O     ? K HOH . ? A HOH 1137 ? 1_555 CA ? E CA . ? A CA 306 ? 1_555 O     ? K HOH . ? A HOH 1138 ? 1_555 147.7 ? 
50  N6    ? A DA  8 ? A DA  8    ? 1_555 CA ? E CA . ? A CA 306 ? 1_555 O     ? L HOH . ? B HOH 1134 ? 1_555 88.9  ? 
51  O     ? K HOH . ? A HOH 1136 ? 1_555 CA ? E CA . ? A CA 306 ? 1_555 O     ? L HOH . ? B HOH 1134 ? 1_555 171.9 ? 
52  O     ? K HOH . ? A HOH 1137 ? 1_555 CA ? E CA . ? A CA 306 ? 1_555 O     ? L HOH . ? B HOH 1134 ? 1_555 71.9  ? 
53  O     ? K HOH . ? A HOH 1138 ? 1_555 CA ? E CA . ? A CA 306 ? 1_555 O     ? L HOH . ? B HOH 1134 ? 1_555 118.0 ? 
54  N6    ? A DA  8 ? A DA  8    ? 1_555 CA ? E CA . ? A CA 306 ? 1_555 O     ? L HOH . ? B HOH 1135 ? 1_555 91.7  ? 
55  O     ? K HOH . ? A HOH 1136 ? 1_555 CA ? E CA . ? A CA 306 ? 1_555 O     ? L HOH . ? B HOH 1135 ? 1_555 114.7 ? 
56  O     ? K HOH . ? A HOH 1137 ? 1_555 CA ? E CA . ? A CA 306 ? 1_555 O     ? L HOH . ? B HOH 1135 ? 1_555 140.2 ? 
57  O     ? K HOH . ? A HOH 1138 ? 1_555 CA ? E CA . ? A CA 306 ? 1_555 O     ? L HOH . ? B HOH 1135 ? 1_555 48.4  ? 
58  O     ? L HOH . ? B HOH 1134 ? 1_555 CA ? E CA . ? A CA 306 ? 1_555 O     ? L HOH . ? B HOH 1135 ? 1_555 72.2  ? 
59  O     ? K HOH . ? A HOH 1115 ? 1_555 CA ? C CA . ? A CA 301 ? 1_555 O     ? K HOH . ? A HOH 1117 ? 1_555 97.3  ? 
60  O     ? K HOH . ? A HOH 1115 ? 1_555 CA ? C CA . ? A CA 301 ? 1_555 O     ? L HOH . ? B HOH 1112 ? 1_555 168.6 ? 
61  O     ? K HOH . ? A HOH 1117 ? 1_555 CA ? C CA . ? A CA 301 ? 1_555 O     ? L HOH . ? B HOH 1112 ? 1_555 81.3  ? 
62  O     ? K HOH . ? A HOH 1115 ? 1_555 CA ? C CA . ? A CA 301 ? 1_555 O     ? L HOH . ? B HOH 1113 ? 1_555 94.3  ? 
63  O     ? K HOH . ? A HOH 1117 ? 1_555 CA ? C CA . ? A CA 301 ? 1_555 O     ? L HOH . ? B HOH 1113 ? 1_555 140.4 ? 
64  O     ? L HOH . ? B HOH 1112 ? 1_555 CA ? C CA . ? A CA 301 ? 1_555 O     ? L HOH . ? B HOH 1113 ? 1_555 93.8  ? 
65  O     ? K HOH . ? A HOH 1115 ? 1_555 CA ? C CA . ? A CA 301 ? 1_555 O     ? L HOH . ? B HOH 1114 ? 1_555 88.9  ? 
66  O     ? K HOH . ? A HOH 1117 ? 1_555 CA ? C CA . ? A CA 301 ? 1_555 O     ? L HOH . ? B HOH 1114 ? 1_555 147.8 ? 
67  O     ? L HOH . ? B HOH 1112 ? 1_555 CA ? C CA . ? A CA 301 ? 1_555 O     ? L HOH . ? B HOH 1114 ? 1_555 86.5  ? 
68  O     ? L HOH . ? B HOH 1113 ? 1_555 CA ? C CA . ? A CA 301 ? 1_555 O     ? L HOH . ? B HOH 1114 ? 1_555 69.8  ? 
69  O     ? K HOH . ? A HOH 1115 ? 1_555 CA ? C CA . ? A CA 301 ? 1_555 O     ? L HOH . ? B HOH 1116 ? 1_555 86.3  ? 
70  O     ? K HOH . ? A HOH 1117 ? 1_555 CA ? C CA . ? A CA 301 ? 1_555 O     ? L HOH . ? B HOH 1116 ? 1_555 75.1  ? 
71  O     ? L HOH . ? B HOH 1112 ? 1_555 CA ? C CA . ? A CA 301 ? 1_555 O     ? L HOH . ? B HOH 1116 ? 1_555 82.4  ? 
72  O     ? L HOH . ? B HOH 1113 ? 1_555 CA ? C CA . ? A CA 301 ? 1_555 O     ? L HOH . ? B HOH 1116 ? 1_555 143.6 ? 
73  O     ? L HOH . ? B HOH 1114 ? 1_555 CA ? C CA . ? A CA 301 ? 1_555 O     ? L HOH . ? B HOH 1116 ? 1_555 73.9  ? 
74  O     ? K HOH . ? A HOH 1115 ? 1_555 CA ? C CA . ? A CA 301 ? 1_555 O     ? L HOH . ? B HOH 1118 ? 1_555 78.7  ? 
75  O     ? K HOH . ? A HOH 1117 ? 1_555 CA ? C CA . ? A CA 301 ? 1_555 O     ? L HOH . ? B HOH 1118 ? 1_555 70.8  ? 
76  O     ? L HOH . ? B HOH 1112 ? 1_555 CA ? C CA . ? A CA 301 ? 1_555 O     ? L HOH . ? B HOH 1118 ? 1_555 111.2 ? 
77  O     ? L HOH . ? B HOH 1113 ? 1_555 CA ? C CA . ? A CA 301 ? 1_555 O     ? L HOH . ? B HOH 1118 ? 1_555 74.7  ? 
78  O     ? L HOH . ? B HOH 1114 ? 1_555 CA ? C CA . ? A CA 301 ? 1_555 O     ? L HOH . ? B HOH 1118 ? 1_555 141.2 ? 
79  O     ? L HOH . ? B HOH 1116 ? 1_555 CA ? C CA . ? A CA 301 ? 1_555 O     ? L HOH . ? B HOH 1118 ? 1_555 140.3 ? 
80  O     ? K HOH . ? A HOH 1151 ? 1_555 CA ? H CA . ? A CA 304 ? 1_555 O     ? K HOH . ? A HOH 1152 ? 1_555 77.8  ? 
81  O     ? K HOH . ? A HOH 1151 ? 1_555 CA ? H CA . ? A CA 304 ? 1_555 O     ? K HOH . ? A HOH 1154 ? 1_555 117.3 ? 
82  O     ? K HOH . ? A HOH 1152 ? 1_555 CA ? H CA . ? A CA 304 ? 1_555 O     ? K HOH . ? A HOH 1154 ? 1_555 44.4  ? 
83  O     ? K HOH . ? A HOH 1151 ? 1_555 CA ? H CA . ? A CA 304 ? 1_555 O     ? K HOH . ? A HOH 1155 ? 1_555 71.3  ? 
84  O     ? K HOH . ? A HOH 1152 ? 1_555 CA ? H CA . ? A CA 304 ? 1_555 O     ? K HOH . ? A HOH 1155 ? 1_555 140.3 ? 
85  O     ? K HOH . ? A HOH 1154 ? 1_555 CA ? H CA . ? A CA 304 ? 1_555 O     ? K HOH . ? A HOH 1155 ? 1_555 136.9 ? 
86  O     ? K HOH . ? A HOH 1151 ? 1_555 CA ? H CA . ? A CA 304 ? 1_555 O     ? K HOH . ? A HOH 1157 ? 1_555 74.2  ? 
87  O     ? K HOH . ? A HOH 1152 ? 1_555 CA ? H CA . ? A CA 304 ? 1_555 O     ? K HOH . ? A HOH 1157 ? 1_555 75.5  ? 
88  O     ? K HOH . ? A HOH 1154 ? 1_555 CA ? H CA . ? A CA 304 ? 1_555 O     ? K HOH . ? A HOH 1157 ? 1_555 70.2  ? 
89  O     ? K HOH . ? A HOH 1155 ? 1_555 CA ? H CA . ? A CA 304 ? 1_555 O     ? K HOH . ? A HOH 1157 ? 1_555 72.7  ? 
90  O     ? K HOH . ? A HOH 1151 ? 1_555 CA ? H CA . ? A CA 304 ? 1_555 O     ? L HOH . ? B HOH 1150 ? 1_555 84.6  ? 
91  O     ? K HOH . ? A HOH 1152 ? 1_555 CA ? H CA . ? A CA 304 ? 1_555 O     ? L HOH . ? B HOH 1150 ? 1_555 45.8  ? 
92  O     ? K HOH . ? A HOH 1154 ? 1_555 CA ? H CA . ? A CA 304 ? 1_555 O     ? L HOH . ? B HOH 1150 ? 1_555 72.3  ? 
93  O     ? K HOH . ? A HOH 1155 ? 1_555 CA ? H CA . ? A CA 304 ? 1_555 O     ? L HOH . ? B HOH 1150 ? 1_555 148.3 ? 
94  O     ? K HOH . ? A HOH 1157 ? 1_555 CA ? H CA . ? A CA 304 ? 1_555 O     ? L HOH . ? B HOH 1150 ? 1_555 120.7 ? 
95  O     ? K HOH . ? A HOH 1151 ? 1_555 CA ? H CA . ? A CA 304 ? 1_555 O     ? L HOH . ? B HOH 1153 ? 1_555 157.7 ? 
96  O     ? K HOH . ? A HOH 1152 ? 1_555 CA ? H CA . ? A CA 304 ? 1_555 O     ? L HOH . ? B HOH 1153 ? 1_555 121.5 ? 
97  O     ? K HOH . ? A HOH 1154 ? 1_555 CA ? H CA . ? A CA 304 ? 1_555 O     ? L HOH . ? B HOH 1153 ? 1_555 78.3  ? 
98  O     ? K HOH . ? A HOH 1155 ? 1_555 CA ? H CA . ? A CA 304 ? 1_555 O     ? L HOH . ? B HOH 1153 ? 1_555 86.5  ? 
99  O     ? K HOH . ? A HOH 1157 ? 1_555 CA ? H CA . ? A CA 304 ? 1_555 O     ? L HOH . ? B HOH 1153 ? 1_555 98.6  ? 
100 O     ? L HOH . ? B HOH 1150 ? 1_555 CA ? H CA . ? A CA 304 ? 1_555 O     ? L HOH . ? B HOH 1153 ? 1_555 116.6 ? 
101 O     ? K HOH . ? A HOH 1151 ? 1_555 CA ? H CA . ? A CA 304 ? 1_555 O     ? L HOH . ? B HOH 1156 ? 1_555 89.6  ? 
102 O     ? K HOH . ? A HOH 1152 ? 1_555 CA ? H CA . ? A CA 304 ? 1_555 O     ? L HOH . ? B HOH 1156 ? 1_555 119.2 ? 
103 O     ? K HOH . ? A HOH 1154 ? 1_555 CA ? H CA . ? A CA 304 ? 1_555 O     ? L HOH . ? B HOH 1156 ? 1_555 133.9 ? 
104 O     ? K HOH . ? A HOH 1155 ? 1_555 CA ? H CA . ? A CA 304 ? 1_555 O     ? L HOH . ? B HOH 1156 ? 1_555 85.2  ? 
105 O     ? K HOH . ? A HOH 1157 ? 1_555 CA ? H CA . ? A CA 304 ? 1_555 O     ? L HOH . ? B HOH 1156 ? 1_555 155.8 ? 
106 O     ? L HOH . ? B HOH 1150 ? 1_555 CA ? H CA . ? A CA 304 ? 1_555 O     ? L HOH . ? B HOH 1156 ? 1_555 74.2  ? 
107 O     ? L HOH . ? B HOH 1153 ? 1_555 CA ? H CA . ? A CA 304 ? 1_555 O     ? L HOH . ? B HOH 1156 ? 1_555 89.7  ? 
108 O     ? K HOH . ? A HOH 1144 ? 1_555 CA ? G CA . ? A CA 308 ? 1_555 O     ? K HOH . ? A HOH 1145 ? 1_555 74.4  ? 
109 O     ? K HOH . ? A HOH 1144 ? 1_555 CA ? G CA . ? A CA 308 ? 1_555 O     ? K HOH . ? A HOH 1146 ? 1_555 78.3  ? 
110 O     ? K HOH . ? A HOH 1145 ? 1_555 CA ? G CA . ? A CA 308 ? 1_555 O     ? K HOH . ? A HOH 1146 ? 1_555 101.7 ? 
111 O     ? K HOH . ? A HOH 1144 ? 1_555 CA ? G CA . ? A CA 308 ? 1_555 O     ? K HOH . ? A HOH 1147 ? 1_555 152.7 ? 
112 O     ? K HOH . ? A HOH 1145 ? 1_555 CA ? G CA . ? A CA 308 ? 1_555 O     ? K HOH . ? A HOH 1147 ? 1_555 104.2 ? 
113 O     ? K HOH . ? A HOH 1146 ? 1_555 CA ? G CA . ? A CA 308 ? 1_555 O     ? K HOH . ? A HOH 1147 ? 1_555 75.3  ? 
114 O     ? K HOH . ? A HOH 1144 ? 1_555 CA ? G CA . ? A CA 308 ? 1_555 O     ? K HOH . ? A HOH 1148 ? 1_555 98.7  ? 
115 O     ? K HOH . ? A HOH 1145 ? 1_555 CA ? G CA . ? A CA 308 ? 1_555 O     ? K HOH . ? A HOH 1148 ? 1_555 169.3 ? 
116 O     ? K HOH . ? A HOH 1146 ? 1_555 CA ? G CA . ? A CA 308 ? 1_555 O     ? K HOH . ? A HOH 1148 ? 1_555 84.6  ? 
117 O     ? K HOH . ? A HOH 1147 ? 1_555 CA ? G CA . ? A CA 308 ? 1_555 O     ? K HOH . ? A HOH 1148 ? 1_555 85.8  ? 
118 O     ? K HOH . ? A HOH 1144 ? 1_555 CA ? G CA . ? A CA 308 ? 1_555 O     ? K HOH . ? A HOH 1149 ? 1_555 76.1  ? 
119 O     ? K HOH . ? A HOH 1145 ? 1_555 CA ? G CA . ? A CA 308 ? 1_555 O     ? K HOH . ? A HOH 1149 ? 1_555 87.9  ? 
120 O     ? K HOH . ? A HOH 1146 ? 1_555 CA ? G CA . ? A CA 308 ? 1_555 O     ? K HOH . ? A HOH 1149 ? 1_555 149.1 ? 
121 O     ? K HOH . ? A HOH 1147 ? 1_555 CA ? G CA . ? A CA 308 ? 1_555 O     ? K HOH . ? A HOH 1149 ? 1_555 131.2 ? 
122 O     ? K HOH . ? A HOH 1148 ? 1_555 CA ? G CA . ? A CA 308 ? 1_555 O     ? K HOH . ? A HOH 1149 ? 1_555 82.4  ? 
123 OP1   ? B DT  2 ? B DT  12   ? 1_554 CA ? I CA . ? B CA 302 ? 1_555 OP1   B B DA  8 ? B DA  18   ? 1_555 90.7  ? 
124 OP1   ? B DT  2 ? B DT  12   ? 1_554 CA ? I CA . ? B CA 302 ? 1_555 OP1   A B DA  8 ? B DA  18   ? 1_555 90.4  ? 
125 OP1   B B DA  8 ? B DA  18   ? 1_555 CA ? I CA . ? B CA 302 ? 1_555 OP1   A B DA  8 ? B DA  18   ? 1_555 11.2  ? 
126 OP1   ? B DT  2 ? B DT  12   ? 1_554 CA ? I CA . ? B CA 302 ? 1_555 O     ? L HOH . ? B HOH 1119 ? 1_555 79.7  ? 
127 OP1   B B DA  8 ? B DA  18   ? 1_555 CA ? I CA . ? B CA 302 ? 1_555 O     ? L HOH . ? B HOH 1119 ? 1_555 139.2 ? 
128 OP1   A B DA  8 ? B DA  18   ? 1_555 CA ? I CA . ? B CA 302 ? 1_555 O     ? L HOH . ? B HOH 1119 ? 1_555 128.3 ? 
129 OP1   ? B DT  2 ? B DT  12   ? 1_554 CA ? I CA . ? B CA 302 ? 1_555 O     ? L HOH . ? B HOH 1120 ? 1_555 87.7  ? 
130 OP1   B B DA  8 ? B DA  18   ? 1_555 CA ? I CA . ? B CA 302 ? 1_555 O     ? L HOH . ? B HOH 1120 ? 1_555 146.5 ? 
131 OP1   A B DA  8 ? B DA  18   ? 1_555 CA ? I CA . ? B CA 302 ? 1_555 O     ? L HOH . ? B HOH 1120 ? 1_555 157.7 ? 
132 O     ? L HOH . ? B HOH 1119 ? 1_555 CA ? I CA . ? B CA 302 ? 1_555 O     ? L HOH . ? B HOH 1120 ? 1_555 73.2  ? 
133 OP1   ? B DT  2 ? B DT  12   ? 1_554 CA ? I CA . ? B CA 302 ? 1_555 O     ? L HOH . ? B HOH 1121 ? 1_555 92.1  ? 
134 OP1   B B DA  8 ? B DA  18   ? 1_555 CA ? I CA . ? B CA 302 ? 1_555 O     ? L HOH . ? B HOH 1121 ? 1_555 59.9  ? 
135 OP1   A B DA  8 ? B DA  18   ? 1_555 CA ? I CA . ? B CA 302 ? 1_555 O     ? L HOH . ? B HOH 1121 ? 1_555 71.1  ? 
136 O     ? L HOH . ? B HOH 1119 ? 1_555 CA ? I CA . ? B CA 302 ? 1_555 O     ? L HOH . ? B HOH 1121 ? 1_555 158.5 ? 
137 O     ? L HOH . ? B HOH 1120 ? 1_555 CA ? I CA . ? B CA 302 ? 1_555 O     ? L HOH . ? B HOH 1121 ? 1_555 86.7  ? 
138 OP1   ? B DT  2 ? B DT  12   ? 1_554 CA ? I CA . ? B CA 302 ? 1_555 O     ? L HOH . ? B HOH 1122 ? 1_555 107.7 ? 
139 OP1   B B DA  8 ? B DA  18   ? 1_555 CA ? I CA . ? B CA 302 ? 1_555 O     ? L HOH . ? B HOH 1122 ? 1_555 85.1  ? 
140 OP1   A B DA  8 ? B DA  18   ? 1_555 CA ? I CA . ? B CA 302 ? 1_555 O     ? L HOH . ? B HOH 1122 ? 1_555 74.6  ? 
141 O     ? L HOH . ? B HOH 1119 ? 1_555 CA ? I CA . ? B CA 302 ? 1_555 O     ? L HOH . ? B HOH 1122 ? 1_555 61.1  ? 
142 O     ? L HOH . ? B HOH 1120 ? 1_555 CA ? I CA . ? B CA 302 ? 1_555 O     ? L HOH . ? B HOH 1122 ? 1_555 127.1 ? 
143 O     ? L HOH . ? B HOH 1121 ? 1_555 CA ? I CA . ? B CA 302 ? 1_555 O     ? L HOH . ? B HOH 1122 ? 1_555 140.2 ? 
144 OP1   ? B DT  2 ? B DT  12   ? 1_554 CA ? I CA . ? B CA 302 ? 1_555 O     ? L HOH . ? B HOH 1123 ? 1_555 163.8 ? 
145 OP1   B B DA  8 ? B DA  18   ? 1_555 CA ? I CA . ? B CA 302 ? 1_555 O     ? L HOH . ? B HOH 1123 ? 1_555 94.9  ? 
146 OP1   A B DA  8 ? B DA  18   ? 1_555 CA ? I CA . ? B CA 302 ? 1_555 O     ? L HOH . ? B HOH 1123 ? 1_555 98.0  ? 
147 O     ? L HOH . ? B HOH 1119 ? 1_555 CA ? I CA . ? B CA 302 ? 1_555 O     ? L HOH . ? B HOH 1123 ? 1_555 105.3 ? 
148 O     ? L HOH . ? B HOH 1120 ? 1_555 CA ? I CA . ? B CA 302 ? 1_555 O     ? L HOH . ? B HOH 1123 ? 1_555 79.2  ? 
149 O     ? L HOH . ? B HOH 1121 ? 1_555 CA ? I CA . ? B CA 302 ? 1_555 O     ? L HOH . ? B HOH 1123 ? 1_555 77.7  ? 
150 O     ? L HOH . ? B HOH 1122 ? 1_555 CA ? I CA . ? B CA 302 ? 1_555 O     ? L HOH . ? B HOH 1123 ? 1_555 88.0  ? 
151 OP2   ? B DT  2 ? B DT  12   ? 1_554 CA B J CA . ? B CA 303 ? 1_555 "O3'" B B DA  8 ? B DA  18   ? 1_555 87.4  ? 
152 OP2   ? B DT  2 ? B DT  12   ? 1_554 CA B J CA . ? B CA 303 ? 1_555 OP1   ? B DA  9 ? B DA  19   ? 1_555 97.6  ? 
153 "O3'" B B DA  8 ? B DA  18   ? 1_555 CA B J CA . ? B CA 303 ? 1_555 OP1   ? B DA  9 ? B DA  19   ? 1_555 50.1  ? 
154 OP2   ? B DT  2 ? B DT  12   ? 1_554 CA B J CA . ? B CA 303 ? 1_555 O     ? L HOH . ? B HOH 1054 ? 1_554 77.7  ? 
155 "O3'" B B DA  8 ? B DA  18   ? 1_555 CA B J CA . ? B CA 303 ? 1_555 O     ? L HOH . ? B HOH 1054 ? 1_554 92.5  ? 
156 OP1   ? B DA  9 ? B DA  19   ? 1_555 CA B J CA . ? B CA 303 ? 1_555 O     ? L HOH . ? B HOH 1054 ? 1_554 142.6 ? 
157 OP2   ? B DT  2 ? B DT  12   ? 1_554 CA B J CA . ? B CA 303 ? 1_555 O     ? L HOH . ? B HOH 1124 ? 1_555 89.3  ? 
158 "O3'" B B DA  8 ? B DA  18   ? 1_555 CA B J CA . ? B CA 303 ? 1_555 O     ? L HOH . ? B HOH 1124 ? 1_555 145.7 ? 
159 OP1   ? B DA  9 ? B DA  19   ? 1_555 CA B J CA . ? B CA 303 ? 1_555 O     ? L HOH . ? B HOH 1124 ? 1_555 163.6 ? 
160 O     ? L HOH . ? B HOH 1054 ? 1_554 CA B J CA . ? B CA 303 ? 1_555 O     ? L HOH . ? B HOH 1124 ? 1_555 53.5  ? 
161 OP2   ? B DT  2 ? B DT  12   ? 1_554 CA B J CA . ? B CA 303 ? 1_555 O     ? L HOH . ? B HOH 1125 ? 1_555 145.5 ? 
162 "O3'" B B DA  8 ? B DA  18   ? 1_555 CA B J CA . ? B CA 303 ? 1_555 O     ? L HOH . ? B HOH 1125 ? 1_555 74.4  ? 
163 OP1   ? B DA  9 ? B DA  19   ? 1_555 CA B J CA . ? B CA 303 ? 1_555 O     ? L HOH . ? B HOH 1125 ? 1_555 92.8  ? 
164 O     ? L HOH . ? B HOH 1054 ? 1_554 CA B J CA . ? B CA 303 ? 1_555 O     ? L HOH . ? B HOH 1125 ? 1_555 74.3  ? 
165 O     ? L HOH . ? B HOH 1124 ? 1_555 CA B J CA . ? B CA 303 ? 1_555 O     ? L HOH . ? B HOH 1125 ? 1_555 89.9  ? 
166 OP2   ? B DT  2 ? B DT  12   ? 1_554 CA B J CA . ? B CA 303 ? 1_555 O     ? L HOH . ? B HOH 1126 ? 1_555 133.2 ? 
167 "O3'" B B DA  8 ? B DA  18   ? 1_555 CA B J CA . ? B CA 303 ? 1_555 O     ? L HOH . ? B HOH 1126 ? 1_555 121.2 ? 
168 OP1   ? B DA  9 ? B DA  19   ? 1_555 CA B J CA . ? B CA 303 ? 1_555 O     ? L HOH . ? B HOH 1126 ? 1_555 79.7  ? 
169 O     ? L HOH . ? B HOH 1054 ? 1_554 CA B J CA . ? B CA 303 ? 1_555 O     ? L HOH . ? B HOH 1126 ? 1_555 130.3 ? 
170 O     ? L HOH . ? B HOH 1124 ? 1_555 CA B J CA . ? B CA 303 ? 1_555 O     ? L HOH . ? B HOH 1126 ? 1_555 84.8  ? 
171 O     ? L HOH . ? B HOH 1125 ? 1_555 CA B J CA . ? B CA 303 ? 1_555 O     ? L HOH . ? B HOH 1126 ? 1_555 80.9  ? 
172 OP2   ? B DT  2 ? B DT  12   ? 1_554 CA A J CA . ? B CA 303 ? 1_555 OP1   ? B DA  9 ? B DA  19   ? 1_555 102.6 ? 
173 OP2   ? B DT  2 ? B DT  12   ? 1_554 CA A J CA . ? B CA 303 ? 1_555 O     ? L HOH . ? B HOH 1124 ? 1_555 77.2  ? 
174 OP1   ? B DA  9 ? B DA  19   ? 1_555 CA A J CA . ? B CA 303 ? 1_555 O     ? L HOH . ? B HOH 1124 ? 1_555 145.1 ? 
175 OP2   ? B DT  2 ? B DT  12   ? 1_554 CA A J CA . ? B CA 303 ? 1_555 O     ? L HOH . ? B HOH 1125 ? 1_555 103.5 ? 
176 OP1   ? B DA  9 ? B DA  19   ? 1_555 CA A J CA . ? B CA 303 ? 1_555 O     ? L HOH . ? B HOH 1125 ? 1_555 79.1  ? 
177 O     ? L HOH . ? B HOH 1124 ? 1_555 CA A J CA . ? B CA 303 ? 1_555 O     ? L HOH . ? B HOH 1125 ? 1_555 67.3  ? 
178 OP2   ? B DT  2 ? B DT  12   ? 1_554 CA A J CA . ? B CA 303 ? 1_555 O     ? L HOH . ? B HOH 1126 ? 1_555 160.8 ? 
179 OP1   ? B DA  9 ? B DA  19   ? 1_555 CA A J CA . ? B CA 303 ? 1_555 O     ? L HOH . ? B HOH 1126 ? 1_555 94.9  ? 
180 O     ? L HOH . ? B HOH 1124 ? 1_555 CA A J CA . ? B CA 303 ? 1_555 O     ? L HOH . ? B HOH 1126 ? 1_555 83.9  ? 
181 O     ? L HOH . ? B HOH 1125 ? 1_555 CA A J CA . ? B CA 303 ? 1_555 O     ? L HOH . ? B HOH 1126 ? 1_555 71.8  ? 
# 
loop_
_struct_site.id 
_struct_site.pdbx_evidence_code 
_struct_site.pdbx_auth_asym_id 
_struct_site.pdbx_auth_comp_id 
_struct_site.pdbx_auth_seq_id 
_struct_site.pdbx_auth_ins_code 
_struct_site.pdbx_num_residues 
_struct_site.details 
AC1 Software A CA 301 ? 7 'BINDING SITE FOR RESIDUE CA A 301' 
AC2 Software B CA 302 ? 7 'BINDING SITE FOR RESIDUE CA B 302' 
AC3 Software B CA 303 ? 6 'BINDING SITE FOR RESIDUE CA B 303' 
AC4 Software A CA 305 ? 8 'BINDING SITE FOR RESIDUE CA A 305' 
AC5 Software A CA 306 ? 6 'BINDING SITE FOR RESIDUE CA A 306' 
AC6 Software A CA 307 ? 6 'BINDING SITE FOR RESIDUE CA A 307' 
AC7 Software A CA 308 ? 6 'BINDING SITE FOR RESIDUE CA A 308' 
AC8 Software A CA 304 ? 8 'BINDING SITE FOR RESIDUE CA A 304' 
# 
loop_
_struct_site_gen.id 
_struct_site_gen.site_id 
_struct_site_gen.pdbx_num_res 
_struct_site_gen.label_comp_id 
_struct_site_gen.label_asym_id 
_struct_site_gen.label_seq_id 
_struct_site_gen.pdbx_auth_ins_code 
_struct_site_gen.auth_comp_id 
_struct_site_gen.auth_asym_id 
_struct_site_gen.auth_seq_id 
_struct_site_gen.label_atom_id 
_struct_site_gen.label_alt_id 
_struct_site_gen.symmetry 
_struct_site_gen.details 
1  AC1 7 HOH K . ? HOH A 1115 . ? 1_555 ? 
2  AC1 7 HOH K . ? HOH A 1117 . ? 1_555 ? 
3  AC1 7 HOH L . ? HOH B 1112 . ? 1_555 ? 
4  AC1 7 HOH L . ? HOH B 1113 . ? 1_555 ? 
5  AC1 7 HOH L . ? HOH B 1114 . ? 1_555 ? 
6  AC1 7 HOH L . ? HOH B 1116 . ? 1_555 ? 
7  AC1 7 HOH L . ? HOH B 1118 . ? 1_555 ? 
8  AC2 7 DT  B 2 ? DT  B 12   . ? 1_554 ? 
9  AC2 7 DA  B 8 ? DA  B 18   . ? 1_555 ? 
10 AC2 7 HOH L . ? HOH B 1119 . ? 1_555 ? 
11 AC2 7 HOH L . ? HOH B 1120 . ? 1_555 ? 
12 AC2 7 HOH L . ? HOH B 1121 . ? 1_555 ? 
13 AC2 7 HOH L . ? HOH B 1122 . ? 1_555 ? 
14 AC2 7 HOH L . ? HOH B 1123 . ? 1_555 ? 
15 AC3 6 DT  B 2 ? DT  B 12   . ? 1_554 ? 
16 AC3 6 DA  B 8 ? DA  B 18   . ? 1_555 ? 
17 AC3 6 DA  B 9 ? DA  B 19   . ? 1_555 ? 
18 AC3 6 HOH L . ? HOH B 1124 . ? 1_555 ? 
19 AC3 6 HOH L . ? HOH B 1125 . ? 1_555 ? 
20 AC3 6 HOH L . ? HOH B 1126 . ? 1_555 ? 
21 AC4 8 DA  A 8 ? DA  A 8    . ? 1_555 ? 
22 AC4 8 HOH K . ? HOH A 1127 . ? 1_555 ? 
23 AC4 8 HOH K . ? HOH A 1128 . ? 1_555 ? 
24 AC4 8 HOH K . ? HOH A 1129 . ? 1_555 ? 
25 AC4 8 HOH K . ? HOH A 1130 . ? 1_555 ? 
26 AC4 8 HOH K . ? HOH A 1131 . ? 1_555 ? 
27 AC4 8 HOH K . ? HOH A 1132 . ? 1_555 ? 
28 AC4 8 HOH K . ? HOH A 1133 . ? 1_555 ? 
29 AC5 6 DA  A 8 ? DA  A 8    . ? 1_555 ? 
30 AC5 6 HOH K . ? HOH A 1136 . ? 1_555 ? 
31 AC5 6 HOH K . ? HOH A 1137 . ? 1_555 ? 
32 AC5 6 HOH K . ? HOH A 1138 . ? 1_555 ? 
33 AC5 6 HOH L . ? HOH B 1134 . ? 1_555 ? 
34 AC5 6 HOH L . ? HOH B 1135 . ? 1_555 ? 
35 AC6 6 DT  A 4 ? DT  A 4    . ? 1_555 ? 
36 AC6 6 HOH K . ? HOH A 1139 . ? 1_555 ? 
37 AC6 6 HOH K . ? HOH A 1140 . ? 1_555 ? 
38 AC6 6 HOH K . ? HOH A 1141 . ? 1_555 ? 
39 AC6 6 HOH K . ? HOH A 1142 . ? 1_555 ? 
40 AC6 6 HOH K . ? HOH A 1143 . ? 1_555 ? 
41 AC7 6 HOH K . ? HOH A 1144 . ? 1_555 ? 
42 AC7 6 HOH K . ? HOH A 1145 . ? 1_555 ? 
43 AC7 6 HOH K . ? HOH A 1146 . ? 1_555 ? 
44 AC7 6 HOH K . ? HOH A 1147 . ? 1_555 ? 
45 AC7 6 HOH K . ? HOH A 1148 . ? 1_555 ? 
46 AC7 6 HOH K . ? HOH A 1149 . ? 1_555 ? 
47 AC8 8 HOH K . ? HOH A 1151 . ? 1_555 ? 
48 AC8 8 HOH K . ? HOH A 1152 . ? 1_555 ? 
49 AC8 8 HOH K . ? HOH A 1154 . ? 1_555 ? 
50 AC8 8 HOH K . ? HOH A 1155 . ? 1_555 ? 
51 AC8 8 HOH K . ? HOH A 1157 . ? 1_555 ? 
52 AC8 8 HOH L . ? HOH B 1150 . ? 1_555 ? 
53 AC8 8 HOH L . ? HOH B 1153 . ? 1_555 ? 
54 AC8 8 HOH L . ? HOH B 1156 . ? 1_555 ? 
# 
loop_
_pdbx_validate_close_contact.id 
_pdbx_validate_close_contact.PDB_model_num 
_pdbx_validate_close_contact.auth_atom_id_1 
_pdbx_validate_close_contact.auth_asym_id_1 
_pdbx_validate_close_contact.auth_comp_id_1 
_pdbx_validate_close_contact.auth_seq_id_1 
_pdbx_validate_close_contact.PDB_ins_code_1 
_pdbx_validate_close_contact.label_alt_id_1 
_pdbx_validate_close_contact.auth_atom_id_2 
_pdbx_validate_close_contact.auth_asym_id_2 
_pdbx_validate_close_contact.auth_comp_id_2 
_pdbx_validate_close_contact.auth_seq_id_2 
_pdbx_validate_close_contact.PDB_ins_code_2 
_pdbx_validate_close_contact.label_alt_id_2 
_pdbx_validate_close_contact.dist 
1 1 O A HOH 1142 ? ? O A HOH 1143 ? ? 1.62 
2 1 O A HOH 1128 ? ? O A HOH 1133 ? ? 1.79 
3 1 O A HOH 1152 ? ? O A HOH 1154 ? ? 1.99 
4 1 O A HOH 1152 ? ? O B HOH 1150 ? ? 2.03 
5 1 O A HOH 1127 ? ? O A HOH 1133 ? ? 2.04 
6 1 O A HOH 1138 ? ? O B HOH 1135 ? ? 2.17 
# 
loop_
_pdbx_validate_rmsd_angle.id 
_pdbx_validate_rmsd_angle.PDB_model_num 
_pdbx_validate_rmsd_angle.auth_atom_id_1 
_pdbx_validate_rmsd_angle.auth_asym_id_1 
_pdbx_validate_rmsd_angle.auth_comp_id_1 
_pdbx_validate_rmsd_angle.auth_seq_id_1 
_pdbx_validate_rmsd_angle.PDB_ins_code_1 
_pdbx_validate_rmsd_angle.label_alt_id_1 
_pdbx_validate_rmsd_angle.auth_atom_id_2 
_pdbx_validate_rmsd_angle.auth_asym_id_2 
_pdbx_validate_rmsd_angle.auth_comp_id_2 
_pdbx_validate_rmsd_angle.auth_seq_id_2 
_pdbx_validate_rmsd_angle.PDB_ins_code_2 
_pdbx_validate_rmsd_angle.label_alt_id_2 
_pdbx_validate_rmsd_angle.auth_atom_id_3 
_pdbx_validate_rmsd_angle.auth_asym_id_3 
_pdbx_validate_rmsd_angle.auth_comp_id_3 
_pdbx_validate_rmsd_angle.auth_seq_id_3 
_pdbx_validate_rmsd_angle.PDB_ins_code_3 
_pdbx_validate_rmsd_angle.label_alt_id_3 
_pdbx_validate_rmsd_angle.angle_value 
_pdbx_validate_rmsd_angle.angle_target_value 
_pdbx_validate_rmsd_angle.angle_deviation 
_pdbx_validate_rmsd_angle.angle_standard_deviation 
_pdbx_validate_rmsd_angle.linker_flag 
1 1 "O4'" A DC 1  ? ? "C4'" A DC 1  ? ? "C3'" A DC 1  ? ? 102.02 104.50 -2.48 0.40 N 
2 1 "C3'" B DA 16 ? ? "C2'" B DA 16 ? ? "C1'" B DA 16 ? ? 96.61  102.40 -5.79 0.80 N 
# 
loop_
_pdbx_validate_planes.id 
_pdbx_validate_planes.PDB_model_num 
_pdbx_validate_planes.auth_comp_id 
_pdbx_validate_planes.auth_asym_id 
_pdbx_validate_planes.auth_seq_id 
_pdbx_validate_planes.PDB_ins_code 
_pdbx_validate_planes.label_alt_id 
_pdbx_validate_planes.rmsd 
_pdbx_validate_planes.type 
1 1 DT A 3  ? ? 0.073 'SIDE CHAIN' 
2 1 DT A 4  ? ? 0.077 'SIDE CHAIN' 
3 1 DT A 5  ? ? 0.088 'SIDE CHAIN' 
4 1 DA A 7  ? ? 0.078 'SIDE CHAIN' 
5 1 DC B 11 ? ? 0.059 'SIDE CHAIN' 
6 1 DT B 13 ? ? 0.063 'SIDE CHAIN' 
7 1 DT B 14 ? ? 0.065 'SIDE CHAIN' 
8 1 DT B 15 ? ? 0.080 'SIDE CHAIN' 
# 
loop_
_chem_comp_atom.comp_id 
_chem_comp_atom.atom_id 
_chem_comp_atom.type_symbol 
_chem_comp_atom.pdbx_aromatic_flag 
_chem_comp_atom.pdbx_stereo_config 
_chem_comp_atom.pdbx_ordinal 
CA  CA     CA N N 1   
DA  OP3    O  N N 2   
DA  P      P  N N 3   
DA  OP1    O  N N 4   
DA  OP2    O  N N 5   
DA  "O5'"  O  N N 6   
DA  "C5'"  C  N N 7   
DA  "C4'"  C  N R 8   
DA  "O4'"  O  N N 9   
DA  "C3'"  C  N S 10  
DA  "O3'"  O  N N 11  
DA  "C2'"  C  N N 12  
DA  "C1'"  C  N R 13  
DA  N9     N  Y N 14  
DA  C8     C  Y N 15  
DA  N7     N  Y N 16  
DA  C5     C  Y N 17  
DA  C6     C  Y N 18  
DA  N6     N  N N 19  
DA  N1     N  Y N 20  
DA  C2     C  Y N 21  
DA  N3     N  Y N 22  
DA  C4     C  Y N 23  
DA  HOP3   H  N N 24  
DA  HOP2   H  N N 25  
DA  "H5'"  H  N N 26  
DA  "H5''" H  N N 27  
DA  "H4'"  H  N N 28  
DA  "H3'"  H  N N 29  
DA  "HO3'" H  N N 30  
DA  "H2'"  H  N N 31  
DA  "H2''" H  N N 32  
DA  "H1'"  H  N N 33  
DA  H8     H  N N 34  
DA  H61    H  N N 35  
DA  H62    H  N N 36  
DA  H2     H  N N 37  
DC  OP3    O  N N 38  
DC  P      P  N N 39  
DC  OP1    O  N N 40  
DC  OP2    O  N N 41  
DC  "O5'"  O  N N 42  
DC  "C5'"  C  N N 43  
DC  "C4'"  C  N R 44  
DC  "O4'"  O  N N 45  
DC  "C3'"  C  N S 46  
DC  "O3'"  O  N N 47  
DC  "C2'"  C  N N 48  
DC  "C1'"  C  N R 49  
DC  N1     N  N N 50  
DC  C2     C  N N 51  
DC  O2     O  N N 52  
DC  N3     N  N N 53  
DC  C4     C  N N 54  
DC  N4     N  N N 55  
DC  C5     C  N N 56  
DC  C6     C  N N 57  
DC  HOP3   H  N N 58  
DC  HOP2   H  N N 59  
DC  "H5'"  H  N N 60  
DC  "H5''" H  N N 61  
DC  "H4'"  H  N N 62  
DC  "H3'"  H  N N 63  
DC  "HO3'" H  N N 64  
DC  "H2'"  H  N N 65  
DC  "H2''" H  N N 66  
DC  "H1'"  H  N N 67  
DC  H41    H  N N 68  
DC  H42    H  N N 69  
DC  H5     H  N N 70  
DC  H6     H  N N 71  
DG  OP3    O  N N 72  
DG  P      P  N N 73  
DG  OP1    O  N N 74  
DG  OP2    O  N N 75  
DG  "O5'"  O  N N 76  
DG  "C5'"  C  N N 77  
DG  "C4'"  C  N R 78  
DG  "O4'"  O  N N 79  
DG  "C3'"  C  N S 80  
DG  "O3'"  O  N N 81  
DG  "C2'"  C  N N 82  
DG  "C1'"  C  N R 83  
DG  N9     N  Y N 84  
DG  C8     C  Y N 85  
DG  N7     N  Y N 86  
DG  C5     C  Y N 87  
DG  C6     C  N N 88  
DG  O6     O  N N 89  
DG  N1     N  N N 90  
DG  C2     C  N N 91  
DG  N2     N  N N 92  
DG  N3     N  N N 93  
DG  C4     C  Y N 94  
DG  HOP3   H  N N 95  
DG  HOP2   H  N N 96  
DG  "H5'"  H  N N 97  
DG  "H5''" H  N N 98  
DG  "H4'"  H  N N 99  
DG  "H3'"  H  N N 100 
DG  "HO3'" H  N N 101 
DG  "H2'"  H  N N 102 
DG  "H2''" H  N N 103 
DG  "H1'"  H  N N 104 
DG  H8     H  N N 105 
DG  H1     H  N N 106 
DG  H21    H  N N 107 
DG  H22    H  N N 108 
DT  OP3    O  N N 109 
DT  P      P  N N 110 
DT  OP1    O  N N 111 
DT  OP2    O  N N 112 
DT  "O5'"  O  N N 113 
DT  "C5'"  C  N N 114 
DT  "C4'"  C  N R 115 
DT  "O4'"  O  N N 116 
DT  "C3'"  C  N S 117 
DT  "O3'"  O  N N 118 
DT  "C2'"  C  N N 119 
DT  "C1'"  C  N R 120 
DT  N1     N  N N 121 
DT  C2     C  N N 122 
DT  O2     O  N N 123 
DT  N3     N  N N 124 
DT  C4     C  N N 125 
DT  O4     O  N N 126 
DT  C5     C  N N 127 
DT  C7     C  N N 128 
DT  C6     C  N N 129 
DT  HOP3   H  N N 130 
DT  HOP2   H  N N 131 
DT  "H5'"  H  N N 132 
DT  "H5''" H  N N 133 
DT  "H4'"  H  N N 134 
DT  "H3'"  H  N N 135 
DT  "HO3'" H  N N 136 
DT  "H2'"  H  N N 137 
DT  "H2''" H  N N 138 
DT  "H1'"  H  N N 139 
DT  H3     H  N N 140 
DT  H71    H  N N 141 
DT  H72    H  N N 142 
DT  H73    H  N N 143 
DT  H6     H  N N 144 
HOH O      O  N N 145 
HOH H1     H  N N 146 
HOH H2     H  N N 147 
# 
loop_
_chem_comp_bond.comp_id 
_chem_comp_bond.atom_id_1 
_chem_comp_bond.atom_id_2 
_chem_comp_bond.value_order 
_chem_comp_bond.pdbx_aromatic_flag 
_chem_comp_bond.pdbx_stereo_config 
_chem_comp_bond.pdbx_ordinal 
DA  OP3   P      sing N N 1   
DA  OP3   HOP3   sing N N 2   
DA  P     OP1    doub N N 3   
DA  P     OP2    sing N N 4   
DA  P     "O5'"  sing N N 5   
DA  OP2   HOP2   sing N N 6   
DA  "O5'" "C5'"  sing N N 7   
DA  "C5'" "C4'"  sing N N 8   
DA  "C5'" "H5'"  sing N N 9   
DA  "C5'" "H5''" sing N N 10  
DA  "C4'" "O4'"  sing N N 11  
DA  "C4'" "C3'"  sing N N 12  
DA  "C4'" "H4'"  sing N N 13  
DA  "O4'" "C1'"  sing N N 14  
DA  "C3'" "O3'"  sing N N 15  
DA  "C3'" "C2'"  sing N N 16  
DA  "C3'" "H3'"  sing N N 17  
DA  "O3'" "HO3'" sing N N 18  
DA  "C2'" "C1'"  sing N N 19  
DA  "C2'" "H2'"  sing N N 20  
DA  "C2'" "H2''" sing N N 21  
DA  "C1'" N9     sing N N 22  
DA  "C1'" "H1'"  sing N N 23  
DA  N9    C8     sing Y N 24  
DA  N9    C4     sing Y N 25  
DA  C8    N7     doub Y N 26  
DA  C8    H8     sing N N 27  
DA  N7    C5     sing Y N 28  
DA  C5    C6     sing Y N 29  
DA  C5    C4     doub Y N 30  
DA  C6    N6     sing N N 31  
DA  C6    N1     doub Y N 32  
DA  N6    H61    sing N N 33  
DA  N6    H62    sing N N 34  
DA  N1    C2     sing Y N 35  
DA  C2    N3     doub Y N 36  
DA  C2    H2     sing N N 37  
DA  N3    C4     sing Y N 38  
DC  OP3   P      sing N N 39  
DC  OP3   HOP3   sing N N 40  
DC  P     OP1    doub N N 41  
DC  P     OP2    sing N N 42  
DC  P     "O5'"  sing N N 43  
DC  OP2   HOP2   sing N N 44  
DC  "O5'" "C5'"  sing N N 45  
DC  "C5'" "C4'"  sing N N 46  
DC  "C5'" "H5'"  sing N N 47  
DC  "C5'" "H5''" sing N N 48  
DC  "C4'" "O4'"  sing N N 49  
DC  "C4'" "C3'"  sing N N 50  
DC  "C4'" "H4'"  sing N N 51  
DC  "O4'" "C1'"  sing N N 52  
DC  "C3'" "O3'"  sing N N 53  
DC  "C3'" "C2'"  sing N N 54  
DC  "C3'" "H3'"  sing N N 55  
DC  "O3'" "HO3'" sing N N 56  
DC  "C2'" "C1'"  sing N N 57  
DC  "C2'" "H2'"  sing N N 58  
DC  "C2'" "H2''" sing N N 59  
DC  "C1'" N1     sing N N 60  
DC  "C1'" "H1'"  sing N N 61  
DC  N1    C2     sing N N 62  
DC  N1    C6     sing N N 63  
DC  C2    O2     doub N N 64  
DC  C2    N3     sing N N 65  
DC  N3    C4     doub N N 66  
DC  C4    N4     sing N N 67  
DC  C4    C5     sing N N 68  
DC  N4    H41    sing N N 69  
DC  N4    H42    sing N N 70  
DC  C5    C6     doub N N 71  
DC  C5    H5     sing N N 72  
DC  C6    H6     sing N N 73  
DG  OP3   P      sing N N 74  
DG  OP3   HOP3   sing N N 75  
DG  P     OP1    doub N N 76  
DG  P     OP2    sing N N 77  
DG  P     "O5'"  sing N N 78  
DG  OP2   HOP2   sing N N 79  
DG  "O5'" "C5'"  sing N N 80  
DG  "C5'" "C4'"  sing N N 81  
DG  "C5'" "H5'"  sing N N 82  
DG  "C5'" "H5''" sing N N 83  
DG  "C4'" "O4'"  sing N N 84  
DG  "C4'" "C3'"  sing N N 85  
DG  "C4'" "H4'"  sing N N 86  
DG  "O4'" "C1'"  sing N N 87  
DG  "C3'" "O3'"  sing N N 88  
DG  "C3'" "C2'"  sing N N 89  
DG  "C3'" "H3'"  sing N N 90  
DG  "O3'" "HO3'" sing N N 91  
DG  "C2'" "C1'"  sing N N 92  
DG  "C2'" "H2'"  sing N N 93  
DG  "C2'" "H2''" sing N N 94  
DG  "C1'" N9     sing N N 95  
DG  "C1'" "H1'"  sing N N 96  
DG  N9    C8     sing Y N 97  
DG  N9    C4     sing Y N 98  
DG  C8    N7     doub Y N 99  
DG  C8    H8     sing N N 100 
DG  N7    C5     sing Y N 101 
DG  C5    C6     sing N N 102 
DG  C5    C4     doub Y N 103 
DG  C6    O6     doub N N 104 
DG  C6    N1     sing N N 105 
DG  N1    C2     sing N N 106 
DG  N1    H1     sing N N 107 
DG  C2    N2     sing N N 108 
DG  C2    N3     doub N N 109 
DG  N2    H21    sing N N 110 
DG  N2    H22    sing N N 111 
DG  N3    C4     sing N N 112 
DT  OP3   P      sing N N 113 
DT  OP3   HOP3   sing N N 114 
DT  P     OP1    doub N N 115 
DT  P     OP2    sing N N 116 
DT  P     "O5'"  sing N N 117 
DT  OP2   HOP2   sing N N 118 
DT  "O5'" "C5'"  sing N N 119 
DT  "C5'" "C4'"  sing N N 120 
DT  "C5'" "H5'"  sing N N 121 
DT  "C5'" "H5''" sing N N 122 
DT  "C4'" "O4'"  sing N N 123 
DT  "C4'" "C3'"  sing N N 124 
DT  "C4'" "H4'"  sing N N 125 
DT  "O4'" "C1'"  sing N N 126 
DT  "C3'" "O3'"  sing N N 127 
DT  "C3'" "C2'"  sing N N 128 
DT  "C3'" "H3'"  sing N N 129 
DT  "O3'" "HO3'" sing N N 130 
DT  "C2'" "C1'"  sing N N 131 
DT  "C2'" "H2'"  sing N N 132 
DT  "C2'" "H2''" sing N N 133 
DT  "C1'" N1     sing N N 134 
DT  "C1'" "H1'"  sing N N 135 
DT  N1    C2     sing N N 136 
DT  N1    C6     sing N N 137 
DT  C2    O2     doub N N 138 
DT  C2    N3     sing N N 139 
DT  N3    C4     sing N N 140 
DT  N3    H3     sing N N 141 
DT  C4    O4     doub N N 142 
DT  C4    C5     sing N N 143 
DT  C5    C7     sing N N 144 
DT  C5    C6     doub N N 145 
DT  C7    H71    sing N N 146 
DT  C7    H72    sing N N 147 
DT  C7    H73    sing N N 148 
DT  C6    H6     sing N N 149 
HOH O     H1     sing N N 150 
HOH O     H2     sing N N 151 
# 
_ndb_struct_conf_na.entry_id   1SK5 
_ndb_struct_conf_na.feature    'b-form double helix' 
# 
loop_
_ndb_struct_na_base_pair.model_number 
_ndb_struct_na_base_pair.i_label_asym_id 
_ndb_struct_na_base_pair.i_label_comp_id 
_ndb_struct_na_base_pair.i_label_seq_id 
_ndb_struct_na_base_pair.i_symmetry 
_ndb_struct_na_base_pair.j_label_asym_id 
_ndb_struct_na_base_pair.j_label_comp_id 
_ndb_struct_na_base_pair.j_label_seq_id 
_ndb_struct_na_base_pair.j_symmetry 
_ndb_struct_na_base_pair.shear 
_ndb_struct_na_base_pair.stretch 
_ndb_struct_na_base_pair.stagger 
_ndb_struct_na_base_pair.buckle 
_ndb_struct_na_base_pair.propeller 
_ndb_struct_na_base_pair.opening 
_ndb_struct_na_base_pair.pair_number 
_ndb_struct_na_base_pair.pair_name 
_ndb_struct_na_base_pair.i_auth_asym_id 
_ndb_struct_na_base_pair.i_auth_seq_id 
_ndb_struct_na_base_pair.i_PDB_ins_code 
_ndb_struct_na_base_pair.j_auth_asym_id 
_ndb_struct_na_base_pair.j_auth_seq_id 
_ndb_struct_na_base_pair.j_PDB_ins_code 
_ndb_struct_na_base_pair.hbond_type_28 
_ndb_struct_na_base_pair.hbond_type_12 
1 A DC 1  1_555 B DG 10 1_555 0.175  -0.099 0.149  2.868   -16.366 1.591  1  A_DC1:DG20_B  A 1  ? B 20 ? 19 1 
1 A DT 2  1_555 B DA 9  1_555 -0.084 -0.107 0.073  5.178   -10.515 1.234  2  A_DT2:DA19_B  A 2  ? B 19 ? 20 1 
1 A DT 3  1_555 B DA 8  1_555 -0.037 -0.146 -0.030 2.453   -20.335 2.703  3  A_DT3:DA18_B  A 3  ? B 18 ? 20 1 
1 A DT 4  1_555 B DA 7  1_555 0.013  -0.082 0.028  -5.550  -20.258 4.256  4  A_DT4:DA17_B  A 4  ? B 17 ? 20 1 
1 A DT 5  1_555 B DA 6  1_555 -0.054 -0.145 -0.135 -10.623 -13.143 1.913  5  A_DT5:DA16_B  A 5  ? B 16 ? 20 1 
1 A DA 6  1_555 B DT 5  1_555 0.122  -0.097 -0.235 -0.853  -15.681 3.336  6  A_DA6:DT15_B  A 6  ? B 15 ? 20 1 
1 A DA 7  1_555 B DT 4  1_555 -0.022 -0.108 0.018  -7.571  -20.749 1.530  7  A_DA7:DT14_B  A 7  ? B 14 ? 20 1 
1 A DA 8  1_555 B DT 3  1_555 0.054  -0.125 -0.011 -0.990  -14.321 0.893  8  A_DA8:DT13_B  A 8  ? B 13 ? 20 1 
1 A DA 9  1_555 B DT 2  1_555 0.073  -0.140 0.105  -1.932  -11.859 1.714  9  A_DA9:DT12_B  A 9  ? B 12 ? 20 1 
1 A DG 10 1_555 B DC 1  1_555 -0.193 -0.091 0.166  -1.188  -16.726 -0.278 10 A_DG10:DC11_B A 10 ? B 11 ? 19 1 
# 
loop_
_ndb_struct_na_base_pair_step.model_number 
_ndb_struct_na_base_pair_step.i_label_asym_id_1 
_ndb_struct_na_base_pair_step.i_label_comp_id_1 
_ndb_struct_na_base_pair_step.i_label_seq_id_1 
_ndb_struct_na_base_pair_step.i_symmetry_1 
_ndb_struct_na_base_pair_step.j_label_asym_id_1 
_ndb_struct_na_base_pair_step.j_label_comp_id_1 
_ndb_struct_na_base_pair_step.j_label_seq_id_1 
_ndb_struct_na_base_pair_step.j_symmetry_1 
_ndb_struct_na_base_pair_step.i_label_asym_id_2 
_ndb_struct_na_base_pair_step.i_label_comp_id_2 
_ndb_struct_na_base_pair_step.i_label_seq_id_2 
_ndb_struct_na_base_pair_step.i_symmetry_2 
_ndb_struct_na_base_pair_step.j_label_asym_id_2 
_ndb_struct_na_base_pair_step.j_label_comp_id_2 
_ndb_struct_na_base_pair_step.j_label_seq_id_2 
_ndb_struct_na_base_pair_step.j_symmetry_2 
_ndb_struct_na_base_pair_step.shift 
_ndb_struct_na_base_pair_step.slide 
_ndb_struct_na_base_pair_step.rise 
_ndb_struct_na_base_pair_step.tilt 
_ndb_struct_na_base_pair_step.roll 
_ndb_struct_na_base_pair_step.twist 
_ndb_struct_na_base_pair_step.x_displacement 
_ndb_struct_na_base_pair_step.y_displacement 
_ndb_struct_na_base_pair_step.helical_rise 
_ndb_struct_na_base_pair_step.inclination 
_ndb_struct_na_base_pair_step.tip 
_ndb_struct_na_base_pair_step.helical_twist 
_ndb_struct_na_base_pair_step.step_number 
_ndb_struct_na_base_pair_step.step_name 
_ndb_struct_na_base_pair_step.i_auth_asym_id_1 
_ndb_struct_na_base_pair_step.i_auth_seq_id_1 
_ndb_struct_na_base_pair_step.i_PDB_ins_code_1 
_ndb_struct_na_base_pair_step.j_auth_asym_id_1 
_ndb_struct_na_base_pair_step.j_auth_seq_id_1 
_ndb_struct_na_base_pair_step.j_PDB_ins_code_1 
_ndb_struct_na_base_pair_step.i_auth_asym_id_2 
_ndb_struct_na_base_pair_step.i_auth_seq_id_2 
_ndb_struct_na_base_pair_step.i_PDB_ins_code_2 
_ndb_struct_na_base_pair_step.j_auth_asym_id_2 
_ndb_struct_na_base_pair_step.j_auth_seq_id_2 
_ndb_struct_na_base_pair_step.j_PDB_ins_code_2 
1 A DC 1 1_555 B DG 10 1_555 A DT 2  1_555 B DA 9 1_555 -0.443 -0.364 3.265 1.743  6.805  37.493 -1.407 0.896  3.131 10.474 -2.683 
38.122 1 AA_DC1DT2:DA19DG20_BB  A 1 ? B 20 ? A 2  ? B 19 ? 
1 A DT 2 1_555 B DA 9  1_555 A DT 3  1_555 B DA 8 1_555 -0.351 -0.093 3.247 -0.225 -5.265 37.937 0.516  0.507  3.233 -8.052 0.343  
38.288 2 AA_DT2DT3:DA18DA19_BB  A 2 ? B 19 ? A 3  ? B 18 ? 
1 A DT 3 1_555 B DA 8  1_555 A DT 4  1_555 B DA 7 1_555 -0.194 0.020  3.328 -0.922 1.193  39.437 -0.113 0.176  3.331 1.766  1.366  
39.464 3 AA_DT3DT4:DA17DA18_BB  A 3 ? B 18 ? A 4  ? B 17 ? 
1 A DT 4 1_555 B DA 7  1_555 A DT 5  1_555 B DA 6 1_555 0.126  0.729  3.301 0.842  -3.392 42.444 1.347  -0.089 3.238 -4.676 -1.161 
42.582 4 AA_DT4DT5:DA16DA17_BB  A 4 ? B 17 ? A 5  ? B 16 ? 
1 A DT 5 1_555 B DA 6  1_555 A DA 6  1_555 B DT 5 1_555 0.008  1.160  3.074 -0.322 6.657  28.252 0.877  -0.085 3.256 13.404 0.648  
29.012 5 AA_DT5DA6:DT15DA16_BB  A 5 ? B 16 ? A 6  ? B 15 ? 
1 A DA 6 1_555 B DT 5  1_555 A DA 7  1_555 B DT 4 1_555 -0.077 -0.137 3.244 -2.373 -0.194 35.005 -0.199 -0.226 3.242 -0.322 3.940  
35.083 6 AA_DA6DA7:DT14DT15_BB  A 6 ? B 15 ? A 7  ? B 14 ? 
1 A DA 7 1_555 B DT 4  1_555 A DA 8  1_555 B DT 3 1_555 0.000  -0.146 3.068 3.671  1.091  37.383 -0.360 0.448  3.049 1.696  -5.709 
37.571 7 AA_DA7DA8:DT13DT14_BB  A 7 ? B 14 ? A 8  ? B 13 ? 
1 A DA 8 1_555 B DT 3  1_555 A DA 9  1_555 B DT 2 1_555 0.068  -0.194 3.255 0.407  -6.796 40.425 0.466  -0.052 3.245 -9.751 -0.584 
40.970 8 AA_DA8DA9:DT12DT13_BB  A 8 ? B 13 ? A 9  ? B 12 ? 
1 A DA 9 1_555 B DT 2  1_555 A DG 10 1_555 B DC 1 1_555 0.557  -0.099 3.274 -1.774 4.463  37.513 -0.724 -1.087 3.213 6.905  2.744  
37.808 9 AA_DA9DG10:DC11DT12_BB A 9 ? B 12 ? A 10 ? B 11 ? 
# 
_atom_sites.entry_id                    1SK5 
_atom_sites.fract_transf_matrix[1][1]   -0.03181363 
_atom_sites.fract_transf_matrix[1][2]   -0.01114334 
_atom_sites.fract_transf_matrix[1][3]   -0.02989516 
_atom_sites.fract_transf_matrix[2][1]   -0.01853853 
_atom_sites.fract_transf_matrix[2][2]   0.01586351 
_atom_sites.fract_transf_matrix[2][3]   0.01381512 
_atom_sites.fract_transf_matrix[3][1]   0.00379788 
_atom_sites.fract_transf_matrix[3][2]   0.02599678 
_atom_sites.fract_transf_matrix[3][3]   -0.02475498 
_atom_sites.fract_transf_vector[1]      0.700172 
_atom_sites.fract_transf_vector[2]      0.333034 
_atom_sites.fract_transf_vector[3]      0.278239 
# 
loop_
_atom_type.symbol 
C  
CA 
N  
O  
P  
# 
loop_
_atom_site.group_PDB 
_atom_site.id 
_atom_site.type_symbol 
_atom_site.label_atom_id 
_atom_site.label_alt_id 
_atom_site.label_comp_id 
_atom_site.label_asym_id 
_atom_site.label_entity_id 
_atom_site.label_seq_id 
_atom_site.pdbx_PDB_ins_code 
_atom_site.Cartn_x 
_atom_site.Cartn_y 
_atom_site.Cartn_z 
_atom_site.occupancy 
_atom_site.B_iso_or_equiv 
_atom_site.pdbx_formal_charge 
_atom_site.auth_seq_id 
_atom_site.auth_comp_id 
_atom_site.auth_asym_id 
_atom_site.auth_atom_id 
_atom_site.pdbx_PDB_model_num 
ATOM   1   O  "O5'" . DC  A 1 1  ? 0.983   2.721   17.471  1.00 13.13 ? 1    DC  A "O5'" 1 
ATOM   2   C  "C5'" . DC  A 1 1  ? 2.135   2.639   18.279  1.00 10.49 ? 1    DC  A "C5'" 1 
ATOM   3   C  "C4'" . DC  A 1 1  ? 3.265   1.985   17.544  1.00 8.40  ? 1    DC  A "C4'" 1 
ATOM   4   O  "O4'" . DC  A 1 1  ? 3.038   0.555   17.510  1.00 7.83  ? 1    DC  A "O4'" 1 
ATOM   5   C  "C3'" . DC  A 1 1  ? 3.502   2.305   16.070  1.00 7.79  ? 1    DC  A "C3'" 1 
ATOM   6   O  "O3'" . DC  A 1 1  ? 4.109   3.579   15.972  1.00 8.63  ? 1    DC  A "O3'" 1 
ATOM   7   C  "C2'" . DC  A 1 1  ? 4.364   1.155   15.632  1.00 7.50  ? 1    DC  A "C2'" 1 
ATOM   8   C  "C1'" . DC  A 1 1  ? 3.871   0.005   16.489  1.00 7.36  ? 1    DC  A "C1'" 1 
ATOM   9   N  N1    . DC  A 1 1  ? 3.098   -1.031  15.805  1.00 5.83  ? 1    DC  A N1    1 
ATOM   10  C  C2    . DC  A 1 1  ? 3.821   -1.889  14.956  1.00 5.67  ? 1    DC  A C2    1 
ATOM   11  O  O2    . DC  A 1 1  ? 5.029   -1.674  14.799  1.00 6.56  ? 1    DC  A O2    1 
ATOM   12  N  N3    . DC  A 1 1  ? 3.210   -2.957  14.418  1.00 5.56  ? 1    DC  A N3    1 
ATOM   13  C  C4    . DC  A 1 1  ? 1.920   -3.192  14.633  1.00 5.88  ? 1    DC  A C4    1 
ATOM   14  N  N4    . DC  A 1 1  ? 1.397   -4.285  14.098  1.00 6.83  ? 1    DC  A N4    1 
ATOM   15  C  C5    . DC  A 1 1  ? 1.153   -2.312  15.463  1.00 6.47  ? 1    DC  A C5    1 
ATOM   16  C  C6    . DC  A 1 1  ? 1.775   -1.264  16.014  1.00 6.24  ? 1    DC  A C6    1 
ATOM   17  P  P     . DT  A 1 2  ? 4.013   4.485   14.654  1.00 9.47  ? 2    DT  A P     1 
ATOM   18  O  OP1   . DT  A 1 2  ? 4.462   5.836   15.042  1.00 13.18 ? 2    DT  A OP1   1 
ATOM   19  O  OP2   . DT  A 1 2  ? 2.682   4.344   14.025  1.00 10.89 ? 2    DT  A OP2   1 
ATOM   20  O  "O5'" . DT  A 1 2  ? 5.057   3.846   13.642  1.00 8.31  ? 2    DT  A "O5'" 1 
ATOM   21  C  "C5'" . DT  A 1 2  ? 6.423   3.654   13.976  1.00 7.45  ? 2    DT  A "C5'" 1 
ATOM   22  C  "C4'" . DT  A 1 2  ? 7.123   2.964   12.819  1.00 7.31  ? 2    DT  A "C4'" 1 
ATOM   23  O  "O4'" . DT  A 1 2  ? 6.524   1.674   12.579  1.00 7.49  ? 2    DT  A "O4'" 1 
ATOM   24  C  "C3'" . DT  A 1 2  ? 7.046   3.702   11.487  1.00 7.31  ? 2    DT  A "C3'" 1 
ATOM   25  O  "O3'" . DT  A 1 2  ? 8.321   3.527   10.878  1.00 8.19  ? 2    DT  A "O3'" 1 
ATOM   26  C  "C2'" . DT  A 1 2  ? 5.929   3.003   10.759  1.00 7.38  ? 2    DT  A "C2'" 1 
ATOM   27  C  "C1'" . DT  A 1 2  ? 6.045   1.576   11.239  1.00 7.02  ? 2    DT  A "C1'" 1 
ATOM   28  N  N1    . DT  A 1 2  ? 4.786   0.827   11.259  1.00 6.72  ? 2    DT  A N1    1 
ATOM   29  C  C2    . DT  A 1 2  ? 4.748   -0.422  10.690  1.00 5.97  ? 2    DT  A C2    1 
ATOM   30  O  O2    . DT  A 1 2  ? 5.667   -0.900  10.027  1.00 6.80  ? 2    DT  A O2    1 
ATOM   31  N  N3    . DT  A 1 2  ? 3.607   -1.141  10.919  1.00 5.61  ? 2    DT  A N3    1 
ATOM   32  C  C4    . DT  A 1 2  ? 2.493   -0.730  11.617  1.00 5.76  ? 2    DT  A C4    1 
ATOM   33  O  O4    . DT  A 1 2  ? 1.522   -1.479  11.695  1.00 6.47  ? 2    DT  A O4    1 
ATOM   34  C  C5    . DT  A 1 2  ? 2.588   0.586   12.197  1.00 6.69  ? 2    DT  A C5    1 
ATOM   35  C  C7    . DT  A 1 2  ? 1.402   1.139   12.925  1.00 7.75  ? 2    DT  A C7    1 
ATOM   36  C  C6    . DT  A 1 2  ? 3.723   1.265   12.036  1.00 7.05  ? 2    DT  A C6    1 
ATOM   37  P  P     . DT  A 1 3  ? 8.746   4.215   9.498   1.00 7.52  ? 3    DT  A P     1 
ATOM   38  O  OP1   . DT  A 1 3  ? 10.155  4.674   9.719   1.00 7.83  ? 3    DT  A OP1   1 
ATOM   39  O  OP2   . DT  A 1 3  ? 7.727   5.192   9.025   1.00 8.40  ? 3    DT  A OP2   1 
ATOM   40  O  "O5'" . DT  A 1 3  ? 8.732   3.025   8.450   1.00 7.73  ? 3    DT  A "O5'" 1 
ATOM   41  C  "C5'" . DT  A 1 3  ? 9.535   1.867   8.664   1.00 7.33  ? 3    DT  A "C5'" 1 
ATOM   42  C  "C4'" . DT  A 1 3  ? 9.162   0.805   7.677   1.00 7.13  ? 3    DT  A "C4'" 1 
ATOM   43  O  "O4'" . DT  A 1 3  ? 7.805   0.372   7.940   1.00 6.91  ? 3    DT  A "O4'" 1 
ATOM   44  C  "C3'" . DT  A 1 3  ? 9.185   1.232   6.199   1.00 7.20  ? 3    DT  A "C3'" 1 
ATOM   45  O  "O3'" . DT  A 1 3  ? 9.960   0.236   5.533   1.00 8.01  ? 3    DT  A "O3'" 1 
ATOM   46  C  "C2'" . DT  A 1 3  ? 7.733   1.263   5.791   1.00 6.78  ? 3    DT  A "C2'" 1 
ATOM   47  C  "C1'" . DT  A 1 3  ? 7.122   0.225   6.691   1.00 6.08  ? 3    DT  A "C1'" 1 
ATOM   48  N  N1    . DT  A 1 3  ? 5.694   0.366   7.000   1.00 5.99  ? 3    DT  A N1    1 
ATOM   49  C  C2    . DT  A 1 3  ? 4.885   -0.735  6.857   1.00 4.99  ? 3    DT  A C2    1 
ATOM   50  O  O2    . DT  A 1 3  ? 5.256   -1.773  6.340   1.00 5.87  ? 3    DT  A O2    1 
ATOM   51  N  N3    . DT  A 1 3  ? 3.611   -0.576  7.322   1.00 4.74  ? 3    DT  A N3    1 
ATOM   52  C  C4    . DT  A 1 3  ? 3.082   0.556   7.912   1.00 5.24  ? 3    DT  A C4    1 
ATOM   53  O  O4    . DT  A 1 3  ? 1.939   0.513   8.372   1.00 5.86  ? 3    DT  A O4    1 
ATOM   54  C  C5    . DT  A 1 3  ? 3.954   1.699   7.958   1.00 5.88  ? 3    DT  A C5    1 
ATOM   55  C  C7    . DT  A 1 3  ? 3.390   2.990   8.474   1.00 8.36  ? 3    DT  A C7    1 
ATOM   56  C  C6    . DT  A 1 3  ? 5.212   1.548   7.520   1.00 6.55  ? 3    DT  A C6    1 
ATOM   57  P  P     . DT  A 1 4  ? 10.207  0.276   3.953   1.00 9.03  ? 4    DT  A P     1 
ATOM   58  O  OP1   . DT  A 1 4  ? 11.533  -0.356  3.694   1.00 12.21 ? 4    DT  A OP1   1 
ATOM   59  O  OP2   . DT  A 1 4  ? 9.929   1.618   3.418   1.00 11.65 ? 4    DT  A OP2   1 
ATOM   60  O  "O5'" . DT  A 1 4  ? 9.080   -0.695  3.400   1.00 8.03  ? 4    DT  A "O5'" 1 
ATOM   61  C  "C5'" . DT  A 1 4  ? 9.149   -2.085  3.752   1.00 7.54  ? 4    DT  A "C5'" 1 
ATOM   62  C  "C4'" . DT  A 1 4  ? 8.045   -2.789  3.007   1.00 6.75  ? 4    DT  A "C4'" 1 
ATOM   63  O  "O4'" . DT  A 1 4  ? 6.770   -2.350  3.527   1.00 7.04  ? 4    DT  A "O4'" 1 
ATOM   64  C  "C3'" . DT  A 1 4  ? 8.026   -2.549  1.501   1.00 7.72  ? 4    DT  A "C3'" 1 
ATOM   65  O  "O3'" . DT  A 1 4  ? 8.154   -3.833  0.881   1.00 9.92  ? 4    DT  A "O3'" 1 
ATOM   66  C  "C2'" . DT  A 1 4  ? 6.737   -1.810  1.256   1.00 7.41  ? 4    DT  A "C2'" 1 
ATOM   67  C  "C1'" . DT  A 1 4  ? 5.866   -2.181  2.432   1.00 6.45  ? 4    DT  A "C1'" 1 
ATOM   68  N  N1    . DT  A 1 4  ? 4.895   -1.168  2.878   1.00 6.15  ? 4    DT  A N1    1 
ATOM   69  C  C2    . DT  A 1 4  ? 3.623   -1.586  3.193   1.00 5.51  ? 4    DT  A C2    1 
ATOM   70  O  O2    . DT  A 1 4  ? 3.162   -2.669  2.898   1.00 5.74  ? 4    DT  A O2    1 
ATOM   71  N  N3    . DT  A 1 4  ? 2.835   -0.633  3.777   1.00 5.65  ? 4    DT  A N3    1 
ATOM   72  C  C4    . DT  A 1 4  ? 3.213   0.641   4.116   1.00 6.44  ? 4    DT  A C4    1 
ATOM   73  O  O4    . DT  A 1 4  ? 2.403   1.363   4.690   1.00 7.23  ? 4    DT  A O4    1 
ATOM   74  C  C5    . DT  A 1 4  ? 4.528   1.055   3.685   1.00 6.79  ? 4    DT  A C5    1 
ATOM   75  C  C7    . DT  A 1 4  ? 4.971   2.459   3.947   1.00 9.04  ? 4    DT  A C7    1 
ATOM   76  C  C6    . DT  A 1 4  ? 5.315   0.113   3.145   1.00 6.65  ? 4    DT  A C6    1 
ATOM   77  P  P     . DT  A 1 5  ? 7.921   -4.051  -0.684  1.00 10.75 ? 5    DT  A P     1 
ATOM   78  O  OP1   . DT  A 1 5  ? 8.686   -5.295  -1.037  1.00 16.49 ? 5    DT  A OP1   1 
ATOM   79  O  OP2   . DT  A 1 5  ? 8.166   -2.840  -1.501  1.00 13.45 ? 5    DT  A OP2   1 
ATOM   80  O  "O5'" . DT  A 1 5  ? 6.389   -4.418  -0.785  1.00 9.08  ? 5    DT  A "O5'" 1 
ATOM   81  C  "C5'" . DT  A 1 5  ? 5.892   -5.539  -0.041  1.00 7.96  ? 5    DT  A "C5'" 1 
ATOM   82  C  "C4'" . DT  A 1 5  ? 4.406   -5.581  -0.296  1.00 7.26  ? 5    DT  A "C4'" 1 
ATOM   83  O  "O4'" . DT  A 1 5  ? 3.828   -4.367  0.197   1.00 7.49  ? 5    DT  A "O4'" 1 
ATOM   84  C  "C3'" . DT  A 1 5  ? 4.047   -5.648  -1.780  1.00 6.50  ? 5    DT  A "C3'" 1 
ATOM   85  O  "O3'" . DT  A 1 5  ? 3.424   -6.913  -1.969  1.00 6.38  ? 5    DT  A "O3'" 1 
ATOM   86  C  "C2'" . DT  A 1 5  ? 3.161   -4.459  -2.040  1.00 6.73  ? 5    DT  A "C2'" 1 
ATOM   87  C  "C1'" . DT  A 1 5  ? 2.751   -3.995  -0.667  1.00 6.20  ? 5    DT  A "C1'" 1 
ATOM   88  N  N1    . DT  A 1 5  ? 2.591   -2.540  -0.508  1.00 5.87  ? 5    DT  A N1    1 
ATOM   89  C  C2    . DT  A 1 5  ? 1.488   -2.095  0.163   1.00 5.85  ? 5    DT  A C2    1 
ATOM   90  O  O2    . DT  A 1 5  ? 0.497   -2.780  0.386   1.00 6.79  ? 5    DT  A O2    1 
ATOM   91  N  N3    . DT  A 1 5  ? 1.552   -0.761  0.482   1.00 5.80  ? 5    DT  A N3    1 
ATOM   92  C  C4    . DT  A 1 5  ? 2.586   0.108   0.295   1.00 6.41  ? 5    DT  A C4    1 
ATOM   93  O  O4    . DT  A 1 5  ? 2.551   1.256   0.745   1.00 6.91  ? 5    DT  A O4    1 
ATOM   94  C  C5    . DT  A 1 5  ? 3.709   -0.433  -0.446  1.00 6.63  ? 5    DT  A C5    1 
ATOM   95  C  C7    . DT  A 1 5  ? 4.828   0.486   -0.819  1.00 8.35  ? 5    DT  A C7    1 
ATOM   96  C  C6    . DT  A 1 5  ? 3.668   -1.729  -0.745  1.00 6.19  ? 5    DT  A C6    1 
ATOM   97  P  P     . DA  A 1 6  ? 3.042   -7.480  -3.414  1.00 6.26  ? 6    DA  A P     1 
ATOM   98  O  OP1   . DA  A 1 6  ? 2.946   -8.958  -3.240  1.00 8.19  ? 6    DA  A OP1   1 
ATOM   99  O  OP2   . DA  A 1 6  ? 3.937   -6.971  -4.480  1.00 7.80  ? 6    DA  A OP2   1 
ATOM   100 O  "O5'" . DA  A 1 6  ? 1.588   -6.886  -3.677  1.00 5.71  ? 6    DA  A "O5'" 1 
ATOM   101 C  "C5'" . DA  A 1 6  ? 0.520   -7.190  -2.786  1.00 6.17  ? 6    DA  A "C5'" 1 
ATOM   102 C  "C4'" . DA  A 1 6  ? -0.666  -6.325  -3.118  1.00 5.98  ? 6    DA  A "C4'" 1 
ATOM   103 O  "O4'" . DA  A 1 6  ? -0.380  -4.961  -2.734  1.00 5.74  ? 6    DA  A "O4'" 1 
ATOM   104 C  "C3'" . DA  A 1 6  ? -1.009  -6.266  -4.611  1.00 6.48  ? 6    DA  A "C3'" 1 
ATOM   105 O  "O3'" . DA  A 1 6  ? -2.434  -6.240  -4.718  1.00 6.98  ? 6    DA  A "O3'" 1 
ATOM   106 C  "C2'" . DA  A 1 6  ? -0.420  -4.954  -5.061  1.00 6.35  ? 6    DA  A "C2'" 1 
ATOM   107 C  "C1'" . DA  A 1 6  ? -0.736  -4.107  -3.831  1.00 5.94  ? 6    DA  A "C1'" 1 
ATOM   108 N  N9    . DA  A 1 6  ? -0.016  -2.857  -3.715  1.00 5.58  ? 6    DA  A N9    1 
ATOM   109 C  C8    . DA  A 1 6  ? 1.198   -2.483  -4.223  1.00 6.38  ? 6    DA  A C8    1 
ATOM   110 N  N7    . DA  A 1 6  ? 1.572   -1.291  -3.824  1.00 6.46  ? 6    DA  A N7    1 
ATOM   111 C  C5    . DA  A 1 6  ? 0.531   -0.840  -3.013  1.00 5.79  ? 6    DA  A C5    1 
ATOM   112 C  C6    . DA  A 1 6  ? 0.295   0.370   -2.338  1.00 5.62  ? 6    DA  A C6    1 
ATOM   113 N  N6    . DA  A 1 6  ? 1.144   1.391   -2.305  1.00 6.96  ? 6    DA  A N6    1 
ATOM   114 N  N1    . DA  A 1 6  ? -0.866  0.473   -1.668  1.00 5.71  ? 6    DA  A N1    1 
ATOM   115 C  C2    . DA  A 1 6  ? -1.736  -0.531  -1.672  1.00 5.86  ? 6    DA  A C2    1 
ATOM   116 N  N3    . DA  A 1 6  ? -1.624  -1.734  -2.260  1.00 5.54  ? 6    DA  A N3    1 
ATOM   117 C  C4    . DA  A 1 6  ? -0.465  -1.781  -2.958  1.00 5.11  ? 6    DA  A C4    1 
ATOM   118 P  P     . DA  A 1 7  ? -3.128  -7.094  -5.882  1.00 6.55  ? 7    DA  A P     1 
ATOM   119 O  OP1   . DA  A 1 7  ? -3.269  -8.507  -5.427  1.00 9.16  ? 7    DA  A OP1   1 
ATOM   120 O  OP2   . DA  A 1 7  ? -2.421  -6.834  -7.155  1.00 7.43  ? 7    DA  A OP2   1 
ATOM   121 O  "O5'" . DA  A 1 7  ? -4.576  -6.447  -5.872  1.00 6.09  ? 7    DA  A "O5'" 1 
ATOM   122 C  "C5'" . DA  A 1 7  ? -4.830  -5.193  -6.510  1.00 5.86  ? 7    DA  A "C5'" 1 
ATOM   123 C  "C4'" . DA  A 1 7  ? -5.350  -4.202  -5.514  1.00 5.82  ? 7    DA  A "C4'" 1 
ATOM   124 O  "O4'" . DA  A 1 7  ? -4.282  -3.613  -4.746  1.00 5.65  ? 7    DA  A "O4'" 1 
ATOM   125 C  "C3'" . DA  A 1 7  ? -6.075  -2.991  -6.107  1.00 5.48  ? 7    DA  A "C3'" 1 
ATOM   126 O  "O3'" . DA  A 1 7  ? -7.398  -3.369  -6.426  1.00 6.15  ? 7    DA  A "O3'" 1 
ATOM   127 C  "C2'" . DA  A 1 7  ? -5.993  -1.985  -4.974  1.00 5.62  ? 7    DA  A "C2'" 1 
ATOM   128 C  "C1'" . DA  A 1 7  ? -4.627  -2.265  -4.401  1.00 5.00  ? 7    DA  A "C1'" 1 
ATOM   129 N  N9    . DA  A 1 7  ? -3.571  -1.413  -4.952  1.00 4.88  ? 7    DA  A N9    1 
ATOM   130 C  C8    . DA  A 1 7  ? -2.543  -1.746  -5.798  1.00 4.96  ? 7    DA  A C8    1 
ATOM   131 N  N7    . DA  A 1 7  ? -1.665  -0.794  -5.943  1.00 5.26  ? 7    DA  A N7    1 
ATOM   132 C  C5    . DA  A 1 7  ? -2.162  0.263   -5.165  1.00 4.60  ? 7    DA  A C5    1 
ATOM   133 C  C6    . DA  A 1 7  ? -1.635  1.512   -4.837  1.00 4.55  ? 7    DA  A C6    1 
ATOM   134 N  N6    . DA  A 1 7  ? -0.451  1.963   -5.239  1.00 5.37  ? 7    DA  A N6    1 
ATOM   135 N  N1    . DA  A 1 7  ? -2.374  2.301   -4.015  1.00 4.57  ? 7    DA  A N1    1 
ATOM   136 C  C2    . DA  A 1 7  ? -3.524  1.817   -3.529  1.00 4.71  ? 7    DA  A C2    1 
ATOM   137 N  N3    . DA  A 1 7  ? -4.085  0.626   -3.723  1.00 4.74  ? 7    DA  A N3    1 
ATOM   138 C  C4    . DA  A 1 7  ? -3.344  -0.112  -4.558  1.00 4.44  ? 7    DA  A C4    1 
ATOM   139 P  P     . DA  A 1 8  ? -8.240  -2.588  -7.536  1.00 6.55  ? 8    DA  A P     1 
ATOM   140 O  OP1   . DA  A 1 8  ? -9.496  -3.367  -7.689  1.00 7.67  ? 8    DA  A OP1   1 
ATOM   141 O  OP2   . DA  A 1 8  ? -7.396  -2.295  -8.729  1.00 7.34  ? 8    DA  A OP2   1 
ATOM   142 O  "O5'" . DA  A 1 8  ? -8.550  -1.177  -6.878  1.00 6.80  ? 8    DA  A "O5'" 1 
ATOM   143 C  "C5'" . DA  A 1 8  ? -9.285  -1.120  -5.642  1.00 7.01  ? 8    DA  A "C5'" 1 
ATOM   144 C  "C4'" . DA  A 1 8  ? -9.405  0.330   -5.232  1.00 6.90  ? 8    DA  A "C4'" 1 
ATOM   145 O  "O4'" . DA  A 1 8  ? -8.098  0.919   -5.054  1.00 6.14  ? 8    DA  A "O4'" 1 
ATOM   146 C  "C3'" . DA  A 1 8  ? -10.124 1.252   -6.210  1.00 7.60  ? 8    DA  A "C3'" 1 
ATOM   147 O  "O3'" . DA  A 1 8  ? -10.900 2.144   -5.411  1.00 9.58  ? 8    DA  A "O3'" 1 
ATOM   148 C  "C2'" . DA  A 1 8  ? -9.020  1.938   -6.964  1.00 7.03  ? 8    DA  A "C2'" 1 
ATOM   149 C  "C1'" . DA  A 1 8  ? -7.911  2.027   -5.924  1.00 6.06  ? 8    DA  A "C1'" 1 
ATOM   150 N  N9    . DA  A 1 8  ? -6.562  1.947   -6.484  1.00 5.51  ? 8    DA  A N9    1 
ATOM   151 C  C8    . DA  A 1 8  ? -6.100  1.012   -7.376  1.00 6.39  ? 8    DA  A C8    1 
ATOM   152 N  N7    . DA  A 1 8  ? -4.887  1.229   -7.774  1.00 6.11  ? 8    DA  A N7    1 
ATOM   153 C  C5    . DA  A 1 8  ? -4.516  2.394   -7.115  1.00 4.89  ? 8    DA  A C5    1 
ATOM   154 C  C6    . DA  A 1 8  ? -3.347  3.158   -7.175  1.00 4.67  ? 8    DA  A C6    1 
ATOM   155 N  N6    . DA  A 1 8  ? -2.291  2.831   -7.904  1.00 5.25  ? 8    DA  A N6    1 
ATOM   156 N  N1    . DA  A 1 8  ? -3.314  4.275   -6.419  1.00 4.75  ? 8    DA  A N1    1 
ATOM   157 C  C2    . DA  A 1 8  ? -4.368  4.600   -5.649  1.00 4.71  ? 8    DA  A C2    1 
ATOM   158 N  N3    . DA  A 1 8  ? -5.531  3.957   -5.563  1.00 5.16  ? 8    DA  A N3    1 
ATOM   159 C  C4    . DA  A 1 8  ? -5.543  2.856   -6.317  1.00 4.73  ? 8    DA  A C4    1 
ATOM   160 P  P     . DA  A 1 9  ? -11.704 3.406   -5.929  1.00 11.16 ? 9    DA  A P     1 
ATOM   161 O  OP1   . DA  A 1 9  ? -12.862 3.591   -5.012  1.00 17.03 ? 9    DA  A OP1   1 
ATOM   162 O  OP2   . DA  A 1 9  ? -11.967 3.348   -7.392  1.00 15.76 ? 9    DA  A OP2   1 
ATOM   163 O  "O5'" . DA  A 1 9  ? -10.696 4.620   -5.726  1.00 8.95  ? 9    DA  A "O5'" 1 
ATOM   164 C  "C5'" . DA  A 1 9  ? -10.260 4.908   -4.395  1.00 7.65  ? 9    DA  A "C5'" 1 
ATOM   165 C  "C4'" . DA  A 1 9  ? -9.435  6.159   -4.426  1.00 6.49  ? 9    DA  A "C4'" 1 
ATOM   166 O  "O4'" . DA  A 1 9  ? -8.256  5.903   -5.206  1.00 7.55  ? 9    DA  A "O4'" 1 
ATOM   167 C  "C3'" . DA  A 1 9  ? -10.129 7.355   -5.089  1.00 6.38  ? 9    DA  A "C3'" 1 
ATOM   168 O  "O3'" . DA  A 1 9  ? -9.834  8.476   -4.272  1.00 6.97  ? 9    DA  A "O3'" 1 
ATOM   169 C  "C2'" . DA  A 1 9  ? -9.480  7.466   -6.439  1.00 6.63  ? 9    DA  A "C2'" 1 
ATOM   170 C  "C1'" . DA  A 1 9  ? -8.086  6.924   -6.188  1.00 5.96  ? 9    DA  A "C1'" 1 
ATOM   171 N  N9    . DA  A 1 9  ? -7.447  6.277   -7.316  1.00 5.48  ? 9    DA  A N9    1 
ATOM   172 C  C8    . DA  A 1 9  ? -7.934  5.235   -8.062  1.00 5.93  ? 9    DA  A C8    1 
ATOM   173 N  N7    . DA  A 1 9  ? -7.070  4.758   -8.922  1.00 5.95  ? 9    DA  A N7    1 
ATOM   174 C  C5    . DA  A 1 9  ? -5.941  5.528   -8.720  1.00 5.11  ? 9    DA  A C5    1 
ATOM   175 C  C6    . DA  A 1 9  ? -4.655  5.484   -9.300  1.00 4.93  ? 9    DA  A C6    1 
ATOM   176 N  N6    . DA  A 1 9  ? -4.295  4.612   -10.247 1.00 5.93  ? 9    DA  A N6    1 
ATOM   177 N  N1    . DA  A 1 9  ? -3.781  6.429   -8.919  1.00 5.02  ? 9    DA  A N1    1 
ATOM   178 C  C2    . DA  A 1 9  ? -4.124  7.303   -7.952  1.00 5.19  ? 9    DA  A C2    1 
ATOM   179 N  N3    . DA  A 1 9  ? -5.271  7.381   -7.290  1.00 5.12  ? 9    DA  A N3    1 
ATOM   180 C  C4    . DA  A 1 9  ? -6.150  6.466   -7.735  1.00 4.84  ? 9    DA  A C4    1 
ATOM   181 P  P     . DG  A 1 10 ? -10.392 9.943   -4.564  1.00 7.74  ? 10   DG  A P     1 
ATOM   182 O  OP1   . DG  A 1 10 ? -10.439 10.602  -3.222  1.00 9.13  ? 10   DG  A OP1   1 
ATOM   183 O  OP2   . DG  A 1 10 ? -11.631 9.891   -5.391  1.00 9.09  ? 10   DG  A OP2   1 
ATOM   184 O  "O5'" . DG  A 1 10 ? -9.290  10.607  -5.487  1.00 7.13  ? 10   DG  A "O5'" 1 
ATOM   185 C  "C5'" . DG  A 1 10 ? -7.985  10.849  -4.933  1.00 6.63  ? 10   DG  A "C5'" 1 
ATOM   186 C  "C4'" . DG  A 1 10 ? -7.134  11.465  -6.003  1.00 6.86  ? 10   DG  A "C4'" 1 
ATOM   187 O  "O4'" . DG  A 1 10 ? -6.811  10.438  -6.981  1.00 7.63  ? 10   DG  A "O4'" 1 
ATOM   188 C  "C3'" . DG  A 1 10 ? -7.831  12.576  -6.793  1.00 7.81  ? 10   DG  A "C3'" 1 
ATOM   189 O  "O3'" . DG  A 1 10 ? -7.049  13.756  -6.872  1.00 16.95 ? 10   DG  A "O3'" 1 
ATOM   190 C  "C2'" . DG  A 1 10 ? -8.033  11.977  -8.162  1.00 7.07  ? 10   DG  A "C2'" 1 
ATOM   191 C  "C1'" . DG  A 1 10 ? -6.874  11.013  -8.282  1.00 6.15  ? 10   DG  A "C1'" 1 
ATOM   192 N  N9    . DG  A 1 10 ? -7.034  9.920   -9.214  1.00 6.05  ? 10   DG  A N9    1 
ATOM   193 C  C8    . DG  A 1 10 ? -8.140  9.142   -9.421  1.00 6.70  ? 10   DG  A C8    1 
ATOM   194 N  N7    . DG  A 1 10 ? -7.956  8.199   -10.287 1.00 6.59  ? 10   DG  A N7    1 
ATOM   195 C  C5    . DG  A 1 10 ? -6.620  8.317   -10.657 1.00 5.80  ? 10   DG  A C5    1 
ATOM   196 C  C6    . DG  A 1 10 ? -5.830  7.587   -11.598 1.00 6.14  ? 10   DG  A C6    1 
ATOM   197 O  O6    . DG  A 1 10 ? -6.163  6.591   -12.256 1.00 7.42  ? 10   DG  A O6    1 
ATOM   198 N  N1    . DG  A 1 10 ? -4.537  8.088   -11.718 1.00 5.99  ? 10   DG  A N1    1 
ATOM   199 C  C2    . DG  A 1 10 ? -4.061  9.167   -11.010 1.00 6.09  ? 10   DG  A C2    1 
ATOM   200 N  N2    . DG  A 1 10 ? -2.783  9.484   -11.253 1.00 6.97  ? 10   DG  A N2    1 
ATOM   201 N  N3    . DG  A 1 10 ? -4.766  9.836   -10.105 1.00 6.00  ? 10   DG  A N3    1 
ATOM   202 C  C4    . DG  A 1 10 ? -6.043  9.394   -10.022 1.00 5.83  ? 10   DG  A C4    1 
ATOM   203 O  "O5'" . DC  B 1 1  ? 2.931   4.762   -15.583 1.00 33.56 ? 11   DC  B "O5'" 1 
ATOM   204 C  "C5'" . DC  B 1 1  ? 3.246   5.733   -16.587 1.00 16.93 ? 11   DC  B "C5'" 1 
ATOM   205 C  "C4'" . DC  B 1 1  ? 2.468   7.016   -16.349 1.00 13.44 ? 11   DC  B "C4'" 1 
ATOM   206 O  "O4'" . DC  B 1 1  ? 1.043   6.685   -16.246 1.00 11.79 ? 11   DC  B "O4'" 1 
ATOM   207 C  "C3'" . DC  B 1 1  ? 2.818   7.873   -15.134 1.00 10.90 ? 11   DC  B "C3'" 1 
ATOM   208 O  "O3'" . DC  B 1 1  ? 2.850   9.272   -15.419 1.00 11.03 ? 11   DC  B "O3'" 1 
ATOM   209 C  "C2'" . DC  B 1 1  ? 1.686   7.544   -14.167 1.00 10.02 ? 11   DC  B "C2'" 1 
ATOM   210 C  "C1'" . DC  B 1 1  ? 0.518   7.335   -15.097 1.00 9.62  ? 11   DC  B "C1'" 1 
ATOM   211 N  N1    . DC  B 1 1  ? -0.646  6.551   -14.636 1.00 9.12  ? 11   DC  B N1    1 
ATOM   212 C  C2    . DC  B 1 1  ? -1.546  7.201   -13.778 1.00 7.66  ? 11   DC  B C2    1 
ATOM   213 O  O2    . DC  B 1 1  ? -1.280  8.354   -13.422 1.00 8.46  ? 11   DC  B O2    1 
ATOM   214 N  N3    . DC  B 1 1  ? -2.716  6.606   -13.489 1.00 7.40  ? 11   DC  B N3    1 
ATOM   215 C  C4    . DC  B 1 1  ? -2.989  5.373   -13.900 1.00 8.36  ? 11   DC  B C4    1 
ATOM   216 N  N4    . DC  B 1 1  ? -4.177  4.860   -13.591 1.00 8.88  ? 11   DC  B N4    1 
ATOM   217 C  C5    . DC  B 1 1  ? -2.058  4.657   -14.707 1.00 9.31  ? 11   DC  B C5    1 
ATOM   218 C  C6    . DC  B 1 1  ? -0.921  5.284   -15.052 1.00 9.82  ? 11   DC  B C6    1 
ATOM   219 P  P     . DT  B 1 2  ? 3.628   10.402  -14.570 1.00 10.76 ? 12   DT  B P     1 
ATOM   220 O  OP1   . DT  B 1 2  ? 3.120   11.709  -15.093 1.00 12.98 ? 12   DT  B OP1   1 
ATOM   221 O  OP2   . DT  B 1 2  ? 5.070   10.089  -14.569 1.00 13.04 ? 12   DT  B OP2   1 
ATOM   222 O  "O5'" . DT  B 1 2  ? 3.032   10.220  -13.117 1.00 13.42 ? 12   DT  B "O5'" 1 
ATOM   223 C  "C5'" . DT  B 1 2  ? 3.861   9.840   -12.021 1.00 8.77  ? 12   DT  B "C5'" 1 
ATOM   224 C  "C4'" . DT  B 1 2  ? 3.129   10.326  -10.795 1.00 7.39  ? 12   DT  B "C4'" 1 
ATOM   225 O  "O4'" . DT  B 1 2  ? 1.812   9.718   -10.741 1.00 8.60  ? 12   DT  B "O4'" 1 
ATOM   226 C  "C3'" . DT  B 1 2  ? 3.800   10.010  -9.470  1.00 8.42  ? 12   DT  B "C3'" 1 
ATOM   227 O  "O3'" . DT  B 1 2  ? 3.666   11.172  -8.666  1.00 9.72  ? 12   DT  B "O3'" 1 
ATOM   228 C  "C2'" . DT  B 1 2  ? 3.050   8.797   -8.962  1.00 8.30  ? 12   DT  B "C2'" 1 
ATOM   229 C  "C1'" . DT  B 1 2  ? 1.649   9.009   -9.511  1.00 7.67  ? 12   DT  B "C1'" 1 
ATOM   230 N  N1    . DT  B 1 2  ? 0.873   7.801   -9.827  1.00 6.97  ? 12   DT  B N1    1 
ATOM   231 C  C2    . DT  B 1 2  ? -0.436  7.734   -9.406  1.00 5.71  ? 12   DT  B C2    1 
ATOM   232 O  O2    . DT  B 1 2  ? -0.953  8.586   -8.697  1.00 6.13  ? 12   DT  B O2    1 
ATOM   233 N  N3    . DT  B 1 2  ? -1.124  6.616   -9.798  1.00 5.67  ? 12   DT  B N3    1 
ATOM   234 C  C4    . DT  B 1 2  ? -0.650  5.584   -10.585 1.00 6.04  ? 12   DT  B C4    1 
ATOM   235 O  O4    . DT  B 1 2  ? -1.398  4.676   -10.885 1.00 6.44  ? 12   DT  B O4    1 
ATOM   236 C  C5    . DT  B 1 2  ? 0.735   5.710   -10.987 1.00 7.86  ? 12   DT  B C5    1 
ATOM   237 C  C7    . DT  B 1 2  ? 1.320   4.593   -11.791 1.00 9.82  ? 12   DT  B C7    1 
ATOM   238 C  C6    . DT  B 1 2  ? 1.405   6.812   -10.628 1.00 8.17  ? 12   DT  B C6    1 
ATOM   239 P  P     . DT  B 1 3  ? 4.034   11.222  -7.117  1.00 10.68 ? 13   DT  B P     1 
ATOM   240 O  OP1   . DT  B 1 3  ? 4.519   12.606  -6.863  1.00 13.88 ? 13   DT  B OP1   1 
ATOM   241 O  OP2   . DT  B 1 3  ? 4.875   10.071  -6.736  1.00 13.21 ? 13   DT  B OP2   1 
ATOM   242 O  "O5'" . DT  B 1 3  ? 2.640   11.010  -6.383  1.00 9.99  ? 13   DT  B "O5'" 1 
ATOM   243 C  "C5'" . DT  B 1 3  ? 1.586   11.962  -6.569  1.00 9.43  ? 13   DT  B "C5'" 1 
ATOM   244 C  "C4'" . DT  B 1 3  ? 0.411   11.548  -5.733  1.00 8.75  ? 13   DT  B "C4'" 1 
ATOM   245 O  "O4'" . DT  B 1 3  ? -0.082  10.281  -6.205  1.00 8.47  ? 13   DT  B "O4'" 1 
ATOM   246 C  "C3'" . DT  B 1 3  ? 0.730   11.344  -4.254  1.00 8.68  ? 13   DT  B "C3'" 1 
ATOM   247 O  "O3'" . DT  B 1 3  ? -0.148  12.134  -3.475  1.00 10.73 ? 13   DT  B "O3'" 1 
ATOM   248 C  "C2'" . DT  B 1 3  ? 0.560   9.857   -4.009  1.00 7.44  ? 13   DT  B "C2'" 1 
ATOM   249 C  "C1'" . DT  B 1 3  ? -0.386  9.441   -5.107  1.00 6.80  ? 13   DT  B "C1'" 1 
ATOM   250 N  N1    . DT  B 1 3  ? -0.215  8.060   -5.587  1.00 5.90  ? 13   DT  B N1    1 
ATOM   251 C  C2    . DT  B 1 3  ? -1.321  7.244   -5.683  1.00 5.48  ? 13   DT  B C2    1 
ATOM   252 O  O2    . DT  B 1 3  ? -2.411  7.546   -5.236  1.00 5.94  ? 13   DT  B O2    1 
ATOM   253 N  N3    . DT  B 1 3  ? -1.094  6.037   -6.290  1.00 5.03  ? 13   DT  B N3    1 
ATOM   254 C  C4    . DT  B 1 3  ? 0.099   5.570   -6.794  1.00 5.64  ? 13   DT  B C4    1 
ATOM   255 O  O4    . DT  B 1 3  ? 0.124   4.484   -7.370  1.00 6.19  ? 13   DT  B O4    1 
ATOM   256 C  C5    . DT  B 1 3  ? 1.237   6.449   -6.595  1.00 6.26  ? 13   DT  B C5    1 
ATOM   257 C  C7    . DT  B 1 3  ? 2.571   5.920   -7.013  1.00 8.09  ? 13   DT  B C7    1 
ATOM   258 C  C6    . DT  B 1 3  ? 1.025   7.655   -6.042  1.00 6.40  ? 13   DT  B C6    1 
ATOM   259 P  P     . DT  B 1 4  ? -0.188  12.079  -1.881  1.00 13.85 ? 14   DT  B P     1 
ATOM   260 O  OP1   . DT  B 1 4  ? -0.632  13.434  -1.431  1.00 19.39 ? 14   DT  B OP1   1 
ATOM   261 O  OP2   . DT  B 1 4  ? 1.064   11.576  -1.246  1.00 17.40 ? 14   DT  B OP2   1 
ATOM   262 O  "O5'" . DT  B 1 4  ? -1.332  11.026  -1.566  1.00 11.11 ? 14   DT  B "O5'" 1 
ATOM   263 C  "C5'" . DT  B 1 4  ? -2.657  11.249  -2.069  1.00 10.44 ? 14   DT  B "C5'" 1 
ATOM   264 C  "C4'" . DT  B 1 4  ? -3.490  10.044  -1.678  1.00 8.76  ? 14   DT  B "C4'" 1 
ATOM   265 O  "O4'" . DT  B 1 4  ? -3.009  8.889   -2.378  1.00 7.82  ? 14   DT  B "O4'" 1 
ATOM   266 C  "C3'" . DT  B 1 4  ? -3.477  9.679   -0.194  1.00 8.16  ? 14   DT  B "C3'" 1 
ATOM   267 O  "O3'" . DT  B 1 4  ? -4.816  9.778   0.290   1.00 9.31  ? 14   DT  B "O3'" 1 
ATOM   268 C  "C2'" . DT  B 1 4  ? -2.936  8.278   -0.122  1.00 7.42  ? 14   DT  B "C2'" 1 
ATOM   269 C  "C1'" . DT  B 1 4  ? -3.112  7.743   -1.524  1.00 6.54  ? 14   DT  B "C1'" 1 
ATOM   270 N  N1    . DT  B 1 4  ? -2.105  6.788   -1.988  1.00 5.87  ? 14   DT  B N1    1 
ATOM   271 C  C2    . DT  B 1 4  ? -2.531  5.605   -2.526  1.00 5.10  ? 14   DT  B C2    1 
ATOM   272 O  O2    . DT  B 1 4  ? -3.672  5.196   -2.490  1.00 5.58  ? 14   DT  B O2    1 
ATOM   273 N  N3    . DT  B 1 4  ? -1.533  4.857   -3.103  1.00 5.05  ? 14   DT  B N3    1 
ATOM   274 C  C4    . DT  B 1 4  ? -0.203  5.159   -3.198  1.00 5.57  ? 14   DT  B C4    1 
ATOM   275 O  O4    . DT  B 1 4  ? 0.566   4.391   -3.779  1.00 5.96  ? 14   DT  B O4    1 
ATOM   276 C  C5    . DT  B 1 4  ? 0.192   6.382   -2.548  1.00 6.21  ? 14   DT  B C5    1 
ATOM   277 C  C7    . DT  B 1 4  ? 1.639   6.718   -2.473  1.00 8.30  ? 14   DT  B C7    1 
ATOM   278 C  C6    . DT  B 1 4  ? -0.771  7.140   -2.003  1.00 6.35  ? 14   DT  B C6    1 
ATOM   279 P  P     . DT  B 1 5  ? -5.192  9.466   1.825   1.00 10.34 ? 15   DT  B P     1 
ATOM   280 O  OP1   . DT  B 1 5  ? -6.428  10.255  2.125   1.00 14.77 ? 15   DT  B OP1   1 
ATOM   281 O  OP2   . DT  B 1 5  ? -4.028  9.652   2.719   1.00 13.56 ? 15   DT  B OP2   1 
ATOM   282 O  "O5'" . DT  B 1 5  ? -5.518  7.916   1.804   1.00 9.32  ? 15   DT  B "O5'" 1 
ATOM   283 C  "C5'" . DT  B 1 5  ? -6.578  7.385   1.025   1.00 8.37  ? 15   DT  B "C5'" 1 
ATOM   284 C  "C4'" . DT  B 1 5  ? -6.485  5.884   1.041   1.00 7.58  ? 15   DT  B "C4'" 1 
ATOM   285 O  "O4'" . DT  B 1 5  ? -5.254  5.464   0.431   1.00 6.98  ? 15   DT  B "O4'" 1 
ATOM   286 C  "C3'" . DT  B 1 5  ? -6.506  5.249   2.436   1.00 7.64  ? 15   DT  B "C3'" 1 
ATOM   287 O  "O3'" . DT  B 1 5  ? -7.789  4.673   2.604   1.00 7.86  ? 15   DT  B "O3'" 1 
ATOM   288 C  "C2'" . DT  B 1 5  ? -5.396  4.226   2.415   1.00 8.41  ? 15   DT  B "C2'" 1 
ATOM   289 C  "C1'" . DT  B 1 5  ? -4.954  4.162   0.986   1.00 6.93  ? 15   DT  B "C1'" 1 
ATOM   290 N  N1    . DT  B 1 5  ? -3.528  3.923   0.748   1.00 6.10  ? 15   DT  B N1    1 
ATOM   291 C  C2    . DT  B 1 5  ? -3.159  2.837   -0.027  1.00 5.84  ? 15   DT  B C2    1 
ATOM   292 O  O2    . DT  B 1 5  ? -3.943  1.964   -0.342  1.00 6.32  ? 15   DT  B O2    1 
ATOM   293 N  N3    . DT  B 1 5  ? -1.836  2.816   -0.367  1.00 5.35  ? 15   DT  B N3    1 
ATOM   294 C  C4    . DT  B 1 5  ? -0.885  3.772   -0.064  1.00 5.74  ? 15   DT  B C4    1 
ATOM   295 O  O4    . DT  B 1 5  ? 0.239   3.652   -0.516  1.00 6.12  ? 15   DT  B O4    1 
ATOM   296 C  C5    . DT  B 1 5  ? -1.319  4.830   0.822   1.00 6.36  ? 15   DT  B C5    1 
ATOM   297 C  C7    . DT  B 1 5  ? -0.305  5.841   1.276   1.00 6.82  ? 15   DT  B C7    1 
ATOM   298 C  C6    . DT  B 1 5  ? -2.614  4.885   1.130   1.00 6.24  ? 15   DT  B C6    1 
ATOM   299 P  P     . DA  B 1 6  ? -8.427  4.306   4.030   1.00 8.58  ? 16   DA  B P     1 
ATOM   300 O  OP1   . DA  B 1 6  ? -9.884  4.182   3.786   1.00 11.26 ? 16   DA  B OP1   1 
ATOM   301 O  OP2   . DA  B 1 6  ? -7.891  5.226   5.067   1.00 12.05 ? 16   DA  B OP2   1 
ATOM   302 O  "O5'" . DA  B 1 6  ? -7.841  2.872   4.373   1.00 8.39  ? 16   DA  B "O5'" 1 
ATOM   303 C  "C5'" . DA  B 1 6  ? -8.269  1.729   3.633   1.00 8.79  ? 16   DA  B "C5'" 1 
ATOM   304 C  "C4'" . DA  B 1 6  ? -7.356  0.573   3.935   1.00 7.79  ? 16   DA  B "C4'" 1 
ATOM   305 O  "O4'" . DA  B 1 6  ? -6.041  0.812   3.363   1.00 7.72  ? 16   DA  B "O4'" 1 
ATOM   306 C  "C3'" . DA  B 1 6  ? -7.088  0.288   5.401   1.00 7.92  ? 16   DA  B "C3'" 1 
ATOM   307 O  "O3'" . DA  B 1 6  ? -6.984  -1.102  5.656   1.00 8.89  ? 16   DA  B "O3'" 1 
ATOM   308 C  "C2'" . DA  B 1 6  ? -5.730  0.909   5.673   1.00 7.98  ? 16   DA  B "C2'" 1 
ATOM   309 C  "C1'" . DA  B 1 6  ? -5.079  0.492   4.359   1.00 7.32  ? 16   DA  B "C1'" 1 
ATOM   310 N  N9    . DA  B 1 6  ? -3.869  1.208   4.055   1.00 7.73  ? 16   DA  B N9    1 
ATOM   311 C  C8    . DA  B 1 6  ? -3.376  2.367   4.588   1.00 8.29  ? 16   DA  B C8    1 
ATOM   312 N  N7    . DA  B 1 6  ? -2.206  2.715   4.110   1.00 7.99  ? 16   DA  B N7    1 
ATOM   313 C  C5    . DA  B 1 6  ? -1.926  1.680   3.229   1.00 7.42  ? 16   DA  B C5    1 
ATOM   314 C  C6    . DA  B 1 6  ? -0.782  1.410   2.459   1.00 6.97  ? 16   DA  B C6    1 
ATOM   315 N  N6    . DA  B 1 6  ? 0.282   2.203   2.434   1.00 7.69  ? 16   DA  B N6    1 
ATOM   316 N  N1    . DA  B 1 6  ? -0.799  0.288   1.713   1.00 6.60  ? 16   DA  B N1    1 
ATOM   317 C  C2    . DA  B 1 6  ? -1.867  -0.508  1.729   1.00 6.37  ? 16   DA  B C2    1 
ATOM   318 N  N3    . DA  B 1 6  ? -2.993  -0.385  2.418   1.00 6.88  ? 16   DA  B N3    1 
ATOM   319 C  C4    . DA  B 1 6  ? -2.930  0.745   3.164   1.00 6.93  ? 16   DA  B C4    1 
ATOM   320 P  P     . DA  B 1 7  ? -8.173  -1.980  6.228   1.00 7.65  ? 17   DA  B P     1 
ATOM   321 O  OP1   . DA  B 1 7  ? -9.462  -1.544  5.649   1.00 9.65  ? 17   DA  B OP1   1 
ATOM   322 O  OP2   . DA  B 1 7  ? -8.098  -2.056  7.720   1.00 8.99  ? 17   DA  B OP2   1 
ATOM   323 O  "O5'" . DA  B 1 7  ? -7.724  -3.427  5.734   1.00 8.53  ? 17   DA  B "O5'" 1 
ATOM   324 C  "C5'" . DA  B 1 7  ? -7.685  -3.689  4.332   1.00 8.63  ? 17   DA  B "C5'" 1 
ATOM   325 C  "C4'" . DA  B 1 7  ? -6.434  -4.434  3.964   1.00 8.26  ? 17   DA  B "C4'" 1 
ATOM   326 O  "O4'" . DA  B 1 7  ? -5.306  -3.524  3.995   1.00 8.33  ? 17   DA  B "O4'" 1 
ATOM   327 C  "C3'" A DA  B 1 7  ? -6.017  -5.634  4.796   0.51 8.85  ? 17   DA  B "C3'" 1 
ATOM   328 C  "C3'" B DA  B 1 7  ? -6.106  -5.583  4.924   0.49 8.80  ? 17   DA  B "C3'" 1 
ATOM   329 O  "O3'" A DA  B 1 7  ? -5.742  -6.620  3.790   0.51 8.68  ? 17   DA  B "O3'" 1 
ATOM   330 O  "O3'" B DA  B 1 7  ? -5.952  -6.847  4.278   0.49 10.46 ? 17   DA  B "O3'" 1 
ATOM   331 C  "C2'" . DA  B 1 7  ? -4.831  -5.147  5.593   1.00 8.08  ? 17   DA  B "C2'" 1 
ATOM   332 C  "C1'" . DA  B 1 7  ? -4.205  -4.167  4.630   1.00 7.31  ? 17   DA  B "C1'" 1 
ATOM   333 N  N9    . DA  B 1 7  ? -3.390  -3.104  5.190   1.00 6.11  ? 17   DA  B N9    1 
ATOM   334 C  C8    . DA  B 1 7  ? -3.735  -2.248  6.192   1.00 6.53  ? 17   DA  B C8    1 
ATOM   335 N  N7    . DA  B 1 7  ? -2.880  -1.292  6.401   1.00 6.43  ? 17   DA  B N7    1 
ATOM   336 C  C5    . DA  B 1 7  ? -1.848  -1.579  5.527   1.00 5.51  ? 17   DA  B C5    1 
ATOM   337 C  C6    . DA  B 1 7  ? -0.635  -0.924  5.242   1.00 5.65  ? 17   DA  B C6    1 
ATOM   338 N  N6    . DA  B 1 7  ? -0.191  0.194   5.801   1.00 6.28  ? 17   DA  B N6    1 
ATOM   339 N  N1    . DA  B 1 7  ? 0.169   -1.493  4.317   1.00 5.37  ? 17   DA  B N1    1 
ATOM   340 C  C2    . DA  B 1 7  ? -0.241  -2.589  3.698   1.00 5.55  ? 17   DA  B C2    1 
ATOM   341 N  N3    . DA  B 1 7  ? -1.380  -3.255  3.810   1.00 5.28  ? 17   DA  B N3    1 
ATOM   342 C  C4    . DA  B 1 7  ? -2.145  -2.699  4.768   1.00 5.32  ? 17   DA  B C4    1 
ATOM   343 P  P     A DA  B 1 8  ? -5.441  -8.132  4.225   0.51 7.26  ? 18   DA  B P     1 
ATOM   344 P  P     B DA  B 1 8  ? -5.472  -8.194  5.024   0.49 13.67 ? 18   DA  B P     1 
ATOM   345 O  OP1   A DA  B 1 8  ? -5.891  -9.039  3.140   0.51 7.52  ? 18   DA  B OP1   1 
ATOM   346 O  OP1   B DA  B 1 8  ? -5.988  -9.339  4.219   0.49 16.80 ? 18   DA  B OP1   1 
ATOM   347 O  OP2   A DA  B 1 8  ? -5.913  -8.337  5.626   0.51 9.32  ? 18   DA  B OP2   1 
ATOM   348 O  OP2   B DA  B 1 8  ? -5.759  -8.164  6.475   0.49 14.51 ? 18   DA  B OP2   1 
ATOM   349 O  "O5'" A DA  B 1 8  ? -3.842  -8.168  4.296   0.51 7.50  ? 18   DA  B "O5'" 1 
ATOM   350 O  "O5'" B DA  B 1 8  ? -3.878  -8.179  4.864   0.49 11.15 ? 18   DA  B "O5'" 1 
ATOM   351 C  "C5'" A DA  B 1 8  ? -3.102  -8.043  3.073   0.51 8.28  ? 18   DA  B "C5'" 1 
ATOM   352 C  "C5'" B DA  B 1 8  ? -3.338  -8.148  3.536   0.49 11.03 ? 18   DA  B "C5'" 1 
ATOM   353 C  "C4'" A DA  B 1 8  ? -1.656  -7.968  3.474   0.51 8.47  ? 18   DA  B "C4'" 1 
ATOM   354 C  "C4'" B DA  B 1 8  ? -1.841  -8.046  3.611   0.49 9.53  ? 18   DA  B "C4'" 1 
ATOM   355 O  "O4'" A DA  B 1 8  ? -1.469  -6.772  4.247   0.51 8.66  ? 18   DA  B "O4'" 1 
ATOM   356 O  "O4'" B DA  B 1 8  ? -1.469  -6.809  4.236   0.49 8.85  ? 18   DA  B "O4'" 1 
ATOM   357 C  "C3'" A DA  B 1 8  ? -1.169  -9.079  4.412   0.51 8.75  ? 18   DA  B "C3'" 1 
ATOM   358 C  "C3'" B DA  B 1 8  ? -1.188  -9.132  4.469   0.49 9.66  ? 18   DA  B "C3'" 1 
ATOM   359 O  "O3'" A DA  B 1 8  ? -0.284  -9.849  3.619   0.51 9.54  ? 18   DA  B "O3'" 1 
ATOM   360 O  "O3'" B DA  B 1 8  ? -0.282  -9.834  3.629   0.49 8.56  ? 18   DA  B "O3'" 1 
ATOM   361 C  "C2'" . DA  B 1 8  ? -0.541  -8.401  5.612   1.00 7.58  ? 18   DA  B "C2'" 1 
ATOM   362 C  "C1'" . DA  B 1 8  ? -0.344  -6.990  5.093   1.00 6.51  ? 18   DA  B "C1'" 1 
ATOM   363 N  N9    . DA  B 1 8  ? -0.383  -5.924  6.081   1.00 5.72  ? 18   DA  B N9    1 
ATOM   364 C  C8    . DA  B 1 8  ? -1.395  -5.674  6.970   1.00 6.02  ? 18   DA  B C8    1 
ATOM   365 N  N7    . DA  B 1 8  ? -1.233  -4.568  7.668   1.00 5.70  ? 18   DA  B N7    1 
ATOM   366 C  C5    . DA  B 1 8  ? -0.021  -4.068  7.213   1.00 4.69  ? 18   DA  B C5    1 
ATOM   367 C  C6    . DA  B 1 8  ? 0.705   -2.921  7.523   1.00 4.57  ? 18   DA  B C6    1 
ATOM   368 N  N6    . DA  B 1 8  ? 0.325   -2.007  8.425   1.00 5.13  ? 18   DA  B N6    1 
ATOM   369 N  N1    . DA  B 1 8  ? 1.879   -2.718  6.873   1.00 4.14  ? 18   DA  B N1    1 
ATOM   370 C  C2    . DA  B 1 8  ? 2.278   -3.610  5.957   1.00 4.32  ? 18   DA  B C2    1 
ATOM   371 N  N3    . DA  B 1 8  ? 1.647   -4.710  5.549   1.00 4.78  ? 18   DA  B N3    1 
ATOM   372 C  C4    . DA  B 1 8  ? 0.511   -4.891  6.231   1.00 4.80  ? 18   DA  B C4    1 
ATOM   373 P  P     . DA  B 1 9  ? 0.667   -11.002 4.183   1.00 8.37  ? 19   DA  B P     1 
ATOM   374 O  OP1   . DA  B 1 9  ? 0.994   -11.840 2.989   1.00 10.23 ? 19   DA  B OP1   1 
ATOM   375 O  OP2   . DA  B 1 9  ? 0.099   -11.646 5.388   1.00 12.15 ? 19   DA  B OP2   1 
ATOM   376 O  "O5'" . DA  B 1 9  ? 1.974   -10.235 4.668   1.00 7.53  ? 19   DA  B "O5'" 1 
ATOM   377 C  "C5'" . DA  B 1 9  ? 2.720   -9.477  3.735   1.00 7.33  ? 19   DA  B "C5'" 1 
ATOM   378 C  "C4'" . DA  B 1 9  ? 3.816   -8.703  4.402   1.00 6.19  ? 19   DA  B "C4'" 1 
ATOM   379 O  "O4'" . DA  B 1 9  ? 3.244   -7.718  5.295   1.00 6.47  ? 19   DA  B "O4'" 1 
ATOM   380 C  "C3'" . DA  B 1 9  ? 4.824   -9.511  5.234   1.00 6.58  ? 19   DA  B "C3'" 1 
ATOM   381 O  "O3'" . DA  B 1 9  ? 6.109   -9.183  4.727   1.00 7.74  ? 19   DA  B "O3'" 1 
ATOM   382 C  "C2'" . DA  B 1 9  ? 4.603   -9.029  6.639   1.00 6.89  ? 19   DA  B "C2'" 1 
ATOM   383 C  "C1'" . DA  B 1 9  ? 4.114   -7.610  6.424   1.00 6.18  ? 19   DA  B "C1'" 1 
ATOM   384 N  N9    . DA  B 1 9  ? 3.313   -7.057  7.502   1.00 5.63  ? 19   DA  B N9    1 
ATOM   385 C  C8    . DA  B 1 9  ? 2.170   -7.581  8.038   1.00 6.35  ? 19   DA  B C8    1 
ATOM   386 N  N7    . DA  B 1 9  ? 1.635   -6.839  8.966   1.00 6.11  ? 19   DA  B N7    1 
ATOM   387 C  C5    . DA  B 1 9  ? 2.487   -5.741  9.053   1.00 5.50  ? 19   DA  B C5    1 
ATOM   388 C  C6    . DA  B 1 9  ? 2.438   -4.558  9.805   1.00 5.29  ? 19   DA  B C6    1 
ATOM   389 N  N6    . DA  B 1 9  ? 1.462   -4.272  10.672  1.00 6.33  ? 19   DA  B N6    1 
ATOM   390 N  N1    . DA  B 1 9  ? 3.451   -3.669  9.655   1.00 5.24  ? 19   DA  B N1    1 
ATOM   391 C  C2    . DA  B 1 9  ? 4.393   -3.934  8.749   1.00 5.28  ? 19   DA  B C2    1 
ATOM   392 N  N3    . DA  B 1 9  ? 4.527   -4.989  7.952   1.00 5.34  ? 19   DA  B N3    1 
ATOM   393 C  C4    . DA  B 1 9  ? 3.513   -5.853  8.129   1.00 5.19  ? 19   DA  B C4    1 
ATOM   394 P  P     . DG  B 1 10 ? 7.501   -9.748  5.232   1.00 9.08  ? 20   DG  B P     1 
ATOM   395 O  OP1   . DG  B 1 10 ? 8.406   -9.714  4.051   1.00 9.19  ? 20   DG  B OP1   1 
ATOM   396 O  OP2   . DG  B 1 10 ? 7.271   -11.019 5.947   1.00 11.32 ? 20   DG  B OP2   1 
ATOM   397 O  "O5'" . DG  B 1 10 ? 8.003   -8.675  6.308   1.00 9.33  ? 20   DG  B "O5'" 1 
ATOM   398 C  "C5'" A DG  B 1 10 ? 8.332   -7.350  5.881   0.51 9.93  ? 20   DG  B "C5'" 1 
ATOM   399 C  "C5'" B DG  B 1 10 ? 8.314   -7.334  5.910   0.49 10.23 ? 20   DG  B "C5'" 1 
ATOM   400 C  "C4'" A DG  B 1 10 ? 8.816   -6.557  7.065   0.51 10.20 ? 20   DG  B "C4'" 1 
ATOM   401 C  "C4'" B DG  B 1 10 ? 8.830   -6.547  7.089   0.49 10.53 ? 20   DG  B "C4'" 1 
ATOM   402 O  "O4'" A DG  B 1 10 ? 7.677   -6.343  7.938   0.51 13.64 ? 20   DG  B "O4'" 1 
ATOM   403 O  "O4'" B DG  B 1 10 ? 7.740   -6.229  7.987   0.49 10.57 ? 20   DG  B "O4'" 1 
ATOM   404 C  "C3'" A DG  B 1 10 ? 9.879   -7.250  7.917   0.51 9.81  ? 20   DG  B "C3'" 1 
ATOM   405 C  "C3'" B DG  B 1 10 ? 9.851   -7.295  7.941   0.49 12.38 ? 20   DG  B "C3'" 1 
ATOM   406 O  "O3'" A DG  B 1 10 ? 10.960  -6.365  8.207   0.51 13.98 ? 20   DG  B "O3'" 1 
ATOM   407 O  "O3'" B DG  B 1 10 ? 10.983  -6.491  8.259   0.49 15.54 ? 20   DG  B "O3'" 1 
ATOM   408 C  "C2'" A DG  B 1 10 ? 9.119   -7.665  9.162   0.51 10.32 ? 20   DG  B "C2'" 1 
ATOM   409 C  "C2'" B DG  B 1 10 ? 9.079   -7.705  9.180   0.49 11.74 ? 20   DG  B "C2'" 1 
ATOM   410 C  "C1'" A DG  B 1 10 ? 8.106   -6.546  9.290   0.51 9.15  ? 20   DG  B "C1'" 1 
ATOM   411 C  "C1'" B DG  B 1 10 ? 8.127   -6.537  9.329   0.49 10.83 ? 20   DG  B "C1'" 1 
ATOM   412 N  N9    . DG  B 1 10 ? 6.896   -6.786  10.055  1.00 9.17  ? 20   DG  B N9    1 
ATOM   413 C  C8    . DG  B 1 10 ? 6.045   -7.861  9.956   1.00 9.24  ? 20   DG  B C8    1 
ATOM   414 N  N7    . DG  B 1 10 ? 4.997   -7.773  10.740  1.00 8.81  ? 20   DG  B N7    1 
ATOM   415 C  C5    . DG  B 1 10 ? 5.111   -6.532  11.323  1.00 7.53  ? 20   DG  B C5    1 
ATOM   416 C  C6    . DG  B 1 10 ? 4.277   -5.853  12.260  1.00 7.13  ? 20   DG  B C6    1 
ATOM   417 O  O6    . DG  B 1 10 ? 3.202   -6.208  12.727  1.00 7.72  ? 20   DG  B O6    1 
ATOM   418 N  N1    . DG  B 1 10 ? 4.809   -4.634  12.648  1.00 6.49  ? 20   DG  B N1    1 
ATOM   419 C  C2    . DG  B 1 10 ? 5.979   -4.105  12.179  1.00 6.97  ? 20   DG  B C2    1 
ATOM   420 N  N2    . DG  B 1 10 ? 6.345   -2.903  12.642  1.00 7.50  ? 20   DG  B N2    1 
ATOM   421 N  N3    . DG  B 1 10 ? 6.754   -4.708  11.289  1.00 7.78  ? 20   DG  B N3    1 
ATOM   422 C  C4    . DG  B 1 10 ? 6.283   -5.915  10.941  1.00 7.94  ? 20   DG  B C4    1 
HETATM 423 CA CA    . CA  C 2 .  ? -8.005  -0.203  -0.774  1.00 6.78  ? 301  CA  A CA    1 
HETATM 424 CA CA    . CA  D 2 .  ? -6.487  -3.650  -10.466 1.00 14.47 ? 305  CA  A CA    1 
HETATM 425 CA CA    . CA  E 2 .  ? -1.578  0.507   -9.691  0.57 32.48 ? 306  CA  A CA    1 
HETATM 426 CA CA    . CA  F 2 .  ? 13.271  -1.288  2.630   1.00 17.98 ? 307  CA  A CA    1 
HETATM 427 CA CA    . CA  G 2 .  ? 7.031   -4.559  -5.546  1.00 14.80 ? 308  CA  A CA    1 
HETATM 428 CA CA    . CA  H 2 .  ? 11.406  -7.713  0.893   1.00 14.28 ? 304  CA  A CA    1 
HETATM 429 CA CA    . CA  I 2 .  ? -6.221  -9.723  0.920   1.00 14.67 ? 302  CA  B CA    1 
HETATM 430 CA CA    A CA  J 2 .  ? 0.102   -12.312 0.967   0.51 11.32 ? 303  CA  B CA    1 
HETATM 431 CA CA    B CA  J 2 .  ? -0.201  -11.300 0.847   0.49 10.70 ? 303  CA  B CA    1 
HETATM 432 O  O     . HOH K 3 .  ? 6.373   -4.347  5.804   1.00 6.76  ? 1002 HOH A O     1 
HETATM 433 O  O     . HOH K 3 .  ? 3.000   -5.480  3.094   1.00 6.40  ? 1004 HOH A O     1 
HETATM 434 O  O     . HOH K 3 .  ? -6.537  7.959   -2.740  1.00 8.57  ? 1007 HOH A O     1 
HETATM 435 O  O     . HOH K 3 .  ? -2.747  -3.838  -0.571  1.00 13.01 ? 1009 HOH A O     1 
HETATM 436 O  O     . HOH K 3 .  ? 7.517   -10.457 -1.574  1.00 11.01 ? 1010 HOH A O     1 
HETATM 437 O  O     . HOH K 3 .  ? 7.942   -2.490  9.738   1.00 10.29 ? 1012 HOH A O     1 
HETATM 438 O  O     . HOH K 3 .  ? -0.672  11.616  -10.581 1.00 17.15 ? 1014 HOH A O     1 
HETATM 439 O  O     . HOH K 3 .  ? -4.170  -5.542  -2.295  1.00 12.80 ? 1018 HOH A O     1 
HETATM 440 O  O     . HOH K 3 .  ? -10.632 -4.442  -5.385  1.00 8.34  ? 1023 HOH A O     1 
HETATM 441 O  O     . HOH K 3 .  ? -8.768  8.919   -1.418  1.00 10.78 ? 1026 HOH A O     1 
HETATM 442 O  O     . HOH K 3 .  ? 3.335   -10.055 -0.855  1.00 12.78 ? 1028 HOH A O     1 
HETATM 443 O  O     . HOH K 3 .  ? 0.301   2.297   9.614   1.00 18.93 ? 1029 HOH A O     1 
HETATM 444 O  O     . HOH K 3 .  ? 2.040   4.139   4.649   1.00 23.33 ? 1030 HOH A O     1 
HETATM 445 O  O     . HOH K 3 .  ? 2.942   3.857   0.234   1.00 15.46 ? 1031 HOH A O     1 
HETATM 446 O  O     . HOH K 3 .  ? -2.145  -4.373  -8.421  1.00 13.29 ? 1033 HOH A O     1 
HETATM 447 O  O     . HOH K 3 .  ? 5.652   -9.810  0.522   1.00 14.75 ? 1036 HOH A O     1 
HETATM 448 O  O     . HOH K 3 .  ? -13.784 5.882   -3.821  1.00 21.85 ? 1040 HOH A O     1 
HETATM 449 O  O     . HOH K 3 .  ? 1.926   1.094   -6.568  1.00 14.77 ? 1041 HOH A O     1 
HETATM 450 O  O     . HOH K 3 .  ? 3.134   5.627   2.520   1.00 22.02 ? 1042 HOH A O     1 
HETATM 451 O  O     . HOH K 3 .  ? 3.419   1.505   -4.361  1.00 18.63 ? 1048 HOH A O     1 
HETATM 452 O  O     . HOH K 3 .  ? -12.083 1.924   -2.456  1.00 18.46 ? 1050 HOH A O     1 
HETATM 453 O  O     . HOH K 3 .  ? 15.452  -4.144  2.893   1.00 20.58 ? 1051 HOH A O     1 
HETATM 454 O  O     . HOH K 3 .  ? 4.381   -1.069  -4.186  1.00 20.10 ? 1052 HOH A O     1 
HETATM 455 O  O     . HOH K 3 .  ? -12.983 -3.126  -5.407  1.00 21.50 ? 1053 HOH A O     1 
HETATM 456 O  O     . HOH K 3 .  ? -7.942  0.050   -10.322 1.00 19.68 ? 1055 HOH A O     1 
HETATM 457 O  O     . HOH K 3 .  ? 8.074   -8.036  -2.766  1.00 26.91 ? 1058 HOH A O     1 
HETATM 458 O  O     . HOH K 3 .  ? 10.717  -7.009  -6.466  1.00 17.35 ? 1059 HOH A O     1 
HETATM 459 O  O     . HOH K 3 .  ? -12.835 3.473   -0.499  1.00 22.36 ? 1060 HOH A O     1 
HETATM 460 O  O     . HOH K 3 .  ? -8.976  -7.570  -10.898 1.00 23.40 ? 1061 HOH A O     1 
HETATM 461 O  O     . HOH K 3 .  ? -12.424 6.097   -1.469  1.00 19.89 ? 1065 HOH A O     1 
HETATM 462 O  O     . HOH K 3 .  ? -13.738 8.152   -5.329  1.00 21.51 ? 1066 HOH A O     1 
HETATM 463 O  O     . HOH K 3 .  ? 5.682   6.398   2.600   1.00 24.93 ? 1068 HOH A O     1 
HETATM 464 O  O     . HOH K 3 .  ? 5.438   -12.109 1.976   1.00 18.64 ? 1070 HOH A O     1 
HETATM 465 O  O     . HOH K 3 .  ? -7.563  2.739   -10.703 1.00 32.85 ? 1071 HOH A O     1 
HETATM 466 O  O     . HOH K 3 .  ? 15.770  -6.435  1.816   1.00 25.38 ? 1072 HOH A O     1 
HETATM 467 O  O     . HOH K 3 .  ? 11.253  -2.996  6.524   1.00 23.76 ? 1076 HOH A O     1 
HETATM 468 O  O     . HOH K 3 .  ? 3.578   8.015   13.124  1.00 25.94 ? 1077 HOH A O     1 
HETATM 469 O  O     . HOH K 3 .  ? -12.204 -0.959  -2.121  1.00 28.17 ? 1080 HOH A O     1 
HETATM 470 O  O     . HOH K 3 .  ? 10.232  -8.180  -8.379  1.00 20.11 ? 1081 HOH A O     1 
HETATM 471 O  O     . HOH K 3 .  ? -10.694 4.034   -9.506  1.00 28.96 ? 1083 HOH A O     1 
HETATM 472 O  O     . HOH K 3 .  ? 14.204  2.779   0.741   1.00 23.20 ? 1085 HOH A O     1 
HETATM 473 O  O     . HOH K 3 .  ? 11.792  2.193   -1.089  1.00 26.86 ? 1088 HOH A O     1 
HETATM 474 O  O     . HOH K 3 .  ? 5.936   8.977   2.002   1.00 38.33 ? 1089 HOH A O     1 
HETATM 475 O  O     . HOH K 3 .  ? -2.908  -6.426  -0.015  1.00 26.18 ? 1091 HOH A O     1 
HETATM 476 O  O     . HOH K 3 .  ? 13.256  -6.400  -3.021  1.00 28.53 ? 1092 HOH A O     1 
HETATM 477 O  O     . HOH K 3 .  ? -10.644 -2.099  -12.922 1.00 38.69 ? 1103 HOH A O     1 
HETATM 478 O  O     . HOH K 3 .  ? -5.261  2.172   -11.562 1.00 27.35 ? 1107 HOH A O     1 
HETATM 479 O  O     . HOH K 3 .  ? 8.821   -7.665  -5.350  1.00 47.34 ? 1108 HOH A O     1 
HETATM 480 O  O     . HOH K 3 .  ? -17.781 0.373   -9.464  1.00 36.65 ? 1110 HOH A O     1 
HETATM 481 O  O     . HOH K 3 .  ? -9.509  -1.452  -2.132  1.00 9.10  ? 1115 HOH A O     1 
HETATM 482 O  O     . HOH K 3 .  ? -6.725  0.800   -2.573  1.00 6.99  ? 1117 HOH A O     1 
HETATM 483 O  O     . HOH K 3 .  ? -4.455  -2.998  -9.436  1.00 14.40 ? 1127 HOH A O     1 
HETATM 484 O  O     . HOH K 3 .  ? -5.331  -5.707  -10.037 1.00 23.17 ? 1128 HOH A O     1 
HETATM 485 O  O     . HOH K 3 .  ? -8.118  -5.139  -9.350  1.00 17.15 ? 1129 HOH A O     1 
HETATM 486 O  O     . HOH K 3 .  ? -6.017  -1.451  -11.536 1.00 22.32 ? 1130 HOH A O     1 
HETATM 487 O  O     . HOH K 3 .  ? -8.335  -3.357  -11.671 1.00 25.28 ? 1131 HOH A O     1 
HETATM 488 O  O     . HOH K 3 .  ? -5.315  -4.151  -12.519 1.00 34.12 ? 1132 HOH A O     1 
HETATM 489 O  O     . HOH K 3 .  ? -3.921  -4.691  -10.451 1.00 11.25 ? 1133 HOH A O     1 
HETATM 490 O  O     . HOH K 3 .  ? -3.586  -0.485  -9.532  1.00 18.41 ? 1136 HOH A O     1 
HETATM 491 O  O     . HOH K 3 .  ? -0.265  -0.954  -8.275  1.00 16.57 ? 1137 HOH A O     1 
HETATM 492 O  O     . HOH K 3 .  ? -2.984  0.780   -11.852 1.00 52.16 ? 1138 HOH A O     1 
HETATM 493 O  O     . HOH K 3 .  ? 15.026  -1.928  1.339   1.00 22.83 ? 1139 HOH A O     1 
HETATM 494 O  O     . HOH K 3 .  ? 14.308  0.752   2.804   1.00 24.18 ? 1140 HOH A O     1 
HETATM 495 O  O     . HOH K 3 .  ? 12.163  -0.629  0.788   1.00 24.82 ? 1141 HOH A O     1 
HETATM 496 O  O     . HOH K 3 .  ? 12.899  -1.387  5.402   1.00 10.71 ? 1142 HOH A O     1 
HETATM 497 O  O     . HOH K 3 .  ? 14.186  -0.953  4.526   1.00 24.30 ? 1143 HOH A O     1 
HETATM 498 O  O     . HOH K 3 .  ? 6.591   -6.518  -4.430  1.00 10.51 ? 1144 HOH A O     1 
HETATM 499 O  O     . HOH K 3 .  ? 7.885   -6.355  -7.000  1.00 24.04 ? 1145 HOH A O     1 
HETATM 500 O  O     . HOH K 3 .  ? 4.504   -4.784  -5.873  1.00 18.32 ? 1146 HOH A O     1 
HETATM 501 O  O     . HOH K 3 .  ? 6.480   -2.879  -6.996  1.00 40.14 ? 1147 HOH A O     1 
HETATM 502 O  O     . HOH K 3 .  ? 6.453   -3.045  -3.847  1.00 19.14 ? 1148 HOH A O     1 
HETATM 503 O  O     . HOH K 3 .  ? 9.066   -4.896  -4.090  1.00 35.72 ? 1149 HOH A O     1 
HETATM 504 O  O     . HOH K 3 .  ? 10.457  -5.774  1.700   1.00 34.74 ? 1151 HOH A O     1 
HETATM 505 O  O     . HOH K 3 .  ? 13.554  -5.970  0.905   1.00 36.33 ? 1152 HOH A O     1 
HETATM 506 O  O     . HOH K 3 .  ? 13.464  -7.503  -0.357  1.00 22.74 ? 1154 HOH A O     1 
HETATM 507 O  O     . HOH K 3 .  ? 8.980   -7.745  0.393   1.00 23.52 ? 1155 HOH A O     1 
HETATM 508 O  O     . HOH K 3 .  ? 11.051  -6.303  -1.031  1.00 22.29 ? 1157 HOH A O     1 
HETATM 509 O  O     . HOH L 3 .  ? -4.891  8.865   -4.863  1.00 6.89  ? 1003 HOH B O     1 
HETATM 510 O  O     . HOH L 3 .  ? 5.476   4.113   -18.887 1.00 8.28  ? 1005 HOH B O     1 
HETATM 511 O  O     . HOH L 3 .  ? 5.769   -5.823  3.468   1.00 7.69  ? 1006 HOH B O     1 
HETATM 512 O  O     . HOH L 3 .  ? -3.569  11.270  -5.544  1.00 10.15 ? 1008 HOH B O     1 
HETATM 513 O  O     . HOH L 3 .  ? 8.619   -2.992  7.065   1.00 10.04 ? 1011 HOH B O     1 
HETATM 514 O  O     . HOH L 3 .  ? -2.786  10.794  -8.168  1.00 10.98 ? 1013 HOH B O     1 
HETATM 515 O  O     . HOH L 3 .  ? -6.402  5.138   -2.955  1.00 7.20  ? 1015 HOH B O     1 
HETATM 516 O  O     . HOH L 3 .  ? -8.490  4.168   -1.447  1.00 9.42  ? 1016 HOH B O     1 
HETATM 517 O  O     . HOH L 3 .  ? -4.549  -2.463  0.812   1.00 10.31 ? 1017 HOH B O     1 
HETATM 518 O  O     . HOH L 3 .  ? 8.974   -11.957 2.562   1.00 12.19 ? 1019 HOH B O     1 
HETATM 519 O  O     . HOH L 3 .  ? 7.086   -7.931  2.158   1.00 10.51 ? 1020 HOH B O     1 
HETATM 520 O  O     . HOH L 3 .  ? -9.428  -9.602  3.417   1.00 15.37 ? 1021 HOH B O     1 
HETATM 521 O  O     . HOH L 3 .  ? 0.607   9.227   0.361   1.00 15.34 ? 1022 HOH B O     1 
HETATM 522 O  O     . HOH L 3 .  ? -10.635 6.240   2.087   1.00 24.60 ? 1024 HOH B O     1 
HETATM 523 O  O     . HOH L 3 .  ? -9.863  6.455   -0.587  1.00 11.71 ? 1025 HOH B O     1 
HETATM 524 O  O     . HOH L 3 .  ? 1.068   -6.752  1.433   1.00 11.17 ? 1027 HOH B O     1 
HETATM 525 O  O     . HOH L 3 .  ? 3.978   8.589   -4.452  1.00 16.86 ? 1032 HOH B O     1 
HETATM 526 O  O     . HOH L 3 .  ? 6.654   -10.787 8.627   1.00 13.14 ? 1034 HOH B O     1 
HETATM 527 O  O     . HOH L 3 .  ? -0.232  -14.310 5.972   1.00 23.96 ? 1035 HOH B O     1 
HETATM 528 O  O     . HOH L 3 .  ? 3.476   -18.076 2.156   1.00 23.56 ? 1037 HOH B O     1 
HETATM 529 O  O     . HOH L 3 .  ? -1.234  -4.988  1.475   1.00 17.19 ? 1038 HOH B O     1 
HETATM 530 O  O     . HOH L 3 .  ? 3.254   14.651  -8.193  1.00 14.15 ? 1039 HOH B O     1 
HETATM 531 O  O     . HOH L 3 .  ? 9.465   -11.042 0.133   1.00 14.74 ? 1043 HOH B O     1 
HETATM 532 O  O     . HOH L 3 .  ? -6.656  -4.258  0.787   1.00 13.42 ? 1044 HOH B O     1 
HETATM 533 O  O     . HOH L 3 .  ? -3.191  7.116   3.700   1.00 17.71 ? 1045 HOH B O     1 
HETATM 534 O  O     . HOH L 3 .  ? 7.037   -13.388 5.694   1.00 17.96 ? 1046 HOH B O     1 
HETATM 535 O  O     . HOH L 3 .  ? -9.523  -2.627  9.966   1.00 17.63 ? 1047 HOH B O     1 
HETATM 536 O  O     . HOH L 3 .  ? -9.024  -7.206  4.472   1.00 33.42 ? 1049 HOH B O     1 
HETATM 537 O  O     . HOH L 3 .  ? 4.863   13.066  -16.419 1.00 35.30 ? 1054 HOH B O     1 
HETATM 538 O  O     . HOH L 3 .  ? 4.276   -11.822 9.060   1.00 22.34 ? 1056 HOH B O     1 
HETATM 539 O  O     . HOH L 3 .  ? 11.526  -3.706  9.227   1.00 22.90 ? 1057 HOH B O     1 
HETATM 540 O  O     . HOH L 3 .  ? 3.574   10.370  -2.236  1.00 21.19 ? 1062 HOH B O     1 
HETATM 541 O  O     . HOH L 3 .  ? 3.657   -15.544 0.442   1.00 23.42 ? 1063 HOH B O     1 
HETATM 542 O  O     . HOH L 3 .  ? -1.323  -5.465  11.436  1.00 19.26 ? 1064 HOH B O     1 
HETATM 543 O  O     . HOH L 3 .  ? -8.501  7.831   5.304   1.00 22.69 ? 1067 HOH B O     1 
HETATM 544 O  O     . HOH L 3 .  ? -0.536  4.611   5.254   1.00 18.92 ? 1069 HOH B O     1 
HETATM 545 O  O     . HOH L 3 .  ? -4.899  2.399   -14.635 1.00 28.31 ? 1073 HOH B O     1 
HETATM 546 O  O     . HOH L 3 .  ? -0.734  -7.944  10.099  1.00 19.59 ? 1074 HOH B O     1 
HETATM 547 O  O     . HOH L 3 .  ? -11.105 2.813   1.604   1.00 21.84 ? 1075 HOH B O     1 
HETATM 548 O  O     . HOH L 3 .  ? 3.221   -13.462 3.218   1.00 31.17 ? 1078 HOH B O     1 
HETATM 549 O  O     . HOH L 3 .  ? 14.021  -3.432  9.466   1.00 37.15 ? 1079 HOH B O     1 
HETATM 550 O  O     . HOH L 3 .  ? 0.835   -10.155 11.970  1.00 24.93 ? 1082 HOH B O     1 
HETATM 551 O  O     . HOH L 3 .  ? -6.146  3.181   -17.064 1.00 27.43 ? 1084 HOH B O     1 
HETATM 552 O  O     . HOH L 3 .  ? 7.441   -14.011 8.388   1.00 35.50 ? 1086 HOH B O     1 
HETATM 553 O  O     . HOH L 3 .  ? 3.291   3.878   -3.706  1.00 25.84 ? 1087 HOH B O     1 
HETATM 554 O  O     . HOH L 3 .  ? 4.533   3.240   -8.663  1.00 35.57 ? 1090 HOH B O     1 
HETATM 555 O  O     . HOH L 3 .  ? -8.225  11.043  0.080   1.00 28.62 ? 1093 HOH B O     1 
HETATM 556 O  O     . HOH L 3 .  ? -11.427 -3.536  5.889   1.00 30.68 ? 1094 HOH B O     1 
HETATM 557 O  O     . HOH L 3 .  ? 4.013   -15.410 7.031   1.00 56.78 ? 1095 HOH B O     1 
HETATM 558 O  O     . HOH L 3 .  ? 1.454   -8.318  13.204  1.00 36.74 ? 1096 HOH B O     1 
HETATM 559 O  O     . HOH L 3 .  ? 5.150   6.185   -4.328  1.00 22.92 ? 1097 HOH B O     1 
HETATM 560 O  O     . HOH L 3 .  ? 0.998   -10.747 7.973   1.00 25.34 ? 1098 HOH B O     1 
HETATM 561 O  O     . HOH L 3 .  ? -0.529  7.189   4.901   1.00 31.47 ? 1099 HOH B O     1 
HETATM 562 O  O     . HOH L 3 .  ? 3.157   8.011   0.480   1.00 34.56 ? 1100 HOH B O     1 
HETATM 563 O  O     . HOH L 3 .  ? 2.194   12.298  1.289   1.00 35.33 ? 1101 HOH B O     1 
HETATM 564 O  O     . HOH L 3 .  ? 1.998   2.912   -8.580  1.00 12.97 ? 1102 HOH B O     1 
HETATM 565 O  O     . HOH L 3 .  ? 4.799   7.450   -13.220 1.00 26.57 ? 1104 HOH B O     1 
HETATM 566 O  O     . HOH L 3 .  ? -1.361  2.556   7.477   1.00 24.02 ? 1105 HOH B O     1 
HETATM 567 O  O     . HOH L 3 .  ? 4.799   4.338   -1.636  1.00 34.70 ? 1106 HOH B O     1 
HETATM 568 O  O     . HOH L 3 .  ? 4.708   6.572   -11.105 1.00 28.97 ? 1109 HOH B O     1 
HETATM 569 O  O     . HOH L 3 .  ? 4.128   -17.570 5.699   1.00 60.88 ? 1111 HOH B O     1 
HETATM 570 O  O     . HOH L 3 .  ? -6.237  0.668   0.494   1.00 8.04  ? 1112 HOH B O     1 
HETATM 571 O  O     . HOH L 3 .  ? -9.665  0.371   0.851   1.00 9.42  ? 1113 HOH B O     1 
HETATM 572 O  O     . HOH L 3 .  ? -8.166  -1.955  0.929   1.00 10.02 ? 1114 HOH B O     1 
HETATM 573 O  O     . HOH L 3 .  ? -6.345  -1.863  -1.358  1.00 7.90  ? 1116 HOH B O     1 
HETATM 574 O  O     . HOH L 3 .  ? -9.309  1.569   -1.790  1.00 9.10  ? 1118 HOH B O     1 
HETATM 575 O  O     . HOH L 3 .  ? -5.376  -8.580  -1.261  1.00 33.58 ? 1119 HOH B O     1 
HETATM 576 O  O     . HOH L 3 .  ? -6.756  -11.217 -0.902  1.00 15.32 ? 1120 HOH B O     1 
HETATM 577 O  O     . HOH L 3 .  ? -6.953  -11.557 2.450   1.00 14.49 ? 1121 HOH B O     1 
HETATM 578 O  O     . HOH L 3 .  ? -6.104  -7.457  0.844   1.00 33.94 ? 1122 HOH B O     1 
HETATM 579 O  O     . HOH L 3 .  ? -8.569  -9.522  0.860   1.00 13.80 ? 1123 HOH B O     1 
HETATM 580 O  O     . HOH L 3 .  ? -0.875  -11.229 -1.410  1.00 31.47 ? 1124 HOH B O     1 
HETATM 581 O  O     . HOH L 3 .  ? 0.966   -9.365  0.554   1.00 14.71 ? 1125 HOH B O     1 
HETATM 582 O  O     . HOH L 3 .  ? 2.036   -12.303 -0.101  1.00 16.31 ? 1126 HOH B O     1 
HETATM 583 O  O     . HOH L 3 .  ? 0.404   1.186   -9.714  1.00 14.47 ? 1134 HOH B O     1 
HETATM 584 O  O     . HOH L 3 .  ? -1.288  2.135   -11.828 1.00 13.46 ? 1135 HOH B O     1 
HETATM 585 O  O     . HOH L 3 .  ? 13.143  -7.237  2.438   1.00 16.13 ? 1150 HOH B O     1 
HETATM 586 O  O     . HOH L 3 .  ? 11.511  -9.780  -0.202  1.00 20.43 ? 1153 HOH B O     1 
HETATM 587 O  O     . HOH L 3 .  ? 10.780  -8.868  2.986   1.00 10.48 ? 1156 HOH B O     1 
# 
loop_
_atom_site_anisotrop.id 
_atom_site_anisotrop.type_symbol 
_atom_site_anisotrop.pdbx_label_atom_id 
_atom_site_anisotrop.pdbx_label_alt_id 
_atom_site_anisotrop.pdbx_label_comp_id 
_atom_site_anisotrop.pdbx_label_asym_id 
_atom_site_anisotrop.pdbx_label_seq_id 
_atom_site_anisotrop.pdbx_PDB_ins_code 
_atom_site_anisotrop.U[1][1] 
_atom_site_anisotrop.U[2][2] 
_atom_site_anisotrop.U[3][3] 
_atom_site_anisotrop.U[1][2] 
_atom_site_anisotrop.U[1][3] 
_atom_site_anisotrop.U[2][3] 
_atom_site_anisotrop.pdbx_auth_seq_id 
_atom_site_anisotrop.pdbx_auth_comp_id 
_atom_site_anisotrop.pdbx_auth_asym_id 
_atom_site_anisotrop.pdbx_auth_atom_id 
1   O  "O5'" . DC  A 1  ? 0.1157 0.1154 0.2676 -0.0056 0.0411  0.0237  1    DC  A "O5'" 
2   C  "C5'" . DC  A 1  ? 0.1371 0.1056 0.1558 0.0057  0.0615  -0.0167 1    DC  A "C5'" 
3   C  "C4'" . DC  A 1  ? 0.0989 0.0934 0.1270 -0.0230 0.0429  -0.0203 1    DC  A "C4'" 
4   O  "O4'" . DC  A 1  ? 0.1143 0.0926 0.0905 -0.0073 0.0372  -0.0139 1    DC  A "O4'" 
5   C  "C3'" . DC  A 1  ? 0.0770 0.0902 0.1288 -0.0095 0.0232  -0.0070 1    DC  A "C3'" 
6   O  "O3'" . DC  A 1  ? 0.0959 0.0892 0.1426 -0.0273 0.0433  -0.0185 1    DC  A "O3'" 
7   C  "C2'" . DC  A 1  ? 0.0908 0.0871 0.1069 -0.0150 0.0331  -0.0141 1    DC  A "C2'" 
8   C  "C1'" . DC  A 1  ? 0.0904 0.0902 0.0990 -0.0025 0.0214  -0.0140 1    DC  A "C1'" 
9   N  N1    . DC  A 1  ? 0.0754 0.0733 0.0730 0.0085  0.0114  -0.0005 1    DC  A N1    
10  C  C2    . DC  A 1  ? 0.0602 0.0898 0.0654 0.0158  0.0045  -0.0010 1    DC  A C2    
11  O  O2    . DC  A 1  ? 0.0760 0.0941 0.0791 0.0139  0.0136  -0.0093 1    DC  A O2    
12  N  N3    . DC  A 1  ? 0.0678 0.0789 0.0647 0.0091  0.0063  0.0076  1    DC  A N3    
13  C  C4    . DC  A 1  ? 0.0720 0.0825 0.0690 0.0028  0.0046  0.0138  1    DC  A C4    
14  N  N4    . DC  A 1  ? 0.0895 0.0874 0.0825 -0.0090 0.0068  0.0040  1    DC  A N4    
15  C  C5    . DC  A 1  ? 0.0787 0.1004 0.0666 0.0069  0.0162  0.0046  1    DC  A C5    
16  C  C6    . DC  A 1  ? 0.0629 0.0958 0.0786 0.0210  0.0095  0.0064  1    DC  A C6    
17  P  P     . DT  A 2  ? 0.0997 0.0797 0.1803 -0.0128 0.0458  -0.0162 2    DT  A P     
18  O  OP1   . DT  A 2  ? 0.1401 0.0761 0.2843 -0.0282 0.0969  -0.0355 2    DT  A OP1   
19  O  OP2   . DT  A 2  ? 0.0875 0.1018 0.2246 -0.0033 0.0241  0.0193  2    DT  A OP2   
20  O  "O5'" . DT  A 2  ? 0.0865 0.0959 0.1331 -0.0152 0.0265  -0.0193 2    DT  A "O5'" 
21  C  "C5'" . DT  A 2  ? 0.0925 0.0876 0.1028 -0.0221 0.0107  -0.0198 2    DT  A "C5'" 
22  C  "C4'" . DT  A 2  ? 0.0734 0.1026 0.1018 -0.0212 0.0187  -0.0189 2    DT  A "C4'" 
23  O  "O4'" . DT  A 2  ? 0.0838 0.0935 0.1073 -0.0082 -0.0001 -0.0188 2    DT  A "O4'" 
24  C  "C3'" . DT  A 2  ? 0.0750 0.0930 0.1100 -0.0098 0.0273  -0.0222 2    DT  A "C3'" 
25  O  "O3'" . DT  A 2  ? 0.0856 0.1064 0.1194 -0.0173 0.0391  -0.0138 2    DT  A "O3'" 
26  C  "C2'" . DT  A 2  ? 0.0899 0.0807 0.1098 -0.0145 0.0073  -0.0128 2    DT  A "C2'" 
27  C  "C1'" . DT  A 2  ? 0.0745 0.0932 0.0991 -0.0123 0.0056  -0.0130 2    DT  A "C1'" 
28  N  N1    . DT  A 2  ? 0.0771 0.0808 0.0974 -0.0035 0.0066  -0.0188 2    DT  A N1    
29  C  C2    . DT  A 2  ? 0.0727 0.0714 0.0827 -0.0082 -0.0004 0.0036  2    DT  A C2    
30  O  O2    . DT  A 2  ? 0.0788 0.0821 0.0972 0.0010  0.0104  -0.0079 2    DT  A O2    
31  N  N3    . DT  A 2  ? 0.0759 0.0659 0.0713 -0.0029 -0.0025 0.0011  2    DT  A N3    
32  C  C4    . DT  A 2  ? 0.0691 0.0751 0.0748 0.0001  -0.0019 0.0087  2    DT  A C4    
33  O  O4    . DT  A 2  ? 0.0820 0.0743 0.0895 -0.0093 -0.0011 0.0015  2    DT  A O4    
34  C  C5    . DT  A 2  ? 0.0865 0.0749 0.0928 -0.0051 0.0130  -0.0054 2    DT  A C5    
35  C  C7    . DT  A 2  ? 0.0868 0.0855 0.1219 -0.0118 0.0167  -0.0270 2    DT  A C7    
36  C  C6    . DT  A 2  ? 0.0773 0.0886 0.1017 -0.0011 0.0057  -0.0114 2    DT  A C6    
37  P  P     . DT  A 3  ? 0.0963 0.0834 0.1062 -0.0251 0.0268  -0.0219 3    DT  A P     
38  O  OP1   . DT  A 3  ? 0.0945 0.0862 0.1167 -0.0270 0.0327  -0.0217 3    DT  A OP1   
39  O  OP2   . DT  A 3  ? 0.1031 0.0861 0.1300 -0.0100 0.0247  -0.0211 3    DT  A OP2   
40  O  "O5'" . DT  A 3  ? 0.1077 0.0837 0.1024 -0.0121 0.0134  -0.0234 3    DT  A "O5'" 
41  C  "C5'" . DT  A 3  ? 0.0780 0.0998 0.1007 -0.0055 -0.0082 -0.0291 3    DT  A "C5'" 
42  C  "C4'" . DT  A 3  ? 0.0747 0.0884 0.1079 -0.0212 0.0062  -0.0209 3    DT  A "C4'" 
43  O  "O4'" . DT  A 3  ? 0.0759 0.0969 0.0897 -0.0215 0.0036  -0.0136 3    DT  A "O4'" 
44  C  "C3'" . DT  A 3  ? 0.0738 0.0974 0.1023 -0.0326 0.0153  -0.0272 3    DT  A "C3'" 
45  O  "O3'" . DT  A 3  ? 0.0823 0.1105 0.1114 -0.0250 0.0154  -0.0350 3    DT  A "O3'" 
46  C  "C2'" . DT  A 3  ? 0.0735 0.0806 0.1036 -0.0264 0.0076  -0.0135 3    DT  A "C2'" 
47  C  "C1'" . DT  A 3  ? 0.0680 0.0710 0.0920 -0.0132 0.0044  -0.0184 3    DT  A "C1'" 
48  N  N1    . DT  A 3  ? 0.0682 0.0611 0.0983 -0.0180 0.0079  -0.0102 3    DT  A N1    
49  C  C2    . DT  A 3  ? 0.0687 0.0476 0.0734 -0.0055 -0.0007 -0.0011 3    DT  A C2    
50  O  O2    . DT  A 3  ? 0.0715 0.0641 0.0872 -0.0189 0.0122  -0.0141 3    DT  A O2    
51  N  N3    . DT  A 3  ? 0.0683 0.0457 0.0663 -0.0118 -0.0059 -0.0063 3    DT  A N3    
52  C  C4    . DT  A 3  ? 0.0616 0.0611 0.0765 -0.0036 -0.0031 -0.0099 3    DT  A C4    
53  O  O4    . DT  A 3  ? 0.0724 0.0641 0.0862 -0.0006 0.0076  -0.0051 3    DT  A O4    
54  C  C5    . DT  A 3  ? 0.0732 0.0489 0.1013 -0.0036 -0.0010 -0.0079 3    DT  A C5    
55  C  C7    . DT  A 3  ? 0.1055 0.0565 0.1558 -0.0070 0.0141  -0.0194 3    DT  A C7    
56  C  C6    . DT  A 3  ? 0.0814 0.0633 0.1044 -0.0213 0.0173  -0.0123 3    DT  A C6    
57  P  P     . DT  A 4  ? 0.0962 0.1304 0.1166 -0.0441 0.0328  -0.0334 4    DT  A P     
58  O  OP1   . DT  A 4  ? 0.0870 0.1911 0.1857 -0.0442 0.0476  -0.0861 4    DT  A OP1   
59  O  OP2   . DT  A 4  ? 0.1649 0.1458 0.1319 -0.0543 0.0401  -0.0019 4    DT  A OP2   
60  O  "O5'" . DT  A 4  ? 0.0905 0.1158 0.0988 -0.0227 0.0006  -0.0084 4    DT  A "O5'" 
61  C  "C5'" . DT  A 4  ? 0.0787 0.1048 0.1030 -0.0133 -0.0132 -0.0144 4    DT  A "C5'" 
62  C  "C4'" . DT  A 4  ? 0.0730 0.1033 0.0803 -0.0108 -0.0073 -0.0083 4    DT  A "C4'" 
63  O  "O4'" . DT  A 4  ? 0.0773 0.1181 0.0721 -0.0008 -0.0007 0.0011  4    DT  A "O4'" 
64  C  "C3'" . DT  A 4  ? 0.0701 0.1433 0.0798 -0.0248 0.0016  -0.0097 4    DT  A "C3'" 
65  O  "O3'" . DT  A 4  ? 0.1115 0.1673 0.0982 0.0172  -0.0191 -0.0392 4    DT  A "O3'" 
66  C  "C2'" . DT  A 4  ? 0.0840 0.1195 0.0781 -0.0174 0.0022  0.0006  4    DT  A "C2'" 
67  C  "C1'" . DT  A 4  ? 0.0667 0.1083 0.0700 -0.0069 0.0011  -0.0029 4    DT  A "C1'" 
68  N  N1    . DT  A 4  ? 0.0600 0.0917 0.0820 -0.0207 -0.0086 0.0054  4    DT  A N1    
69  C  C2    . DT  A 4  ? 0.0658 0.0806 0.0629 -0.0144 -0.0014 0.0119  4    DT  A C2    
70  O  O2    . DT  A 4  ? 0.0699 0.0755 0.0728 -0.0124 0.0061  0.0024  4    DT  A O2    
71  N  N3    . DT  A 4  ? 0.0693 0.0719 0.0735 -0.0117 -0.0093 0.0120  4    DT  A N3    
72  C  C4    . DT  A 4  ? 0.0830 0.0700 0.0916 -0.0089 -0.0214 0.0092  4    DT  A C4    
73  O  O4    . DT  A 4  ? 0.0961 0.0731 0.1056 0.0094  -0.0243 -0.0025 4    DT  A O4    
74  C  C5    . DT  A 4  ? 0.0919 0.0774 0.0885 -0.0248 -0.0192 0.0198  4    DT  A C5    
75  C  C7    . DT  A 4  ? 0.1095 0.0691 0.1650 -0.0182 -0.0209 0.0158  4    DT  A C7    
76  C  C6    . DT  A 4  ? 0.0779 0.0874 0.0875 -0.0196 -0.0093 0.0099  4    DT  A C6    
77  P  P     . DT  A 5  ? 0.0894 0.2256 0.0935 0.0177  -0.0021 -0.0432 5    DT  A P     
78  O  OP1   . DT  A 5  ? 0.1575 0.3190 0.1500 0.0829  0.0130  -0.1026 5    DT  A OP1   
79  O  OP2   . DT  A 5  ? 0.1251 0.2866 0.0992 -0.0560 0.0123  -0.0274 5    DT  A OP2   
80  O  "O5'" . DT  A 5  ? 0.1020 0.1588 0.0842 0.0068  -0.0172 -0.0135 5    DT  A "O5'" 
81  C  "C5'" . DT  A 5  ? 0.1157 0.1168 0.0700 0.0405  -0.0243 -0.0127 5    DT  A "C5'" 
82  C  "C4'" . DT  A 5  ? 0.1067 0.0941 0.0749 0.0313  -0.0094 -0.0143 5    DT  A "C4'" 
83  O  "O4'" . DT  A 5  ? 0.1115 0.1062 0.0666 0.0469  -0.0151 -0.0072 5    DT  A "O4'" 
84  C  "C3'" . DT  A 5  ? 0.0776 0.1038 0.0656 -0.0020 -0.0026 -0.0175 5    DT  A "C3'" 
85  O  "O3'" . DT  A 5  ? 0.0736 0.0939 0.0750 -0.0002 0.0021  -0.0109 5    DT  A "O3'" 
86  C  "C2'" . DT  A 5  ? 0.0914 0.0856 0.0787 -0.0086 -0.0125 -0.0039 5    DT  A "C2'" 
87  C  "C1'" . DT  A 5  ? 0.0721 0.0761 0.0872 0.0056  0.0015  0.0096  5    DT  A "C1'" 
88  N  N1    . DT  A 5  ? 0.0642 0.0819 0.0769 -0.0015 0.0043  0.0060  5    DT  A N1    
89  C  C2    . DT  A 5  ? 0.0697 0.0826 0.0702 0.0033  0.0002  0.0069  5    DT  A C2    
90  O  O2    . DT  A 5  ? 0.0767 0.1027 0.0785 -0.0081 0.0120  0.0066  5    DT  A O2    
91  N  N3    . DT  A 5  ? 0.0641 0.0880 0.0684 0.0115  -0.0022 0.0085  5    DT  A N3    
92  C  C4    . DT  A 5  ? 0.0805 0.0781 0.0851 0.0083  -0.0200 0.0042  5    DT  A C4    
93  O  O4    . DT  A 5  ? 0.0894 0.0746 0.0988 0.0091  -0.0233 0.0112  5    DT  A O4    
94  C  C5    . DT  A 5  ? 0.0710 0.0931 0.0879 -0.0043 -0.0054 0.0049  5    DT  A C5    
95  C  C7    . DT  A 5  ? 0.0998 0.1018 0.1157 -0.0247 -0.0134 0.0106  5    DT  A C7    
96  C  C6    . DT  A 5  ? 0.0687 0.0848 0.0818 -0.0059 -0.0026 0.0050  5    DT  A C6    
97  P  P     . DA  A 6  ? 0.0680 0.0875 0.0825 0.0073  0.0005  -0.0193 6    DA  A P     
98  O  OP1   . DA  A 6  ? 0.1112 0.0849 0.1150 0.0369  -0.0114 -0.0169 6    DA  A OP1   
99  O  OP2   . DA  A 6  ? 0.0701 0.1436 0.0825 -0.0045 0.0070  -0.0319 6    DA  A OP2   
100 O  "O5'" . DA  A 6  ? 0.0663 0.0712 0.0794 0.0068  -0.0015 -0.0101 6    DA  A "O5'" 
101 C  "C5'" . DA  A 6  ? 0.0859 0.0589 0.0895 0.0105  0.0101  -0.0097 6    DA  A "C5'" 
102 C  "C4'" . DA  A 6  ? 0.0650 0.0718 0.0906 -0.0101 0.0027  -0.0055 6    DA  A "C4'" 
103 O  "O4'" . DA  A 6  ? 0.0820 0.0601 0.0761 0.0039  0.0038  -0.0048 6    DA  A "O4'" 
104 C  "C3'" . DA  A 6  ? 0.0612 0.0813 0.1039 0.0065  0.0053  -0.0234 6    DA  A "C3'" 
105 O  "O3'" . DA  A 6  ? 0.0664 0.0961 0.1026 0.0076  -0.0025 -0.0414 6    DA  A "O3'" 
106 C  "C2'" . DA  A 6  ? 0.0804 0.0865 0.0745 0.0106  -0.0040 -0.0096 6    DA  A "C2'" 
107 C  "C1'" . DA  A 6  ? 0.0775 0.0691 0.0790 0.0109  -0.0141 -0.0102 6    DA  A "C1'" 
108 N  N9    . DA  A 6  ? 0.0742 0.0708 0.0670 0.0094  -0.0051 -0.0019 6    DA  A N9    
109 C  C8    . DA  A 6  ? 0.0864 0.0842 0.0720 0.0004  0.0037  0.0062  6    DA  A C8    
110 N  N7    . DA  A 6  ? 0.0779 0.0827 0.0848 -0.0005 -0.0004 -0.0011 6    DA  A N7    
111 C  C5    . DA  A 6  ? 0.0853 0.0719 0.0627 0.0010  -0.0139 0.0014  6    DA  A C5    
112 C  C6    . DA  A 6  ? 0.0888 0.0664 0.0584 0.0043  -0.0218 0.0126  6    DA  A C6    
113 N  N6    . DA  A 6  ? 0.0983 0.0769 0.0892 -0.0078 -0.0268 -0.0010 6    DA  A N6    
114 N  N1    . DA  A 6  ? 0.0919 0.0603 0.0648 0.0061  -0.0230 0.0007  6    DA  A N1    
115 C  C2    . DA  A 6  ? 0.0872 0.0654 0.0702 0.0119  -0.0174 0.0034  6    DA  A C2    
116 N  N3    . DA  A 6  ? 0.0869 0.0588 0.0650 0.0085  -0.0056 -0.0032 6    DA  A N3    
117 C  C4    . DA  A 6  ? 0.0778 0.0611 0.0553 0.0079  -0.0118 0.0071  6    DA  A C4    
118 P  P     . DA  A 7  ? 0.0711 0.0711 0.1067 -0.0050 0.0045  -0.0261 7    DA  A P     
119 O  OP1   . DA  A 7  ? 0.1224 0.0744 0.1512 0.0126  0.0038  -0.0083 7    DA  A OP1   
120 O  OP2   . DA  A 7  ? 0.0755 0.1022 0.1045 -0.0056 0.0072  -0.0380 7    DA  A OP2   
121 O  "O5'" . DA  A 7  ? 0.0690 0.0669 0.0956 -0.0066 0.0045  -0.0128 7    DA  A "O5'" 
122 C  "C5'" . DA  A 7  ? 0.0581 0.0718 0.0927 -0.0148 -0.0010 -0.0179 7    DA  A "C5'" 
123 C  "C4'" . DA  A 7  ? 0.0649 0.0664 0.0896 -0.0136 0.0027  -0.0141 7    DA  A "C4'" 
124 O  "O4'" . DA  A 7  ? 0.0666 0.0583 0.0898 -0.0052 -0.0038 -0.0139 7    DA  A "O4'" 
125 C  "C3'" . DA  A 7  ? 0.0551 0.0710 0.0821 -0.0171 0.0039  -0.0048 7    DA  A "C3'" 
126 O  "O3'" . DA  A 7  ? 0.0651 0.0778 0.0907 -0.0137 -0.0065 -0.0073 7    DA  A "O3'" 
127 C  "C2'" . DA  A 7  ? 0.0668 0.0488 0.0981 -0.0086 -0.0008 -0.0045 7    DA  A "C2'" 
128 C  "C1'" . DA  A 7  ? 0.0595 0.0575 0.0728 -0.0095 0.0024  -0.0072 7    DA  A "C1'" 
129 N  N9    . DA  A 7  ? 0.0625 0.0602 0.0627 -0.0055 0.0004  -0.0040 7    DA  A N9    
130 C  C8    . DA  A 7  ? 0.0709 0.0579 0.0598 -0.0007 -0.0011 -0.0070 7    DA  A C8    
131 N  N7    . DA  A 7  ? 0.0647 0.0676 0.0678 0.0009  0.0017  -0.0048 7    DA  A N7    
132 C  C5    . DA  A 7  ? 0.0608 0.0555 0.0583 -0.0037 -0.0076 0.0033  7    DA  A C5    
133 C  C6    . DA  A 7  ? 0.0596 0.0531 0.0598 -0.0019 -0.0079 0.0130  7    DA  A C6    
134 N  N6    . DA  A 7  ? 0.0641 0.0636 0.0764 -0.0029 -0.0038 0.0147  7    DA  A N6    
135 N  N1    . DA  A 7  ? 0.0617 0.0525 0.0592 0.0059  -0.0075 0.0050  7    DA  A N1    
136 C  C2    . DA  A 7  ? 0.0616 0.0526 0.0647 -0.0066 -0.0046 -0.0002 7    DA  A C2    
137 N  N3    . DA  A 7  ? 0.0630 0.0621 0.0550 -0.0035 -0.0059 -0.0030 7    DA  A N3    
138 C  C4    . DA  A 7  ? 0.0614 0.0549 0.0526 -0.0004 -0.0050 0.0002  7    DA  A C4    
139 P  P     . DA  A 8  ? 0.0718 0.0804 0.0967 -0.0133 -0.0096 -0.0065 8    DA  A P     
140 O  OP1   . DA  A 8  ? 0.0851 0.0931 0.1133 -0.0255 -0.0232 -0.0115 8    DA  A OP1   
141 O  OP2   . DA  A 8  ? 0.0871 0.1051 0.0868 -0.0170 -0.0092 -0.0067 8    DA  A OP2   
142 O  "O5'" . DA  A 8  ? 0.0760 0.0750 0.1073 -0.0113 0.0005  -0.0045 8    DA  A "O5'" 
143 C  "C5'" . DA  A 8  ? 0.0650 0.0742 0.1274 -0.0174 0.0151  -0.0045 8    DA  A "C5'" 
144 C  "C4'" . DA  A 8  ? 0.0718 0.0744 0.1159 -0.0115 0.0168  -0.0036 8    DA  A "C4'" 
145 O  "O4'" . DA  A 8  ? 0.0655 0.0706 0.0970 -0.0123 0.0099  0.0014  8    DA  A "O4'" 
146 C  "C3'" . DA  A 8  ? 0.0648 0.0691 0.1548 -0.0098 -0.0036 -0.0035 8    DA  A "C3'" 
147 O  "O3'" . DA  A 8  ? 0.0849 0.0831 0.1961 0.0016  0.0148  -0.0265 8    DA  A "O3'" 
148 C  "C2'" . DA  A 8  ? 0.0604 0.0766 0.1303 -0.0011 -0.0169 0.0156  8    DA  A "C2'" 
149 C  "C1'" . DA  A 8  ? 0.0632 0.0601 0.1070 -0.0021 -0.0037 -0.0004 8    DA  A "C1'" 
150 N  N9    . DA  A 8  ? 0.0692 0.0594 0.0805 -0.0015 -0.0044 0.0045  8    DA  A N9    
151 C  C8    . DA  A 8  ? 0.0827 0.0723 0.0879 -0.0116 -0.0006 -0.0096 8    DA  A C8    
152 N  N7    . DA  A 8  ? 0.0907 0.0556 0.0861 -0.0177 0.0021  -0.0106 8    DA  A N7    
153 C  C5    . DA  A 8  ? 0.0734 0.0536 0.0590 -0.0031 -0.0052 0.0063  8    DA  A C5    
154 C  C6    . DA  A 8  ? 0.0626 0.0554 0.0596 0.0047  -0.0046 0.0116  8    DA  A C6    
155 N  N6    . DA  A 8  ? 0.0642 0.0687 0.0667 -0.0010 0.0026  0.0049  8    DA  A N6    
156 N  N1    . DA  A 8  ? 0.0601 0.0520 0.0684 0.0023  -0.0072 0.0099  8    DA  A N1    
157 C  C2    . DA  A 8  ? 0.0683 0.0536 0.0572 -0.0030 -0.0032 0.0109  8    DA  A C2    
158 N  N3    . DA  A 8  ? 0.0659 0.0541 0.0760 0.0020  -0.0031 0.0061  8    DA  A N3    
159 C  C4    . DA  A 8  ? 0.0619 0.0561 0.0619 -0.0050 -0.0049 0.0105  8    DA  A C4    
160 P  P     . DA  A 9  ? 0.0891 0.1114 0.2233 0.0219  -0.0284 -0.0420 9    DA  A P     
161 O  OP1   . DA  A 9  ? 0.1027 0.1446 0.4000 0.0110  0.0469  -0.0861 9    DA  A OP1   
162 O  OP2   . DA  A 9  ? 0.1609 0.1835 0.2545 0.0642  -0.1179 -0.0834 9    DA  A OP2   
163 O  "O5'" . DA  A 9  ? 0.1149 0.0864 0.1386 0.0154  -0.0228 -0.0152 9    DA  A "O5'" 
164 C  "C5'" . DA  A 9  ? 0.1014 0.0789 0.1103 -0.0002 0.0167  0.0020  9    DA  A "C5'" 
165 C  "C4'" . DA  A 9  ? 0.0798 0.0712 0.0958 0.0151  0.0158  -0.0004 9    DA  A "C4'" 
166 O  "O4'" . DA  A 9  ? 0.0886 0.1117 0.0864 0.0353  0.0242  0.0271  9    DA  A "O4'" 
167 C  "C3'" . DA  A 9  ? 0.0697 0.0698 0.1030 0.0152  0.0056  -0.0029 9    DA  A "C3'" 
168 O  "O3'" . DA  A 9  ? 0.0980 0.0711 0.0957 0.0180  0.0061  -0.0023 9    DA  A "O3'" 
169 C  "C2'" . DA  A 9  ? 0.0848 0.0803 0.0869 0.0160  0.0016  0.0091  9    DA  A "C2'" 
170 C  "C1'" . DA  A 9  ? 0.0738 0.0806 0.0720 0.0167  0.0020  0.0050  9    DA  A "C1'" 
171 N  N9    . DA  A 9  ? 0.0737 0.0662 0.0684 0.0031  -0.0042 0.0123  9    DA  A N9    
172 C  C8    . DA  A 9  ? 0.0756 0.0639 0.0858 0.0069  -0.0061 0.0131  9    DA  A C8    
173 N  N7    . DA  A 9  ? 0.0770 0.0634 0.0857 0.0050  -0.0003 0.0060  9    DA  A N7    
174 C  C5    . DA  A 9  ? 0.0751 0.0554 0.0638 0.0100  -0.0129 0.0087  9    DA  A C5    
175 C  C6    . DA  A 9  ? 0.0766 0.0564 0.0545 0.0170  -0.0044 0.0148  9    DA  A C6    
176 N  N6    . DA  A 9  ? 0.0795 0.0731 0.0726 0.0019  0.0034  -0.0049 9    DA  A N6    
177 N  N1    . DA  A 9  ? 0.0755 0.0598 0.0555 0.0121  -0.0019 0.0076  9    DA  A N1    
178 C  C2    . DA  A 9  ? 0.0702 0.0648 0.0621 0.0055  0.0036  0.0113  9    DA  A C2    
179 N  N3    . DA  A 9  ? 0.0664 0.0582 0.0701 0.0033  0.0013  0.0053  9    DA  A N3    
180 C  C4    . DA  A 9  ? 0.0673 0.0539 0.0628 0.0130  0.0030  0.0162  9    DA  A C4    
181 P  P     . DG  A 10 ? 0.0892 0.0706 0.1341 0.0185  0.0197  0.0021  10   DG  A P     
182 O  OP1   . DG  A 10 ? 0.1108 0.0827 0.1533 0.0049  0.0554  -0.0190 10   DG  A OP1   
183 O  OP2   . DG  A 10 ? 0.0824 0.0833 0.1798 0.0177  0.0006  0.0270  10   DG  A OP2   
184 O  "O5'" . DG  A 10 ? 0.0846 0.0789 0.1076 0.0088  0.0020  0.0046  10   DG  A "O5'" 
185 C  "C5'" . DG  A 10 ? 0.0927 0.0740 0.0855 0.0064  0.0055  -0.0150 10   DG  A "C5'" 
186 C  "C4'" . DG  A 10 ? 0.0946 0.0848 0.0812 0.0068  0.0006  -0.0096 10   DG  A "C4'" 
187 O  "O4'" . DG  A 10 ? 0.1204 0.0874 0.0824 0.0429  0.0018  -0.0077 10   DG  A "O4'" 
188 C  "C3'" . DG  A 10 ? 0.1185 0.0756 0.1025 0.0159  0.0010  -0.0020 10   DG  A "C3'" 
189 O  "O3'" . DG  A 10 ? 0.3061 0.0690 0.2687 -0.0435 -0.1354 0.0173  10   DG  A "O3'" 
190 C  "C2'" . DG  A 10 ? 0.0957 0.0809 0.0921 0.0067  0.0044  0.0047  10   DG  A "C2'" 
191 C  "C1'" . DG  A 10 ? 0.0614 0.0888 0.0833 -0.0083 0.0142  0.0015  10   DG  A "C1'" 
192 N  N9    . DG  A 10 ? 0.0802 0.0798 0.0699 -0.0032 0.0098  0.0111  10   DG  A N9    
193 C  C8    . DG  A 10 ? 0.0914 0.0915 0.0713 -0.0129 0.0090  0.0097  10   DG  A C8    
194 N  N7    . DG  A 10 ? 0.0933 0.0806 0.0764 0.0020  0.0052  0.0136  10   DG  A N7    
195 C  C5    . DG  A 10 ? 0.0816 0.0678 0.0708 0.0032  -0.0072 0.0180  10   DG  A C5    
196 C  C6    . DG  A 10 ? 0.0893 0.0771 0.0668 0.0120  -0.0182 0.0113  10   DG  A C6    
197 O  O6    . DG  A 10 ? 0.1161 0.0922 0.0737 0.0068  -0.0174 0.0020  10   DG  A O6    
198 N  N1    . DG  A 10 ? 0.0954 0.0674 0.0646 0.0158  -0.0052 0.0119  10   DG  A N1    
199 C  C2    . DG  A 10 ? 0.0847 0.0707 0.0758 0.0066  -0.0004 0.0123  10   DG  A C2    
200 N  N2    . DG  A 10 ? 0.0773 0.0951 0.0925 0.0157  0.0026  -0.0071 10   DG  A N2    
201 N  N3    . DG  A 10 ? 0.0859 0.0727 0.0695 -0.0037 0.0126  0.0059  10   DG  A N3    
202 C  C4    . DG  A 10 ? 0.0895 0.0700 0.0620 0.0060  0.0007  0.0117  10   DG  A C4    
203 O  "O5'" . DC  B 1  ? 0.6176 0.4047 0.2526 0.2960  0.1519  0.0885  11   DC  B "O5'" 
204 C  "C5'" . DC  B 1  ? 0.2251 0.2611 0.1573 0.1356  0.0343  -0.0568 11   DC  B "C5'" 
205 C  "C4'" . DC  B 1  ? 0.1120 0.2234 0.1751 0.0545  0.0229  -0.0987 11   DC  B "C4'" 
206 O  "O4'" . DC  B 1  ? 0.1280 0.1947 0.1252 0.0310  0.0227  -0.0590 11   DC  B "O4'" 
207 C  "C3'" . DC  B 1  ? 0.1321 0.1580 0.1240 0.0295  0.0166  -0.0188 11   DC  B "C3'" 
208 O  "O3'" . DC  B 1  ? 0.1280 0.1588 0.1321 0.0071  0.0020  -0.0146 11   DC  B "O3'" 
209 C  "C2'" . DC  B 1  ? 0.1234 0.1549 0.1025 0.0323  -0.0024 0.0025  11   DC  B "C2'" 
210 C  "C1'" . DC  B 1  ? 0.1189 0.1574 0.0890 0.0460  0.0192  -0.0220 11   DC  B "C1'" 
211 N  N1    . DC  B 1  ? 0.1140 0.1326 0.1001 0.0439  0.0003  -0.0243 11   DC  B N1    
212 C  C2    . DC  B 1  ? 0.0991 0.1164 0.0757 0.0289  -0.0006 -0.0095 11   DC  B C2    
213 O  O2    . DC  B 1  ? 0.0985 0.1153 0.1078 0.0244  0.0026  -0.0213 11   DC  B O2    
214 N  N3    . DC  B 1  ? 0.1101 0.0965 0.0745 0.0287  -0.0049 0.0026  11   DC  B N3    
215 C  C4    . DC  B 1  ? 0.1391 0.0958 0.0827 0.0282  -0.0143 0.0014  11   DC  B C4    
216 N  N4    . DC  B 1  ? 0.1574 0.0860 0.0942 0.0069  -0.0166 -0.0035 11   DC  B N4    
217 C  C5    . DC  B 1  ? 0.1564 0.1108 0.0865 0.0453  -0.0224 -0.0109 11   DC  B C5    
218 C  C6    . DC  B 1  ? 0.1439 0.1325 0.0968 0.0523  -0.0024 -0.0244 11   DC  B C6    
219 P  P     . DT  B 2  ? 0.1091 0.1838 0.1159 0.0069  0.0033  -0.0179 12   DT  B P     
220 O  OP1   . DT  B 2  ? 0.1609 0.1394 0.1930 0.0245  0.0055  -0.0398 12   DT  B OP1   
221 O  OP2   . DT  B 2  ? 0.1055 0.2498 0.1401 0.0027  0.0095  0.0163  12   DT  B OP2   
222 O  "O5'" . DT  B 2  ? 0.1192 0.2678 0.1228 -0.0205 0.0071  -0.0300 12   DT  B "O5'" 
223 C  "C5'" . DT  B 2  ? 0.0925 0.1284 0.1124 -0.0199 0.0271  -0.0153 12   DT  B "C5'" 
224 C  "C4'" . DT  B 2  ? 0.0741 0.1017 0.1051 -0.0140 0.0190  0.0026  12   DT  B "C4'" 
225 O  "O4'" . DT  B 2  ? 0.0788 0.1195 0.1286 -0.0155 0.0115  0.0290  12   DT  B "O4'" 
226 C  "C3'" . DT  B 2  ? 0.0900 0.1182 0.1118 -0.0172 0.0148  0.0028  12   DT  B "C3'" 
227 O  "O3'" . DT  B 2  ? 0.1269 0.1333 0.1091 -0.0237 0.0099  -0.0127 12   DT  B "O3'" 
228 C  "C2'" . DT  B 2  ? 0.0985 0.1217 0.0952 -0.0180 0.0117  0.0043  12   DT  B "C2'" 
229 C  "C1'" . DT  B 2  ? 0.0866 0.1044 0.1002 -0.0249 0.0230  0.0013  12   DT  B "C1'" 
230 N  N1    . DT  B 2  ? 0.0823 0.0873 0.0954 -0.0040 0.0210  0.0034  12   DT  B N1    
231 C  C2    . DT  B 2  ? 0.0685 0.0779 0.0706 0.0018  0.0012  0.0082  12   DT  B C2    
232 O  O2    . DT  B 2  ? 0.0736 0.0745 0.0846 0.0007  0.0067  -0.0070 12   DT  B O2    
233 N  N3    . DT  B 2  ? 0.0654 0.0765 0.0733 0.0035  0.0075  0.0011  12   DT  B N3    
234 C  C4    . DT  B 2  ? 0.0837 0.0796 0.0661 0.0063  0.0047  0.0037  12   DT  B C4    
235 O  O4    . DT  B 2  ? 0.0827 0.0750 0.0870 0.0087  0.0131  -0.0006 12   DT  B O4    
236 C  C5    . DT  B 2  ? 0.0861 0.1043 0.1082 0.0040  0.0287  -0.0059 12   DT  B C5    
237 C  C7    . DT  B 2  ? 0.1022 0.1288 0.1420 0.0167  0.0267  -0.0320 12   DT  B C7    
238 C  C6    . DT  B 2  ? 0.0854 0.0966 0.1283 0.0011  0.0311  -0.0080 12   DT  B C6    
239 P  P     . DT  B 3  ? 0.1158 0.1753 0.1146 -0.0343 -0.0049 -0.0081 13   DT  B P     
240 O  OP1   . DT  B 3  ? 0.1674 0.2033 0.1565 -0.0888 -0.0337 -0.0099 13   DT  B OP1   
241 O  OP2   . DT  B 3  ? 0.1235 0.2293 0.1493 -0.0043 -0.0327 -0.0131 13   DT  B OP2   
242 O  "O5'" . DT  B 3  ? 0.1314 0.1282 0.1200 -0.0184 0.0245  0.0040  13   DT  B "O5'" 
243 C  "C5'" . DT  B 3  ? 0.1447 0.0899 0.1239 -0.0103 0.0346  0.0174  13   DT  B "C5'" 
244 C  "C4'" . DT  B 3  ? 0.1353 0.0696 0.1278 -0.0213 0.0256  0.0032  13   DT  B "C4'" 
245 O  "O4'" . DT  B 3  ? 0.1533 0.0709 0.0976 -0.0210 -0.0004 0.0056  13   DT  B "O4'" 
246 C  "C3'" . DT  B 3  ? 0.1355 0.0829 0.1116 -0.0429 0.0219  -0.0162 13   DT  B "C3'" 
247 O  "O3'" . DT  B 3  ? 0.1705 0.0887 0.1488 -0.0315 0.0559  -0.0269 13   DT  B "O3'" 
248 C  "C2'" . DT  B 3  ? 0.1131 0.0810 0.0885 -0.0300 0.0071  -0.0080 13   DT  B "C2'" 
249 C  "C1'" . DT  B 3  ? 0.0993 0.0680 0.0911 -0.0187 0.0177  -0.0066 13   DT  B "C1'" 
250 N  N1    . DT  B 3  ? 0.0818 0.0584 0.0841 -0.0157 0.0043  -0.0027 13   DT  B N1    
251 C  C2    . DT  B 3  ? 0.0755 0.0634 0.0694 -0.0055 -0.0065 0.0059  13   DT  B C2    
252 O  O2    . DT  B 3  ? 0.0696 0.0730 0.0831 -0.0061 -0.0012 -0.0029 13   DT  B O2    
253 N  N3    . DT  B 3  ? 0.0581 0.0629 0.0702 -0.0068 -0.0024 0.0023  13   DT  B N3    
254 C  C4    . DT  B 3  ? 0.0717 0.0650 0.0774 -0.0100 -0.0008 0.0050  13   DT  B C4    
255 O  O4    . DT  B 3  ? 0.0773 0.0660 0.0919 -0.0087 0.0198  -0.0007 13   DT  B O4    
256 C  C5    . DT  B 3  ? 0.0702 0.0754 0.0924 -0.0183 0.0161  0.0080  13   DT  B C5    
257 C  C7    . DT  B 3  ? 0.0708 0.0852 0.1515 -0.0233 0.0115  -0.0148 13   DT  B C7    
258 C  C6    . DT  B 3  ? 0.0722 0.0719 0.0989 -0.0160 0.0047  0.0033  13   DT  B C6    
259 P  P     . DT  B 4  ? 0.2486 0.1439 0.1337 -0.0882 0.0523  -0.0538 14   DT  B P     
260 O  OP1   . DT  B 4  ? 0.4029 0.1257 0.2080 -0.1222 0.1276  -0.0818 14   DT  B OP1   
261 O  OP2   . DT  B 4  ? 0.2161 0.3034 0.1415 -0.1242 0.0181  -0.0624 14   DT  B OP2   
262 O  "O5'" . DT  B 4  ? 0.1851 0.1122 0.1250 -0.0499 0.0313  -0.0246 14   DT  B "O5'" 
263 C  "C5'" . DT  B 4  ? 0.2200 0.0720 0.1046 -0.0224 0.0087  -0.0101 14   DT  B "C5'" 
264 C  "C4'" . DT  B 4  ? 0.1450 0.0687 0.1191 0.0014  0.0119  -0.0099 14   DT  B "C4'" 
265 O  "O4'" . DT  B 4  ? 0.1429 0.0645 0.0899 0.0123  -0.0060 -0.0053 14   DT  B "O4'" 
266 C  "C3'" . DT  B 4  ? 0.1367 0.0679 0.1055 -0.0094 0.0137  -0.0139 14   DT  B "C3'" 
267 O  "O3'" . DT  B 4  ? 0.1475 0.0792 0.1270 0.0113  0.0274  -0.0007 14   DT  B "O3'" 
268 C  "C2'" . DT  B 4  ? 0.1127 0.0828 0.0863 -0.0088 0.0094  -0.0128 14   DT  B "C2'" 
269 C  "C1'" . DT  B 4  ? 0.1059 0.0647 0.0781 -0.0003 0.0036  -0.0082 14   DT  B "C1'" 
270 N  N1    . DT  B 4  ? 0.0852 0.0516 0.0864 -0.0063 -0.0075 0.0071  14   DT  B N1    
271 C  C2    . DT  B 4  ? 0.0763 0.0548 0.0628 -0.0034 -0.0102 0.0007  14   DT  B C2    
272 O  O2    . DT  B 4  ? 0.0728 0.0620 0.0771 -0.0034 -0.0073 -0.0071 14   DT  B O2    
273 N  N3    . DT  B 4  ? 0.0702 0.0569 0.0647 -0.0073 -0.0060 0.0029  14   DT  B N3    
274 C  C4    . DT  B 4  ? 0.0744 0.0608 0.0766 -0.0099 -0.0068 0.0115  14   DT  B C4    
275 O  O4    . DT  B 4  ? 0.0671 0.0667 0.0927 -0.0112 -0.0027 0.0111  14   DT  B O4    
276 C  C5    . DT  B 4  ? 0.0872 0.0739 0.0748 -0.0165 -0.0097 0.0077  14   DT  B C5    
277 C  C7    . DT  B 4  ? 0.0868 0.1011 0.1274 -0.0351 -0.0089 0.0045  14   DT  B C7    
278 C  C6    . DT  B 4  ? 0.0949 0.0638 0.0825 -0.0191 -0.0106 -0.0005 14   DT  B C6    
279 P  P     . DT  B 5  ? 0.1642 0.1035 0.1253 -0.0046 0.0387  -0.0157 15   DT  B P     
280 O  OP1   . DT  B 5  ? 0.2522 0.1219 0.1872 0.0344  0.0999  -0.0228 15   DT  B OP1   
281 O  OP2   . DT  B 5  ? 0.2591 0.1459 0.1102 -0.0583 0.0063  -0.0112 15   DT  B OP2   
282 O  "O5'" . DT  B 5  ? 0.1503 0.1010 0.1028 -0.0008 0.0158  0.0005  15   DT  B "O5'" 
283 C  "C5'" . DT  B 5  ? 0.1151 0.0926 0.1102 0.0176  0.0170  0.0124  15   DT  B "C5'" 
284 C  "C4'" . DT  B 5  ? 0.1123 0.0946 0.0809 0.0134  0.0050  0.0053  15   DT  B "C4'" 
285 O  "O4'" . DT  B 5  ? 0.0977 0.0786 0.0889 0.0084  -0.0052 0.0074  15   DT  B "O4'" 
286 C  "C3'" . DT  B 5  ? 0.1193 0.0828 0.0882 -0.0061 -0.0002 0.0013  15   DT  B "C3'" 
287 O  "O3'" . DT  B 5  ? 0.0952 0.1158 0.0876 0.0087  0.0055  0.0046  15   DT  B "O3'" 
288 C  "C2'" . DT  B 5  ? 0.1060 0.1080 0.1057 0.0049  0.0072  0.0203  15   DT  B "C2'" 
289 C  "C1'" . DT  B 5  ? 0.0917 0.0735 0.0983 0.0023  -0.0160 0.0033  15   DT  B "C1'" 
290 N  N1    . DT  B 5  ? 0.0937 0.0602 0.0778 -0.0051 -0.0162 -0.0007 15   DT  B N1    
291 C  C2    . DT  B 5  ? 0.0855 0.0550 0.0815 -0.0008 -0.0169 0.0040  15   DT  B C2    
292 O  O2    . DT  B 5  ? 0.0955 0.0676 0.0773 -0.0234 -0.0138 0.0075  15   DT  B O2    
293 N  N3    . DT  B 5  ? 0.0778 0.0602 0.0653 -0.0035 -0.0208 0.0089  15   DT  B N3    
294 C  C4    . DT  B 5  ? 0.0842 0.0518 0.0821 -0.0021 -0.0185 0.0071  15   DT  B C4    
295 O  O4    . DT  B 5  ? 0.0785 0.0673 0.0867 -0.0092 -0.0224 0.0028  15   DT  B O4    
296 C  C5    . DT  B 5  ? 0.0922 0.0681 0.0813 0.0021  -0.0317 -0.0040 15   DT  B C5    
297 C  C7    . DT  B 5  ? 0.0950 0.0705 0.0936 -0.0072 -0.0124 -0.0089 15   DT  B C7    
298 C  C6    . DT  B 5  ? 0.0954 0.0618 0.0797 -0.0052 -0.0190 0.0029  15   DT  B C6    
299 P  P     . DA  B 6  ? 0.1350 0.1072 0.0840 0.0379  0.0284  0.0101  16   DA  B P     
300 O  OP1   . DA  B 6  ? 0.1268 0.1524 0.1486 0.0477  0.0575  0.0474  16   DA  B OP1   
301 O  OP2   . DA  B 6  ? 0.2669 0.0993 0.0917 0.0494  0.0230  -0.0070 16   DA  B OP2   
302 O  "O5'" . DA  B 6  ? 0.1245 0.0932 0.1010 0.0288  0.0211  -0.0009 16   DA  B "O5'" 
303 C  "C5'" . DA  B 6  ? 0.0934 0.1123 0.1281 -0.0002 0.0148  0.0068  16   DA  B "C5'" 
304 C  "C4'" . DA  B 6  ? 0.1104 0.0828 0.1027 0.0054  0.0248  -0.0051 16   DA  B "C4'" 
305 O  "O4'" . DA  B 6  ? 0.1154 0.1084 0.0695 0.0223  0.0174  0.0045  16   DA  B "O4'" 
306 C  "C3'" . DA  B 6  ? 0.1297 0.0807 0.0906 0.0133  0.0337  -0.0050 16   DA  B "C3'" 
307 O  "O3'" . DA  B 6  ? 0.1307 0.0845 0.1226 0.0183  0.0429  0.0026  16   DA  B "O3'" 
308 C  "C2'" . DA  B 6  ? 0.1325 0.1008 0.0699 0.0128  0.0299  0.0039  16   DA  B "C2'" 
309 C  "C1'" . DA  B 6  ? 0.1158 0.0870 0.0755 0.0293  0.0181  -0.0057 16   DA  B "C1'" 
310 N  N9    . DA  B 6  ? 0.1192 0.0919 0.0825 0.0230  0.0195  0.0100  16   DA  B N9    
311 C  C8    . DA  B 6  ? 0.1234 0.1023 0.0895 0.0230  0.0097  0.0023  16   DA  B C8    
312 N  N7    . DA  B 6  ? 0.1184 0.0985 0.0864 0.0095  -0.0047 0.0125  16   DA  B N7    
313 C  C5    . DA  B 6  ? 0.1024 0.0950 0.0843 0.0352  -0.0099 0.0042  16   DA  B C5    
314 C  C6    . DA  B 6  ? 0.0903 0.0803 0.0941 0.0143  -0.0169 0.0283  16   DA  B C6    
315 N  N6    . DA  B 6  ? 0.1056 0.0909 0.0959 0.0107  -0.0243 0.0007  16   DA  B N6    
316 N  N1    . DA  B 6  ? 0.0923 0.0830 0.0756 0.0292  -0.0166 0.0116  16   DA  B N1    
317 C  C2    . DA  B 6  ? 0.1004 0.0852 0.0563 0.0225  0.0089  0.0148  16   DA  B C2    
318 N  N3    . DA  B 6  ? 0.1078 0.0970 0.0567 0.0326  0.0061  0.0128  16   DA  B N3    
319 C  C4    . DA  B 6  ? 0.1047 0.0967 0.0621 0.0235  0.0085  0.0133  16   DA  B C4    
320 P  P     . DA  B 7  ? 0.1038 0.0855 0.1016 0.0181  0.0271  -0.0036 17   DA  B P     
321 O  OP1   . DA  B 7  ? 0.1177 0.1333 0.1157 0.0465  0.0185  -0.0058 17   DA  B OP1   
322 O  OP2   . DA  B 7  ? 0.1252 0.1187 0.0975 0.0194  0.0269  0.0049  17   DA  B OP2   
323 O  "O5'" . DA  B 7  ? 0.1052 0.0882 0.1307 0.0157  0.0152  -0.0163 17   DA  B "O5'" 
324 C  "C5'" . DA  B 7  ? 0.0849 0.1064 0.1365 0.0072  0.0021  -0.0454 17   DA  B "C5'" 
325 C  "C4'" . DA  B 7  ? 0.0723 0.1046 0.1368 0.0045  0.0033  -0.0404 17   DA  B "C4'" 
326 O  "O4'" . DA  B 7  ? 0.0926 0.1021 0.1217 -0.0056 -0.0095 -0.0071 17   DA  B "O4'" 
327 C  "C3'" A DA  B 7  ? 0.0861 0.0804 0.1700 -0.0039 0.0138  -0.0320 17   DA  B "C3'" 
328 C  "C3'" B DA  B 7  ? 0.0646 0.0874 0.1821 0.0052  0.0287  -0.0240 17   DA  B "C3'" 
329 O  "O3'" A DA  B 7  ? 0.1078 0.0980 0.1240 0.0113  0.0022  -0.0264 17   DA  B "O3'" 
330 O  "O3'" B DA  B 7  ? 0.0572 0.0949 0.2454 -0.0043 0.0197  -0.0503 17   DA  B "O3'" 
331 C  "C2'" . DA  B 7  ? 0.0919 0.0869 0.1282 -0.0027 0.0138  -0.0066 17   DA  B "C2'" 
332 C  "C1'" . DA  B 7  ? 0.0648 0.0860 0.1270 0.0054  0.0110  -0.0167 17   DA  B "C1'" 
333 N  N9    . DA  B 7  ? 0.0639 0.0876 0.0808 0.0107  0.0102  -0.0016 17   DA  B N9    
334 C  C8    . DA  B 7  ? 0.0770 0.0967 0.0743 0.0151  0.0055  0.0002  17   DA  B C8    
335 N  N7    . DA  B 7  ? 0.0809 0.0968 0.0665 0.0219  0.0095  -0.0073 17   DA  B N7    
336 C  C5    . DA  B 7  ? 0.0645 0.0913 0.0537 0.0156  -0.0038 0.0067  17   DA  B C5    
337 C  C6    . DA  B 7  ? 0.0681 0.0782 0.0684 0.0115  -0.0178 0.0159  17   DA  B C6    
338 N  N6    . DA  B 7  ? 0.0819 0.0822 0.0746 0.0109  -0.0093 0.0030  17   DA  B N6    
339 N  N1    . DA  B 7  ? 0.0648 0.0744 0.0648 0.0112  -0.0006 0.0222  17   DA  B N1    
340 C  C2    . DA  B 7  ? 0.0715 0.0662 0.0733 0.0117  0.0060  0.0202  17   DA  B C2    
341 N  N3    . DA  B 7  ? 0.0728 0.0689 0.0590 0.0087  0.0070  0.0086  17   DA  B N3    
342 C  C4    . DA  B 7  ? 0.0614 0.0646 0.0763 0.0158  -0.0062 0.0089  17   DA  B C4    
343 P  P     A DA  B 8  ? 0.0667 0.0858 0.1236 -0.0089 0.0071  -0.0402 18   DA  B P     
344 P  P     B DA  B 8  ? 0.1048 0.0971 0.3174 0.0299  0.0208  -0.0365 18   DA  B P     
345 O  OP1   A DA  B 8  ? 0.0787 0.0833 0.1236 -0.0064 -0.0183 -0.0257 18   DA  B OP1   
346 O  OP1   B DA  B 8  ? 0.1233 0.0992 0.4157 -0.0085 -0.0486 -0.0257 18   DA  B OP1   
347 O  OP2   A DA  B 8  ? 0.1213 0.0966 0.1362 -0.0112 0.0386  -0.0317 18   DA  B OP2   
348 O  OP2   B DA  B 8  ? 0.1140 0.1069 0.3304 0.0472  0.0480  0.0262  18   DA  B OP2   
349 O  "O5'" A DA  B 8  ? 0.0732 0.1096 0.1022 -0.0084 -0.0076 -0.0476 18   DA  B "O5'" 
350 O  "O5'" B DA  B 8  ? 0.0952 0.1059 0.2222 0.0191  -0.0093 -0.0932 18   DA  B "O5'" 
351 C  "C5'" A DA  B 8  ? 0.0575 0.1249 0.1324 -0.0215 0.0100  -0.0610 18   DA  B "C5'" 
352 C  "C5'" B DA  B 8  ? 0.0822 0.1235 0.2134 0.0143  -0.0249 -0.0978 18   DA  B "C5'" 
353 C  "C4'" A DA  B 8  ? 0.0624 0.0979 0.1614 -0.0019 -0.0057 -0.0562 18   DA  B "C4'" 
354 C  "C4'" B DA  B 8  ? 0.0839 0.0775 0.2007 -0.0062 -0.0287 -0.0578 18   DA  B "C4'" 
355 O  "O4'" A DA  B 8  ? 0.0960 0.0800 0.1531 -0.0183 -0.0440 -0.0287 18   DA  B "O4'" 
356 O  "O4'" B DA  B 8  ? 0.1106 0.0746 0.1510 0.0026  -0.0468 -0.0434 18   DA  B "O4'" 
357 C  "C3'" A DA  B 8  ? 0.0585 0.0754 0.1986 -0.0160 0.0121  -0.0445 18   DA  B "C3'" 
358 C  "C3'" B DA  B 8  ? 0.0823 0.0696 0.2152 -0.0023 -0.0033 -0.0508 18   DA  B "C3'" 
359 O  "O3'" A DA  B 8  ? 0.0831 0.1128 0.1667 0.0184  -0.0067 -0.0513 18   DA  B "O3'" 
360 O  "O3'" B DA  B 8  ? 0.0653 0.0665 0.1934 -0.0178 -0.0101 -0.0547 18   DA  B "O3'" 
361 C  "C2'" . DA  B 8  ? 0.0782 0.0599 0.1502 0.0000  0.0179  -0.0167 18   DA  B "C2'" 
362 C  "C1'" . DA  B 8  ? 0.0723 0.0665 0.1084 -0.0169 -0.0056 -0.0085 18   DA  B "C1'" 
363 N  N9    . DA  B 8  ? 0.0656 0.0603 0.0914 -0.0176 0.0039  -0.0024 18   DA  B N9    
364 C  C8    . DA  B 8  ? 0.0565 0.0683 0.1039 -0.0134 0.0073  0.0058  18   DA  B C8    
365 N  N7    . DA  B 8  ? 0.0549 0.0727 0.0891 0.0033  0.0077  0.0116  18   DA  B N7    
366 C  C5    . DA  B 8  ? 0.0579 0.0560 0.0645 -0.0100 -0.0006 0.0130  18   DA  B C5    
367 C  C6    . DA  B 8  ? 0.0559 0.0521 0.0656 0.0060  -0.0056 0.0079  18   DA  B C6    
368 N  N6    . DA  B 8  ? 0.0636 0.0689 0.0625 -0.0016 0.0007  -0.0015 18   DA  B N6    
369 N  N1    . DA  B 8  ? 0.0530 0.0441 0.0601 -0.0030 -0.0071 0.0073  18   DA  B N1    
370 C  C2    . DA  B 8  ? 0.0473 0.0608 0.0562 -0.0103 -0.0005 0.0040  18   DA  B C2    
371 N  N3    . DA  B 8  ? 0.0547 0.0572 0.0698 -0.0073 -0.0056 0.0041  18   DA  B N3    
372 C  C4    . DA  B 8  ? 0.0492 0.0555 0.0776 -0.0086 -0.0068 0.0007  18   DA  B C4    
373 P  P     . DA  B 9  ? 0.0806 0.0751 0.1624 -0.0033 0.0185  -0.0261 19   DA  B P     
374 O  OP1   . DA  B 9  ? 0.1003 0.0929 0.1956 -0.0015 0.0200  -0.0508 19   DA  B OP1   
375 O  OP2   . DA  B 9  ? 0.1396 0.0895 0.2327 -0.0032 0.0791  -0.0095 19   DA  B OP2   
376 O  "O5'" . DA  B 9  ? 0.0812 0.0726 0.1322 0.0014  0.0078  -0.0018 19   DA  B "O5'" 
377 C  "C5'" . DA  B 9  ? 0.0701 0.1010 0.1073 -0.0120 0.0054  -0.0209 19   DA  B "C5'" 
378 C  "C4'" . DA  B 9  ? 0.0788 0.0788 0.0776 0.0048  0.0030  -0.0125 19   DA  B "C4'" 
379 O  "O4'" . DA  B 9  ? 0.0851 0.0770 0.0836 0.0143  -0.0119 -0.0077 19   DA  B "O4'" 
380 C  "C3'" . DA  B 9  ? 0.0793 0.0738 0.0970 0.0056  0.0054  -0.0094 19   DA  B "C3'" 
381 O  "O3'" . DA  B 9  ? 0.0700 0.1242 0.1000 0.0220  0.0062  -0.0030 19   DA  B "O3'" 
382 C  "C2'" . DA  B 9  ? 0.0820 0.0922 0.0876 0.0164  0.0025  0.0062  19   DA  B "C2'" 
383 C  "C1'" . DA  B 9  ? 0.0814 0.0786 0.0749 -0.0017 0.0005  0.0039  19   DA  B "C1'" 
384 N  N9    . DA  B 9  ? 0.0732 0.0667 0.0742 -0.0091 -0.0007 0.0073  19   DA  B N9    
385 C  C8    . DA  B 9  ? 0.0881 0.0702 0.0830 -0.0138 0.0034  0.0010  19   DA  B C8    
386 N  N7    . DA  B 9  ? 0.0794 0.0700 0.0827 -0.0055 0.0121  0.0075  19   DA  B N7    
387 C  C5    . DA  B 9  ? 0.0765 0.0640 0.0686 0.0006  -0.0046 0.0131  19   DA  B C5    
388 C  C6    . DA  B 9  ? 0.0760 0.0684 0.0566 0.0056  -0.0050 0.0214  19   DA  B C6    
389 N  N6    . DA  B 9  ? 0.0882 0.0771 0.0752 0.0015  0.0162  0.0137  19   DA  B N6    
390 N  N1    . DA  B 9  ? 0.0677 0.0675 0.0637 0.0031  -0.0132 0.0093  19   DA  B N1    
391 C  C2    . DA  B 9  ? 0.0685 0.0746 0.0578 -0.0034 -0.0078 0.0073  19   DA  B C2    
392 N  N3    . DA  B 9  ? 0.0628 0.0646 0.0755 -0.0003 -0.0114 0.0058  19   DA  B N3    
393 C  C4    . DA  B 9  ? 0.0642 0.0625 0.0704 0.0034  -0.0107 0.0155  19   DA  B C4    
394 P  P     . DG  B 10 ? 0.0927 0.1459 0.1064 0.0455  0.0041  0.0116  20   DG  B P     
395 O  OP1   . DG  B 10 ? 0.0866 0.1572 0.1054 0.0400  0.0088  -0.0030 20   DG  B OP1   
396 O  OP2   . DG  B 10 ? 0.1441 0.1462 0.1400 0.0587  0.0274  0.0208  20   DG  B OP2   
397 O  "O5'" . DG  B 10 ? 0.1041 0.1721 0.0784 0.0424  -0.0079 0.0021  20   DG  B "O5'" 
398 C  "C5'" A DG  B 10 ? 0.0980 0.2137 0.0657 -0.0407 0.0521  -0.0053 20   DG  B "C5'" 
399 C  "C5'" B DG  B 10 ? 0.1024 0.1554 0.1308 0.0505  -0.0179 -0.0114 20   DG  B "C5'" 
400 C  "C4'" A DG  B 10 ? 0.1232 0.1840 0.0804 0.0452  0.0192  -0.0260 20   DG  B "C4'" 
401 C  "C4'" B DG  B 10 ? 0.0959 0.1839 0.1203 0.0591  0.0102  -0.0380 20   DG  B "C4'" 
402 O  "O4'" A DG  B 10 ? 0.1238 0.3406 0.0538 0.1327  -0.0057 -0.0053 20   DG  B "O4'" 
403 O  "O4'" B DG  B 10 ? 0.1005 0.1611 0.1399 0.0447  0.0380  0.0075  20   DG  B "O4'" 
404 C  "C3'" A DG  B 10 ? 0.0695 0.1461 0.1570 0.0163  0.0003  -0.0363 20   DG  B "C3'" 
405 C  "C3'" B DG  B 10 ? 0.1427 0.2270 0.1005 0.0973  -0.0168 -0.0700 20   DG  B "C3'" 
406 O  "O3'" A DG  B 10 ? 0.1065 0.1936 0.2313 -0.0117 0.0087  -0.1084 20   DG  B "O3'" 
407 O  "O3'" B DG  B 10 ? 0.0931 0.3676 0.1298 0.0838  0.0062  -0.1084 20   DG  B "O3'" 
408 C  "C2'" A DG  B 10 ? 0.0984 0.1722 0.1216 0.0463  -0.0287 -0.0032 20   DG  B "C2'" 
409 C  "C2'" B DG  B 10 ? 0.1481 0.2052 0.0926 0.0850  -0.0311 -0.0673 20   DG  B "C2'" 
410 C  "C1'" A DG  B 10 ? 0.1278 0.1627 0.0573 0.0554  -0.0153 -0.0262 20   DG  B "C1'" 
411 C  "C1'" B DG  B 10 ? 0.1439 0.1470 0.1205 0.0463  0.0179  -0.0563 20   DG  B "C1'" 
412 N  N9    . DG  B 10 ? 0.1370 0.1329 0.0785 0.0504  -0.0059 -0.0201 20   DG  B N9    
413 C  C8    . DG  B 10 ? 0.1476 0.1277 0.0758 0.0513  -0.0253 -0.0133 20   DG  B C8    
414 N  N7    . DG  B 10 ? 0.1471 0.1139 0.0736 0.0345  -0.0207 -0.0105 20   DG  B N7    
415 C  C5    . DG  B 10 ? 0.1266 0.0983 0.0611 0.0381  -0.0174 -0.0050 20   DG  B C5    
416 C  C6    . DG  B 10 ? 0.1091 0.0905 0.0711 0.0373  -0.0036 0.0158  20   DG  B C6    
417 O  O6    . DG  B 10 ? 0.1248 0.0998 0.0688 0.0202  -0.0090 -0.0033 20   DG  B O6    
418 N  N1    . DG  B 10 ? 0.0975 0.0920 0.0571 0.0351  -0.0040 0.0011  20   DG  B N1    
419 C  C2    . DG  B 10 ? 0.0819 0.1212 0.0616 0.0378  -0.0059 -0.0047 20   DG  B C2    
420 N  N2    . DG  B 10 ? 0.0793 0.1247 0.0811 0.0265  0.0196  -0.0106 20   DG  B N2    
421 N  N3    . DG  B 10 ? 0.0999 0.1254 0.0703 0.0355  0.0097  -0.0123 20   DG  B N3    
422 C  C4    . DG  B 10 ? 0.1107 0.1184 0.0725 0.0470  -0.0063 -0.0058 20   DG  B C4    
423 CA CA    . CA  C .  ? 0.0825 0.0879 0.0869 -0.0129 0.0151  -0.0089 301  CA  A CA    
424 CA CA    . CA  D .  ? 0.2110 0.1813 0.1576 -0.0057 0.0129  -0.0198 305  CA  A CA    
425 CA CA    . CA  E .  ? 0.3897 0.4840 0.3602 0.1702  0.0523  0.0676  306  CA  A CA    
426 CA CA    . CA  F .  ? 0.1725 0.2381 0.2725 -0.0476 0.0752  -0.1041 307  CA  A CA    
427 CA CA    . CA  G .  ? 0.2214 0.1954 0.1454 -0.0367 0.0093  -0.0063 308  CA  A CA    
428 CA CA    . CA  H .  ? 0.1920 0.2110 0.1395 0.1076  0.0357  0.0177  304  CA  A CA    
429 CA CA    . CA  I .  ? 0.1098 0.2072 0.2404 0.0134  -0.0316 -0.0866 302  CA  B CA    
430 CA CA    A CA  J .  ? 0.1015 0.2043 0.1244 0.0453  0.0297  0.0014  303  CA  B CA    
431 CA CA    B CA  J .  ? 0.1134 0.1364 0.1567 -0.0324 0.0231  -0.0421 303  CA  B CA    
432 O  O     . HOH K .  ? 0.0788 0.0819 0.0962 0.0124  0.0117  0.0004  1002 HOH A O     
433 O  O     . HOH K .  ? 0.0858 0.0761 0.0812 0.0048  0.0085  0.0077  1004 HOH A O     
434 O  O     . HOH K .  ? 0.0982 0.1129 0.1146 0.0140  0.0141  -0.0058 1007 HOH A O     
435 O  O     . HOH K .  ? 0.2224 0.0995 0.1724 -0.0379 0.0807  -0.0263 1009 HOH A O     
436 O  O     . HOH K .  ? 0.1741 0.1252 0.1188 0.0174  0.0062  -0.0075 1010 HOH A O     
437 O  O     . HOH K .  ? 0.1244 0.1561 0.1104 0.0284  0.0111  -0.0116 1012 HOH A O     
438 O  O     . HOH K .  ? 0.1765 0.1734 0.3019 -0.0444 0.0181  0.0798  1014 HOH A O     
439 O  O     . HOH K .  ? 0.1422 0.1676 0.1765 0.0434  -0.0246 -0.0292 1018 HOH A O     
440 O  O     . HOH K .  ? 0.0877 0.0740 0.1550 -0.0287 0.0067  -0.0030 1023 HOH A O     
441 O  O     . HOH K .  ? 0.1541 0.1275 0.1280 0.0278  0.0197  0.0218  1026 HOH A O     
442 O  O     . HOH K .  ? 0.1889 0.1273 0.1692 -0.0178 -0.0288 0.0153  1028 HOH A O     
443 O  O     . HOH K .  ? 0.2447 0.2452 0.2294 0.1285  0.1311  0.0802  1029 HOH A O     
444 O  O     . HOH K .  ? 0.2888 0.0980 0.4993 0.0424  -0.0205 -0.0270 1030 HOH A O     
445 O  O     . HOH K .  ? 0.2265 0.1060 0.2549 -0.0588 -0.1038 0.0524  1031 HOH A O     
446 O  O     . HOH K .  ? 0.1053 0.1665 0.2334 -0.0054 0.0135  0.0698  1033 HOH A O     
447 O  O     . HOH K .  ? 0.1962 0.2112 0.1530 0.0398  -0.0419 -0.0317 1036 HOH A O     
448 O  O     . HOH K .  ? 0.2275 0.1508 0.4517 0.0026  -0.0192 -0.0410 1040 HOH A O     
449 O  O     . HOH K .  ? 0.1649 0.1436 0.2528 0.0319  0.0826  0.0647  1041 HOH A O     
450 O  O     . HOH K .  ? 0.1724 0.2190 0.4451 -0.0336 -0.1784 0.0791  1042 HOH A O     
451 O  O     . HOH K .  ? 0.1496 0.2877 0.2707 0.0050  0.0384  0.0830  1048 HOH A O     
452 O  O     . HOH K .  ? 0.1245 0.2161 0.3608 -0.0084 0.0558  -0.0767 1050 HOH A O     
453 O  O     . HOH K .  ? 0.1948 0.3104 0.2765 0.0021  -0.0341 0.0694  1051 HOH A O     
454 O  O     . HOH K .  ? 0.1739 0.4054 0.1845 -0.0802 0.0291  0.0015  1052 HOH A O     
455 O  O     . HOH K .  ? 0.1590 0.2138 0.4439 0.0653  0.0262  0.1296  1053 HOH A O     
456 O  O     . HOH K .  ? 0.3534 0.1716 0.2227 -0.0313 -0.0639 0.0232  1055 HOH A O     
457 O  O     . HOH K .  ? 0.1841 0.4102 0.4280 -0.1492 -0.1427 0.2960  1058 HOH A O     
458 O  O     . HOH K .  ? 0.1421 0.2117 0.3056 -0.0640 -0.0334 -0.0277 1059 HOH A O     
459 O  O     . HOH K .  ? 0.2100 0.2191 0.4205 0.0294  0.1267  -0.0419 1060 HOH A O     
460 O  O     . HOH K .  ? 0.2142 0.3322 0.3429 -0.1699 -0.0123 0.0983  1061 HOH A O     
461 O  O     . HOH K .  ? 0.3230 0.1973 0.2353 0.0091  -0.0431 -0.0745 1065 HOH A O     
462 O  O     . HOH K .  ? 0.1592 0.2147 0.4433 -0.0402 -0.0736 0.1186  1066 HOH A O     
463 O  O     . HOH K .  ? 0.2618 0.2708 0.4146 -0.0676 -0.1796 0.1120  1068 HOH A O     
464 O  O     . HOH K .  ? 0.2916 0.2195 0.1972 0.0906  0.0404  0.0597  1070 HOH A O     
465 O  O     . HOH K .  ? 0.7319 0.2616 0.2546 -0.1169 -0.0699 -0.1423 1071 HOH A O     
466 O  O     . HOH K .  ? 0.2542 0.1959 0.5144 -0.0254 0.0837  -0.1084 1072 HOH A O     
467 O  O     . HOH K .  ? 0.1320 0.4058 0.3652 0.0678  -0.0200 0.0532  1076 HOH A O     
468 O  O     . HOH K .  ? 0.2899 0.3280 0.3679 0.0495  -0.1101 -0.0393 1077 HOH A O     
469 O  O     . HOH K .  ? 0.1417 0.2594 0.6691 0.0204  -0.0697 -0.2004 1080 HOH A O     
470 O  O     . HOH K .  ? 0.1765 0.2438 0.3437 -0.0984 -0.0450 -0.0346 1081 HOH A O     
471 O  O     . HOH K .  ? 0.2562 0.5933 0.2509 -0.0680 -0.0937 0.0732  1083 HOH A O     
472 O  O     . HOH K .  ? 0.2636 0.4055 0.2121 0.1170  0.0226  0.0625  1085 HOH A O     
473 O  O     . HOH K .  ? 0.5166 0.2626 0.2415 -0.0034 0.0254  -0.0282 1088 HOH A O     
474 O  O     . HOH K .  ? 0.9232 0.2254 0.3077 0.0487  -0.0889 0.0018  1089 HOH A O     
475 O  O     . HOH K .  ? 0.3296 0.2094 0.4555 0.0066  -0.1104 -0.0011 1091 HOH A O     
476 O  O     . HOH K .  ? 0.3035 0.5561 0.2242 -0.0447 0.0248  0.0684  1092 HOH A O     
477 O  O     . HOH K .  ? 0.6844 0.4294 0.3564 0.1212  0.0055  0.0934  1103 HOH A O     
478 O  O     . HOH K .  ? 0.4165 0.3099 0.3128 -0.1684 -0.0998 0.0284  1107 HOH A O     
479 O  O     . HOH K .  ? 0.9584 0.2087 0.6316 -0.1907 0.0864  -0.1280 1108 HOH A O     
480 O  O     . HOH K .  ? 0.5002 0.6363 0.2559 -0.0419 -0.1582 -0.1948 1110 HOH A O     
481 O  O     . HOH K .  ? 0.1003 0.1013 0.1440 -0.0191 -0.0035 -0.0317 1115 HOH A O     
482 O  O     . HOH K .  ? 0.0767 0.1004 0.0887 -0.0104 0.0149  0.0074  1117 HOH A O     
483 O  O     . HOH K .  ? 0.2017 0.1574 0.1879 -0.0347 0.0137  0.0050  1127 HOH A O     
484 O  O     . HOH K .  ? 0.4271 0.2469 0.2065 -0.2249 0.0483  0.0098  1128 HOH A O     
485 O  O     . HOH K .  ? 0.2734 0.1966 0.1816 -0.0437 0.0013  -0.0246 1129 HOH A O     
486 O  O     . HOH K .  ? 0.2636 0.3554 0.2291 0.0610  -0.0558 -0.0022 1130 HOH A O     
487 O  O     . HOH K .  ? 0.4857 0.2347 0.2399 -0.1827 0.0081  -0.0003 1131 HOH A O     
488 O  O     . HOH K .  ? 0.5117 0.6343 0.1506 0.0323  0.1800  -0.0047 1132 HOH A O     
489 O  O     . HOH K .  ? 0.1135 0.1691 0.1448 0.0072  0.0412  0.0202  1133 HOH A O     
490 O  O     . HOH K .  ? 0.3332 0.1458 0.2205 -0.0650 0.1335  -0.0619 1136 HOH A O     
491 O  O     . HOH K .  ? 0.3578 0.0888 0.1828 0.0023  0.1797  -0.0033 1137 HOH A O     
492 O  O     . HOH K .  ? 0.9851 0.3113 0.6855 0.0566  -0.0373 -0.0943 1138 HOH A O     
493 O  O     . HOH K .  ? 0.2265 0.3223 0.3185 -0.0659 0.1234  0.0747  1139 HOH A O     
494 O  O     . HOH K .  ? 0.1715 0.3569 0.3901 -0.0780 0.0701  -0.2020 1140 HOH A O     
495 O  O     . HOH K .  ? 0.3696 0.3238 0.2496 0.0023  0.0470  -0.1280 1141 HOH A O     
496 O  O     . HOH K .  ? 0.1021 0.0826 0.2222 -0.0236 -0.0056 -0.0602 1142 HOH A O     
497 O  O     . HOH K .  ? 0.2161 0.3333 0.3740 -0.0782 0.1166  -0.1223 1143 HOH A O     
498 O  O     . HOH K .  ? 0.0838 0.1825 0.1328 -0.0120 0.0111  -0.0318 1144 HOH A O     
499 O  O     . HOH K .  ? 0.2386 0.4155 0.2594 -0.2011 0.1271  -0.1806 1145 HOH A O     
500 O  O     . HOH K .  ? 0.2692 0.3091 0.1180 -0.1537 -0.0352 0.0622  1146 HOH A O     
501 O  O     . HOH K .  ? 0.6109 0.7445 0.1698 -0.0878 -0.1295 -0.0995 1147 HOH A O     
502 O  O     . HOH K .  ? 0.3013 0.2853 0.1404 -0.0975 -0.0567 0.0606  1148 HOH A O     
503 O  O     . HOH K .  ? 0.4873 0.4935 0.3765 0.1658  -0.2783 -0.0865 1149 HOH A O     
504 O  O     . HOH K .  ? 0.3879 0.3326 0.5992 0.2452  -0.1735 -0.0689 1151 HOH A O     
505 O  O     . HOH K .  ? 0.3473 0.3701 0.6631 -0.2157 0.0561  -0.0813 1152 HOH A O     
506 O  O     . HOH K .  ? 0.3256 0.3367 0.2019 -0.1191 0.0939  -0.0135 1154 HOH A O     
507 O  O     . HOH K .  ? 0.3244 0.3246 0.2444 0.1471  0.1023  0.0089  1155 HOH A O     
508 O  O     . HOH K .  ? 0.2466 0.2952 0.3051 0.0756  0.0201  0.0956  1157 HOH A O     
509 O  O     . HOH L .  ? 0.0826 0.0785 0.1010 0.0098  -0.0011 -0.0128 1003 HOH B O     
510 O  O     . HOH L .  ? 0.1125 0.0816 0.1205 -0.0059 0.0188  -0.0108 1005 HOH B O     
511 O  O     . HOH L .  ? 0.0830 0.0956 0.1135 0.0111  0.0083  0.0058  1006 HOH B O     
512 O  O     . HOH L .  ? 0.1105 0.1071 0.1682 -0.0069 0.0034  -0.0001 1008 HOH B O     
513 O  O     . HOH L .  ? 0.1221 0.1207 0.1386 0.0038  0.0150  -0.0012 1011 HOH B O     
514 O  O     . HOH L .  ? 0.1523 0.1204 0.1446 -0.0167 0.0098  -0.0237 1013 HOH B O     
515 O  O     . HOH L .  ? 0.0690 0.1087 0.0958 -0.0008 -0.0011 -0.0033 1015 HOH B O     
516 O  O     . HOH L .  ? 0.1218 0.0940 0.1420 -0.0218 0.0074  -0.0128 1016 HOH B O     
517 O  O     . HOH L .  ? 0.1053 0.1292 0.1570 -0.0120 0.0104  -0.0157 1017 HOH B O     
518 O  O     . HOH L .  ? 0.1257 0.1767 0.1606 -0.0123 -0.0286 -0.0131 1019 HOH B O     
519 O  O     . HOH L .  ? 0.1452 0.1408 0.1135 0.0290  0.0074  0.0002  1020 HOH B O     
520 O  O     . HOH L .  ? 0.1057 0.1477 0.3306 -0.0134 -0.0190 0.0018  1021 HOH B O     
521 O  O     . HOH L .  ? 0.1872 0.1362 0.2594 -0.0531 -0.0555 -0.0182 1022 HOH B O     
522 O  O     . HOH L .  ? 0.2600 0.4728 0.2018 0.2436  0.1351  0.1649  1024 HOH B O     
523 O  O     . HOH L .  ? 0.1797 0.1246 0.1405 0.0208  0.0291  -0.0053 1025 HOH B O     
524 O  O     . HOH L .  ? 0.1506 0.1087 0.1650 0.0064  0.0097  -0.0117 1027 HOH B O     
525 O  O     . HOH L .  ? 0.1483 0.2177 0.2746 -0.0746 -0.0495 0.1081  1032 HOH B O     
526 O  O     . HOH L .  ? 0.1705 0.1621 0.1666 0.0266  -0.0242 0.0361  1034 HOH B O     
527 O  O     . HOH L .  ? 0.3799 0.1147 0.4160 -0.0195 0.0691  0.0134  1035 HOH B O     
528 O  O     . HOH L .  ? 0.2401 0.2595 0.3957 -0.0223 0.1350  0.0152  1037 HOH B O     
529 O  O     . HOH L .  ? 0.2384 0.2682 0.1465 0.1355  -0.0502 -0.0742 1038 HOH B O     
530 O  O     . HOH L .  ? 0.1918 0.1010 0.2447 -0.0466 0.0495  0.0146  1039 HOH B O     
531 O  O     . HOH L .  ? 0.1987 0.2090 0.1525 0.0833  0.0079  -0.0095 1043 HOH B O     
532 O  O     . HOH L .  ? 0.1453 0.1394 0.2253 -0.0403 -0.0393 0.0131  1044 HOH B O     
533 O  O     . HOH L .  ? 0.2677 0.2363 0.1690 0.0016  0.0106  -0.0589 1045 HOH B O     
534 O  O     . HOH L .  ? 0.2665 0.1410 0.2747 0.0222  0.0338  -0.0196 1046 HOH B O     
535 O  O     . HOH L .  ? 0.2822 0.2283 0.1592 0.1080  0.0824  0.0607  1047 HOH B O     
536 O  O     . HOH L .  ? 0.3782 0.1574 0.7341 -0.0253 -0.3844 -0.0251 1049 HOH B O     
537 O  O     . HOH L .  ? 0.2382 0.8816 0.2215 0.0906  0.0756  -0.0052 1054 HOH B O     
538 O  O     . HOH L .  ? 0.2227 0.2140 0.4120 0.0224  0.0861  0.0646  1056 HOH B O     
539 O  O     . HOH L .  ? 0.2909 0.3622 0.2170 0.1277  0.0067  0.0778  1057 HOH B O     
540 O  O     . HOH L .  ? 0.2150 0.3413 0.2490 -0.0054 -0.0714 0.0319  1062 HOH B O     
541 O  O     . HOH L .  ? 0.1866 0.4080 0.2954 0.0539  0.0606  0.0459  1063 HOH B O     
542 O  O     . HOH L .  ? 0.2321 0.2143 0.2853 -0.0307 0.0123  0.0535  1064 HOH B O     
543 O  O     . HOH L .  ? 0.4023 0.1373 0.3224 0.0691  0.0157  -0.0157 1067 HOH B O     
544 O  O     . HOH L .  ? 0.2037 0.2266 0.2884 0.0019  -0.0228 -0.0279 1069 HOH B O     
545 O  O     . HOH L .  ? 0.2880 0.2509 0.5367 -0.0587 0.0636  -0.2395 1073 HOH B O     
546 O  O     . HOH L .  ? 0.2440 0.3361 0.1642 -0.0749 0.0845  -0.0089 1074 HOH B O     
547 O  O     . HOH L .  ? 0.2404 0.1572 0.4321 0.0299  -0.0173 0.0171  1075 HOH B O     
548 O  O     . HOH L .  ? 0.3335 0.3329 0.5179 0.1982  0.1570  -0.0125 1078 HOH B O     
549 O  O     . HOH L .  ? 0.5683 0.5150 0.3281 -0.0468 0.1042  -0.1423 1079 HOH B O     
550 O  O     . HOH L .  ? 0.3628 0.2911 0.2933 -0.2031 0.0276  -0.0324 1082 HOH B O     
551 O  O     . HOH L .  ? 0.4936 0.2185 0.3300 -0.1790 0.0664  -0.0747 1084 HOH B O     
552 O  O     . HOH L .  ? 0.2146 0.5562 0.5779 0.2080  -0.1181 -0.0663 1086 HOH B O     
553 O  O     . HOH L .  ? 0.1825 0.4725 0.3270 0.1585  0.0361  0.0278  1087 HOH B O     
554 O  O     . HOH L .  ? 0.2371 0.2915 0.8228 -0.0251 0.0859  0.0154  1090 HOH B O     
555 O  O     . HOH L .  ? 0.4152 0.1908 0.4816 0.0890  -0.1958 -0.1256 1093 HOH B O     
556 O  O     . HOH L .  ? 0.4852 0.4777 0.2027 -0.2738 0.0687  -0.0586 1094 HOH B O     
557 O  O     . HOH L .  ? 0.6845 0.6478 0.8250 0.0515  -0.0834 -0.0641 1095 HOH B O     
558 O  O     . HOH L .  ? 0.4251 0.3558 0.6152 -0.2206 0.0912  0.0364  1096 HOH B O     
559 O  O     . HOH L .  ? 0.1862 0.2172 0.4676 -0.0230 0.0036  0.0347  1097 HOH B O     
560 O  O     . HOH L .  ? 0.4370 0.2249 0.3010 -0.1818 -0.1088 0.1116  1098 HOH B O     
561 O  O     . HOH L .  ? 0.5772 0.1900 0.4286 0.1017  -0.2708 -0.0229 1099 HOH B O     
562 O  O     . HOH L .  ? 0.3331 0.6011 0.3789 0.1031  0.1545  0.0360  1100 HOH B O     
563 O  O     . HOH L .  ? 0.3458 0.6648 0.3319 -0.0104 -0.0646 0.0047  1101 HOH B O     
564 O  O     . HOH L .  ? 0.1911 0.1130 0.1887 0.0239  0.0190  -0.0016 1102 HOH B O     
565 O  O     . HOH L .  ? 0.1112 0.5714 0.3269 -0.0195 -0.0256 -0.2774 1104 HOH B O     
566 O  O     . HOH L .  ? 0.3641 0.3706 0.1780 0.2248  -0.0881 -0.0669 1105 HOH B O     
567 O  O     . HOH L .  ? 0.2044 0.6240 0.4900 0.0333  0.1149  0.2563  1106 HOH B O     
568 O  O     . HOH L .  ? 0.1881 0.3088 0.6038 0.0445  0.0935  0.2063  1109 HOH B O     
569 O  O     . HOH L .  ? 0.7280 0.7749 0.8102 0.0476  -0.0304 0.0038  1111 HOH B O     
570 O  O     . HOH L .  ? 0.1005 0.1231 0.0821 -0.0308 0.0109  -0.0042 1112 HOH B O     
571 O  O     . HOH L .  ? 0.1167 0.1044 0.1370 0.0006  0.0364  -0.0131 1113 HOH B O     
572 O  O     . HOH L .  ? 0.1379 0.1158 0.1270 -0.0069 0.0479  0.0167  1114 HOH B O     
573 O  O     . HOH L .  ? 0.0952 0.0903 0.1147 -0.0062 0.0272  -0.0114 1116 HOH B O     
574 O  O     . HOH L .  ? 0.1125 0.1020 0.1313 -0.0048 0.0280  -0.0093 1118 HOH B O     
575 O  O     . HOH L .  ? 0.3132 0.4065 0.5561 0.1204  0.0511  0.3107  1119 HOH B O     
576 O  O     . HOH L .  ? 0.1303 0.2433 0.2086 -0.0112 0.0066  -0.0323 1120 HOH B O     
577 O  O     . HOH L .  ? 0.1248 0.1623 0.2633 0.0017  0.0147  -0.0705 1121 HOH B O     
578 O  O     . HOH L .  ? 0.4135 0.2965 0.5798 -0.0167 -0.3384 -0.1132 1122 HOH B O     
579 O  O     . HOH L .  ? 0.0820 0.1843 0.2582 0.0047  -0.0119 0.0265  1123 HOH B O     
580 O  O     . HOH L .  ? 0.4874 0.2615 0.4469 -0.0461 -0.0666 -0.1898 1124 HOH B O     
581 O  O     . HOH L .  ? 0.1773 0.2104 0.1712 0.0317  -0.0023 -0.0550 1125 HOH B O     
582 O  O     . HOH L .  ? 0.1797 0.1995 0.2407 -0.0016 0.0957  -0.0419 1126 HOH B O     
583 O  O     . HOH L .  ? 0.1825 0.1499 0.2176 -0.0442 0.0181  0.0400  1134 HOH B O     
584 O  O     . HOH L .  ? 0.2404 0.1052 0.1658 0.0183  0.0130  -0.0303 1135 HOH B O     
585 O  O     . HOH L .  ? 0.2078 0.2121 0.1929 0.0535  0.0826  0.0689  1150 HOH B O     
586 O  O     . HOH L .  ? 0.2497 0.1544 0.3721 0.0729  -0.0790 -0.0417 1153 HOH B O     
587 O  O     . HOH L .  ? 0.1060 0.1511 0.1413 0.0269  0.0154  -0.0162 1156 HOH B O     
# 
